data_8AP1
#
_entry.id   8AP1
#
_cell.length_a   1.00
_cell.length_b   1.00
_cell.length_c   1.00
_cell.angle_alpha   90.00
_cell.angle_beta   90.00
_cell.angle_gamma   90.00
#
_symmetry.space_group_name_H-M   'P 1'
#
loop_
_entity.id
_entity.type
_entity.pdbx_description
1 polymer 'Mitochondrial transcription factor 1'
2 polymer 'DNA-directed RNA polymerase, mitochondrial'
3 polymer 'Non-template DNA (33-MER)'
4 polymer 'Template DNA (33-MER)'
5 non-polymer 'MAGNESIUM ION'
6 non-polymer "GUANOSINE-5'-TRIPHOSPHATE"
#
loop_
_entity_poly.entity_id
_entity_poly.type
_entity_poly.pdbx_seq_one_letter_code
_entity_poly.pdbx_strand_id
1 'polypeptide(L)'
;MGGSHHHHHHGMASSVPIPGIKDISKLKFFYGFKYLWNPTVYNKIFDKLDLTKTYKHPEELKVLDLYPGVGIQSAIFYNK
YCPRQYSLLEKRSSLYKFLNAKFEGSPLQILKRDPYDWSTYSNLIDEERIFVPEVQSSDHINDKFLTVANVTGEGSEGLI
MQWLSCIGNKNWLYRFGKVKMLLWMPSTTARKLLARPGMHSRSKCSVVREAFTDTKLIAISDANELKGFDSQCIEEWDPI
LFSAAEIWPTKGKPIALVEMDPIDFDFDVDNWDYVTRHLMILKRTPLNTVMDSLGHGGQQYFNSRITDKDLLKKCPIDLT
NDEFIYLTKLFMEWPFKPDILMDFVDMYQTEHSG
;
B
2 'polypeptide(L)'
;GAMGSGIQRPSAVTSMTRTRDVMQLWSLLEACLQSNLMKRAFSILESLYLVPEHKQRFIEDYNMYLNSFSKNDPNFPILK
MNEKLTNDLETSFKDVNYNDKTLAIMIHHALNFHSTTSSMLLKPIISAYLKMSVNGIREIFSCLDILTISDLNILMNDLK
VITPSQLPNSVRPILESLTLSPTPVNNIENEEGLNKVEAENDSKLHKASNASSDSIKKPSLDPLREVSFHGSTEVLSKDA
EKLIAVDTIGMRVIRHTLLGLSLTPEQKEQISKFKFDANDNVLKMKPTKNDDNNNSINFFEIYNSLPTLEEKKAFESALN
IFNQDRQKVLENRATEAARERWKHDFEEAKARGDISIEKNLNVKLWKWYNEMLPLVKEEINHCRSLLSEKLSDKKGLNKV
DTNRLGYGPYLTLIDPGKMCVITILELLKLNSTGGVIEGMRTARAVISVGKAIEMEFRSEQVLKSESQAFRDVNKKSPEF
KKLVQNAKSVFRSSQIEQSKILWPQSIRARIGSVLISMLIQVAKVSVQGVDPVTKAKVHGEAPAFAHGYQYHNGSKLGVL
KIHKTLIRQLNGERLIASVQPQLLPMLVEPKPWVNWRSGGYHYTQSTLLRTKDSPEQVAYLKAASDNGDIDRVYDGLNVL
GRTPWTVNRKVFDVVSQVWNKGEGFLDIPGAQDEMVLPPAPPKNSDPSILRAWKLQVKTIANKFSSDRSNRCDTNYKLEI
ARAFLGEKLYFPHNLDFRGRAYPLSPHFNHLGNDMSRGLLIFWHGKKLGPSGLKWLKIHLSNLFGFDKLPLKDRVAFTES
HLQDIKDSAENPLTGDRWWTTADKPWQALATCFELNEVMKMDNPEEFISHQPVHQDGTCNGLQHYAALGGDVEGATQVNL
VPSDKPQDVYAHVARLVQKRLEIAAEKGDENAKILKDKITRKVVKQTVMTNVYGVTYVGATFQIAKQLSPIFDDRKESLD
FSKYLTKHVFSAIRELFHSAHLIQDWLGESAKRISKSIRLDVDEKSFKNGNKPDFMSSVIWTTPLGLPIVQPYREESKKQ
VETNLQTVFISDPFAVNPVNARRQKAGLPPNFIHSLDASHMLLSAAECGKQGLDFASVHDSYWTHASDIDTMNVVLREQF
IKLHEVDLVLRLKEEFDQRYKNYVKIGKLKRSTDLAQKIIRIRKDLSRKLGRSTTLADEIYFEKKRQELLNSPLIEDRNV
GEKMVTTVSLFEDITDLDALELENGGDENSGMSVLLPLRLPEIPPKGDFDVTVLRNSQYFFS
;
A
3 'polydeoxyribonucleotide'
;(DC)(DG)(DA)(DA)(DT)(DA)(DA)(DG)(DT)(DA)(DT)(DT)(DG)(DA)(DT)(DA)(DT)(DA)(DA)(DG)
(DT)(DA)(DA)(DT)(DA)(DG)(DA)(DT)(DA)(DA)(DT)(DG)(DC)
;
N
4 'polydeoxyribonucleotide'
;(DG)(DC)(DA)(DT)(DT)(DA)(DT)(DC)(DT)(DA)(DC)(DC)(DG)(DA)(DC)(DA)(DA)(DT)(DA)(DT)
(DC)(DA)(DA)(DT)(DA)(DC)(DT)(DT)(DA)(DT)(DT)(DC)(DG)
;
T
#
# COMPACT_ATOMS: atom_id res chain seq x y z
N SER A 15 -41.89 -42.70 2.08
CA SER A 15 -42.46 -42.21 0.83
C SER A 15 -41.39 -41.62 -0.08
N VAL A 16 -40.76 -40.53 0.37
CA VAL A 16 -39.71 -39.88 -0.43
C VAL A 16 -38.50 -40.81 -0.53
N PRO A 17 -37.96 -41.05 -1.72
CA PRO A 17 -36.82 -41.96 -1.83
C PRO A 17 -35.55 -41.37 -1.24
N ILE A 18 -35.16 -41.87 -0.07
CA ILE A 18 -33.98 -41.38 0.65
C ILE A 18 -32.71 -41.88 -0.04
N PRO A 19 -31.73 -41.01 -0.26
CA PRO A 19 -30.45 -41.48 -0.81
C PRO A 19 -29.74 -42.41 0.15
N GLY A 20 -28.98 -43.35 -0.42
CA GLY A 20 -28.24 -44.33 0.35
C GLY A 20 -26.73 -44.16 0.18
N ILE A 21 -25.99 -44.94 0.97
CA ILE A 21 -24.50 -44.84 0.90
C ILE A 21 -24.04 -45.19 -0.52
N LYS A 22 -24.66 -46.22 -1.14
CA LYS A 22 -24.20 -46.64 -2.46
C LYS A 22 -24.45 -45.60 -3.54
N ASP A 23 -25.25 -44.57 -3.25
CA ASP A 23 -25.58 -43.54 -4.22
C ASP A 23 -24.79 -42.25 -4.01
N ILE A 24 -24.56 -41.84 -2.75
CA ILE A 24 -23.80 -40.63 -2.47
C ILE A 24 -22.31 -40.85 -2.57
N SER A 25 -21.85 -42.08 -2.82
CA SER A 25 -20.44 -42.37 -2.95
C SER A 25 -19.88 -42.04 -4.33
N LYS A 26 -20.75 -41.81 -5.31
CA LYS A 26 -20.28 -41.55 -6.68
C LYS A 26 -19.91 -40.09 -6.91
N LEU A 27 -20.45 -39.17 -6.11
CA LEU A 27 -20.14 -37.75 -6.30
C LEU A 27 -18.66 -37.50 -6.09
N LYS A 28 -18.06 -36.75 -7.02
CA LYS A 28 -16.62 -36.54 -7.00
C LYS A 28 -16.19 -35.40 -6.10
N PHE A 29 -16.92 -34.28 -6.11
CA PHE A 29 -16.53 -33.08 -5.38
C PHE A 29 -17.60 -32.74 -4.36
N PHE A 30 -17.17 -32.50 -3.12
CA PHE A 30 -18.06 -32.05 -2.06
C PHE A 30 -17.79 -30.62 -1.61
N TYR A 31 -16.74 -29.98 -2.12
CA TYR A 31 -16.41 -28.59 -1.82
C TYR A 31 -16.17 -28.37 -0.33
N GLY A 32 -15.53 -29.35 0.31
CA GLY A 32 -15.12 -29.22 1.69
C GLY A 32 -16.19 -29.49 2.72
N PHE A 33 -17.42 -29.76 2.29
CA PHE A 33 -18.52 -30.01 3.22
C PHE A 33 -18.64 -31.49 3.52
N LYS A 34 -19.09 -31.81 4.73
CA LYS A 34 -19.28 -33.18 5.17
C LYS A 34 -20.73 -33.35 5.61
N TYR A 35 -21.35 -34.46 5.23
CA TYR A 35 -22.75 -34.70 5.50
C TYR A 35 -22.93 -36.05 6.19
N LEU A 36 -23.92 -36.12 7.08
CA LEU A 36 -24.26 -37.38 7.73
C LEU A 36 -25.29 -38.13 6.89
N TRP A 37 -25.15 -39.45 6.82
CA TRP A 37 -26.00 -40.25 5.97
C TRP A 37 -26.64 -41.45 6.65
N ASN A 38 -26.44 -41.64 7.96
CA ASN A 38 -27.01 -42.78 8.65
C ASN A 38 -28.42 -42.46 9.14
N PRO A 39 -29.45 -43.13 8.65
CA PRO A 39 -30.82 -42.80 9.08
C PRO A 39 -31.05 -42.98 10.57
N THR A 40 -30.35 -43.92 11.22
CA THR A 40 -30.55 -44.14 12.64
C THR A 40 -30.16 -42.91 13.45
N VAL A 41 -29.04 -42.27 13.09
CA VAL A 41 -28.60 -41.09 13.84
C VAL A 41 -29.58 -39.93 13.63
N TYR A 42 -30.11 -39.79 12.41
CA TYR A 42 -31.12 -38.76 12.18
C TYR A 42 -32.39 -39.04 12.99
N ASN A 43 -32.81 -40.29 13.08
CA ASN A 43 -34.00 -40.60 13.87
C ASN A 43 -33.77 -40.28 15.34
N LYS A 44 -32.60 -40.63 15.87
CA LYS A 44 -32.28 -40.29 17.25
C LYS A 44 -32.24 -38.78 17.46
N ILE A 45 -31.65 -38.05 16.51
CA ILE A 45 -31.57 -36.59 16.63
C ILE A 45 -32.95 -35.97 16.60
N PHE A 46 -33.78 -36.37 15.64
CA PHE A 46 -35.12 -35.81 15.51
C PHE A 46 -36.02 -36.21 16.68
N ASP A 47 -35.72 -37.31 17.35
CA ASP A 47 -36.43 -37.60 18.59
C ASP A 47 -35.94 -36.71 19.73
N LYS A 48 -34.63 -36.45 19.79
CA LYS A 48 -34.10 -35.58 20.83
C LYS A 48 -34.57 -34.13 20.65
N LEU A 49 -34.62 -33.65 19.40
CA LEU A 49 -35.08 -32.30 19.15
C LEU A 49 -36.51 -32.08 19.63
N ASP A 50 -37.40 -33.02 19.35
CA ASP A 50 -38.80 -32.96 19.75
C ASP A 50 -39.46 -31.69 19.20
N LEU A 51 -39.52 -31.62 17.86
CA LEU A 51 -40.13 -30.49 17.19
C LEU A 51 -41.64 -30.43 17.37
N THR A 52 -42.25 -31.50 17.86
CA THR A 52 -43.70 -31.52 18.02
C THR A 52 -44.20 -30.73 19.22
N LYS A 53 -43.31 -30.40 20.16
CA LYS A 53 -43.71 -29.60 21.31
C LYS A 53 -43.62 -28.11 21.05
N THR A 54 -43.25 -27.69 19.86
CA THR A 54 -43.26 -26.27 19.53
C THR A 54 -44.01 -25.94 18.25
N TYR A 55 -44.00 -26.81 17.25
CA TYR A 55 -44.83 -26.62 16.06
C TYR A 55 -46.08 -27.47 16.21
N LYS A 56 -47.18 -26.83 16.62
CA LYS A 56 -48.42 -27.56 16.84
C LYS A 56 -48.96 -28.13 15.54
N HIS A 57 -48.85 -27.37 14.44
CA HIS A 57 -49.41 -27.77 13.14
C HIS A 57 -48.31 -27.78 12.09
N PRO A 58 -47.60 -28.90 11.95
CA PRO A 58 -46.61 -28.99 10.87
C PRO A 58 -47.20 -28.90 9.47
N GLU A 59 -48.51 -29.15 9.33
CA GLU A 59 -49.15 -29.06 8.02
C GLU A 59 -49.10 -27.65 7.46
N GLU A 60 -48.98 -26.62 8.31
CA GLU A 60 -48.91 -25.23 7.89
C GLU A 60 -47.49 -24.67 7.97
N LEU A 61 -46.49 -25.54 7.99
CA LEU A 61 -45.11 -25.14 8.24
C LEU A 61 -44.33 -25.03 6.94
N LYS A 62 -43.47 -24.02 6.87
CA LYS A 62 -42.55 -23.83 5.75
C LYS A 62 -41.13 -23.90 6.29
N VAL A 63 -40.31 -24.75 5.69
CA VAL A 63 -38.93 -24.96 6.13
C VAL A 63 -38.00 -24.61 4.97
N LEU A 64 -37.07 -23.69 5.22
CA LEU A 64 -36.07 -23.28 4.25
C LEU A 64 -34.76 -23.99 4.56
N ASP A 65 -34.29 -24.81 3.63
CA ASP A 65 -33.13 -25.66 3.85
C ASP A 65 -31.98 -25.16 2.98
N LEU A 66 -30.91 -24.72 3.63
CA LEU A 66 -29.77 -24.10 2.95
C LEU A 66 -28.59 -25.06 2.92
N TYR A 67 -27.93 -25.12 1.77
CA TYR A 67 -26.83 -26.05 1.52
C TYR A 67 -27.23 -27.51 1.81
N PRO A 68 -28.29 -28.02 1.16
CA PRO A 68 -28.71 -29.39 1.46
C PRO A 68 -27.68 -30.46 1.12
N GLY A 69 -26.90 -30.26 0.07
CA GLY A 69 -25.93 -31.25 -0.35
C GLY A 69 -26.58 -32.52 -0.86
N VAL A 70 -26.35 -33.63 -0.15
CA VAL A 70 -26.92 -34.90 -0.59
C VAL A 70 -28.44 -34.90 -0.42
N GLY A 71 -28.95 -34.27 0.63
CA GLY A 71 -30.37 -34.16 0.83
C GLY A 71 -31.01 -35.27 1.63
N ILE A 72 -30.23 -36.07 2.34
CA ILE A 72 -30.79 -37.15 3.14
C ILE A 72 -31.61 -36.61 4.30
N GLN A 73 -31.12 -35.54 4.95
CA GLN A 73 -31.86 -34.95 6.05
C GLN A 73 -33.21 -34.43 5.58
N SER A 74 -33.25 -33.82 4.39
CA SER A 74 -34.52 -33.31 3.86
C SER A 74 -35.52 -34.44 3.64
N ALA A 75 -35.06 -35.57 3.12
CA ALA A 75 -35.98 -36.69 2.86
C ALA A 75 -36.58 -37.21 4.16
N ILE A 76 -35.75 -37.40 5.19
CA ILE A 76 -36.25 -37.89 6.47
C ILE A 76 -37.20 -36.87 7.11
N PHE A 77 -36.82 -35.59 7.07
CA PHE A 77 -37.65 -34.55 7.67
C PHE A 77 -39.01 -34.48 6.98
N TYR A 78 -39.03 -34.60 5.65
CA TYR A 78 -40.29 -34.61 4.94
C TYR A 78 -41.08 -35.88 5.22
N ASN A 79 -40.40 -37.01 5.40
CA ASN A 79 -41.10 -38.26 5.69
C ASN A 79 -41.80 -38.21 7.04
N LYS A 80 -41.14 -37.67 8.06
CA LYS A 80 -41.70 -37.73 9.41
C LYS A 80 -42.83 -36.72 9.62
N TYR A 81 -42.72 -35.52 9.04
CA TYR A 81 -43.67 -34.45 9.33
C TYR A 81 -44.50 -34.01 8.14
N CYS A 82 -43.97 -34.06 6.93
CA CYS A 82 -44.66 -33.64 5.71
C CYS A 82 -45.10 -32.18 5.80
N PRO A 83 -44.18 -31.23 5.81
CA PRO A 83 -44.58 -29.82 5.78
C PRO A 83 -45.10 -29.43 4.40
N ARG A 84 -45.86 -28.34 4.37
CA ARG A 84 -46.50 -27.92 3.13
C ARG A 84 -45.49 -27.41 2.10
N GLN A 85 -44.41 -26.78 2.55
CA GLN A 85 -43.39 -26.28 1.63
C GLN A 85 -42.02 -26.59 2.18
N TYR A 86 -41.18 -27.23 1.36
CA TYR A 86 -39.80 -27.53 1.71
C TYR A 86 -38.93 -27.15 0.52
N SER A 87 -38.15 -26.09 0.67
CA SER A 87 -37.36 -25.53 -0.41
C SER A 87 -35.88 -25.74 -0.14
N LEU A 88 -35.17 -26.29 -1.12
CA LEU A 88 -33.73 -26.50 -1.03
C LEU A 88 -33.02 -25.46 -1.90
N LEU A 89 -32.04 -24.79 -1.31
CA LEU A 89 -31.22 -23.81 -2.02
C LEU A 89 -29.83 -24.39 -2.20
N GLU A 90 -29.50 -24.79 -3.42
CA GLU A 90 -28.20 -25.35 -3.75
C GLU A 90 -27.83 -24.93 -5.17
N LYS A 91 -26.59 -24.50 -5.35
CA LYS A 91 -26.11 -24.14 -6.68
C LYS A 91 -24.82 -24.84 -7.08
N ARG A 92 -24.12 -25.49 -6.15
CA ARG A 92 -22.90 -26.20 -6.51
C ARG A 92 -23.21 -27.32 -7.47
N SER A 93 -22.53 -27.32 -8.61
CA SER A 93 -22.98 -28.10 -9.77
C SER A 93 -22.97 -29.60 -9.49
N SER A 94 -21.91 -30.11 -8.88
CA SER A 94 -21.80 -31.55 -8.66
C SER A 94 -22.93 -32.07 -7.78
N LEU A 95 -23.24 -31.34 -6.71
CA LEU A 95 -24.34 -31.73 -5.84
C LEU A 95 -25.70 -31.39 -6.43
N TYR A 96 -25.77 -30.33 -7.24
CA TYR A 96 -27.04 -29.98 -7.87
C TYR A 96 -27.48 -31.07 -8.84
N LYS A 97 -26.54 -31.66 -9.58
CA LYS A 97 -26.90 -32.75 -10.48
C LYS A 97 -27.53 -33.91 -9.71
N PHE A 98 -26.91 -34.29 -8.60
CA PHE A 98 -27.44 -35.39 -7.79
C PHE A 98 -28.81 -35.04 -7.21
N LEU A 99 -28.97 -33.81 -6.72
CA LEU A 99 -30.26 -33.40 -6.17
C LEU A 99 -31.34 -33.43 -7.23
N ASN A 100 -31.05 -32.91 -8.42
CA ASN A 100 -32.04 -32.88 -9.49
C ASN A 100 -32.40 -34.29 -9.94
N ALA A 101 -31.41 -35.19 -10.05
CA ALA A 101 -31.70 -36.52 -10.56
C ALA A 101 -32.43 -37.39 -9.53
N LYS A 102 -32.02 -37.32 -8.27
CA LYS A 102 -32.58 -38.22 -7.26
C LYS A 102 -33.99 -37.81 -6.87
N PHE A 103 -34.23 -36.51 -6.71
CA PHE A 103 -35.50 -36.01 -6.19
C PHE A 103 -36.46 -35.57 -7.28
N GLU A 104 -36.42 -36.22 -8.44
CA GLU A 104 -37.38 -35.94 -9.50
C GLU A 104 -38.71 -36.61 -9.21
N GLY A 105 -39.80 -35.91 -9.50
CA GLY A 105 -41.12 -36.40 -9.16
C GLY A 105 -41.39 -36.48 -7.68
N SER A 106 -40.98 -35.45 -6.94
CA SER A 106 -41.13 -35.40 -5.49
C SER A 106 -41.70 -34.04 -5.08
N PRO A 107 -42.40 -33.99 -3.95
CA PRO A 107 -42.92 -32.70 -3.48
C PRO A 107 -41.84 -31.68 -3.14
N LEU A 108 -40.63 -32.14 -2.82
CA LEU A 108 -39.54 -31.22 -2.56
C LEU A 108 -39.23 -30.40 -3.80
N GLN A 109 -39.08 -29.10 -3.63
CA GLN A 109 -38.73 -28.20 -4.72
C GLN A 109 -37.28 -27.75 -4.55
N ILE A 110 -36.51 -27.85 -5.63
CA ILE A 110 -35.08 -27.51 -5.61
C ILE A 110 -34.89 -26.21 -6.35
N LEU A 111 -34.16 -25.28 -5.73
CA LEU A 111 -33.90 -23.96 -6.29
C LEU A 111 -32.42 -23.81 -6.55
N LYS A 112 -32.06 -23.34 -7.75
CA LYS A 112 -30.66 -23.24 -8.15
C LYS A 112 -30.15 -21.82 -7.87
N ARG A 113 -29.99 -21.54 -6.57
CA ARG A 113 -29.47 -20.25 -6.12
C ARG A 113 -28.48 -20.48 -5.00
N ASP A 114 -27.60 -19.49 -4.79
CA ASP A 114 -26.50 -19.63 -3.84
C ASP A 114 -26.85 -18.93 -2.54
N PRO A 115 -26.91 -19.65 -1.42
CA PRO A 115 -27.29 -18.99 -0.16
C PRO A 115 -26.34 -17.90 0.31
N TYR A 116 -25.11 -17.86 -0.22
CA TYR A 116 -24.14 -16.87 0.23
C TYR A 116 -24.61 -15.46 -0.10
N ASP A 117 -25.15 -15.24 -1.29
CA ASP A 117 -25.51 -13.90 -1.72
C ASP A 117 -26.62 -13.32 -0.86
N TRP A 118 -26.53 -12.03 -0.58
CA TRP A 118 -27.60 -11.35 0.14
C TRP A 118 -28.82 -11.11 -0.73
N SER A 119 -28.60 -10.94 -2.04
CA SER A 119 -29.69 -10.59 -2.94
C SER A 119 -30.68 -11.74 -3.09
N THR A 120 -30.16 -12.97 -3.21
CA THR A 120 -31.01 -14.10 -3.57
C THR A 120 -32.23 -14.20 -2.67
N TYR A 121 -32.04 -14.09 -1.35
CA TYR A 121 -33.18 -14.19 -0.44
C TYR A 121 -34.26 -13.21 -0.84
N SER A 122 -33.90 -11.93 -0.97
CA SER A 122 -34.88 -10.93 -1.40
C SER A 122 -35.44 -11.29 -2.78
N ASN A 123 -34.54 -11.64 -3.71
CA ASN A 123 -34.96 -11.98 -5.05
C ASN A 123 -35.87 -13.20 -5.09
N LEU A 124 -35.93 -13.95 -4.00
CA LEU A 124 -36.77 -15.13 -3.92
C LEU A 124 -37.96 -14.95 -2.98
N ILE A 125 -37.98 -13.92 -2.15
CA ILE A 125 -39.08 -13.78 -1.14
C ILE A 125 -39.95 -12.57 -1.48
N ASP A 126 -39.36 -11.51 -2.01
CA ASP A 126 -40.11 -10.27 -2.22
C ASP A 126 -40.39 -10.01 -3.70
N GLU A 127 -39.39 -10.17 -4.57
CA GLU A 127 -39.57 -9.83 -5.98
C GLU A 127 -40.51 -10.80 -6.67
N GLU A 128 -40.30 -12.11 -6.49
CA GLU A 128 -41.06 -13.11 -7.22
C GLU A 128 -41.88 -14.04 -6.34
N ARG A 129 -41.89 -13.78 -5.03
CA ARG A 129 -42.80 -14.53 -4.13
C ARG A 129 -42.75 -16.04 -4.36
N ILE A 130 -41.56 -16.63 -4.51
CA ILE A 130 -41.46 -18.08 -4.59
C ILE A 130 -41.69 -18.72 -3.22
N PHE A 131 -41.03 -18.16 -2.19
CA PHE A 131 -41.13 -18.68 -0.83
C PHE A 131 -41.42 -17.51 0.10
N VAL A 132 -42.67 -17.36 0.50
CA VAL A 132 -43.11 -16.29 1.38
C VAL A 132 -43.54 -16.92 2.71
N PRO A 133 -42.85 -16.63 3.81
CA PRO A 133 -43.22 -17.20 5.10
C PRO A 133 -44.35 -16.40 5.75
N GLU A 134 -44.71 -16.80 6.96
CA GLU A 134 -45.78 -16.17 7.71
C GLU A 134 -45.19 -15.41 8.88
N VAL A 135 -45.39 -14.09 8.89
CA VAL A 135 -44.81 -13.24 9.93
C VAL A 135 -45.53 -13.47 11.25
N GLN A 136 -44.78 -13.44 12.35
CA GLN A 136 -45.33 -13.59 13.67
C GLN A 136 -44.70 -12.56 14.61
N SER A 137 -45.25 -12.47 15.81
CA SER A 137 -44.77 -11.52 16.79
C SER A 137 -43.43 -11.99 17.38
N SER A 138 -42.80 -11.08 18.12
CA SER A 138 -41.48 -11.33 18.72
C SER A 138 -41.58 -11.71 20.19
N ASP A 139 -42.62 -12.43 20.58
CA ASP A 139 -42.75 -12.94 21.94
C ASP A 139 -42.76 -14.45 22.01
N HIS A 140 -42.75 -15.14 20.87
CA HIS A 140 -42.75 -16.59 20.84
C HIS A 140 -42.05 -17.07 19.57
N ILE A 141 -41.59 -18.32 19.59
CA ILE A 141 -40.90 -18.88 18.46
C ILE A 141 -41.87 -19.02 17.29
N ASN A 142 -41.46 -18.56 16.11
CA ASN A 142 -42.32 -18.58 14.95
C ASN A 142 -42.75 -20.01 14.62
N ASP A 143 -44.05 -20.19 14.42
CA ASP A 143 -44.64 -21.51 14.22
C ASP A 143 -44.78 -21.88 12.76
N LYS A 144 -44.47 -20.97 11.83
CA LYS A 144 -44.62 -21.22 10.41
C LYS A 144 -43.31 -21.04 9.65
N PHE A 145 -42.17 -21.19 10.33
CA PHE A 145 -40.88 -20.93 9.69
C PHE A 145 -39.79 -21.62 10.47
N LEU A 146 -39.00 -22.44 9.78
CA LEU A 146 -37.83 -23.11 10.34
C LEU A 146 -36.71 -23.03 9.32
N THR A 147 -35.49 -22.79 9.78
CA THR A 147 -34.33 -22.72 8.91
C THR A 147 -33.37 -23.84 9.26
N VAL A 148 -32.93 -24.59 8.25
CA VAL A 148 -31.96 -25.66 8.42
C VAL A 148 -30.76 -25.35 7.53
N ALA A 149 -29.57 -25.32 8.11
CA ALA A 149 -28.37 -24.94 7.37
C ALA A 149 -27.24 -25.90 7.67
N ASN A 150 -26.40 -26.13 6.67
CA ASN A 150 -25.23 -27.00 6.76
C ASN A 150 -24.03 -26.22 6.22
N VAL A 151 -23.40 -25.43 7.07
CA VAL A 151 -22.16 -24.75 6.69
C VAL A 151 -20.99 -25.41 7.43
N THR A 152 -20.40 -26.43 6.82
CA THR A 152 -19.40 -27.25 7.47
C THR A 152 -17.98 -26.95 7.02
N GLY A 153 -17.80 -26.39 5.83
CA GLY A 153 -16.46 -26.13 5.34
C GLY A 153 -15.74 -25.09 6.18
N GLU A 154 -14.42 -25.21 6.22
CA GLU A 154 -13.61 -24.26 6.97
C GLU A 154 -13.62 -22.87 6.34
N GLY A 155 -13.87 -22.78 5.03
CA GLY A 155 -13.98 -21.48 4.39
C GLY A 155 -15.22 -20.72 4.83
N SER A 156 -16.34 -21.42 4.96
CA SER A 156 -17.63 -20.77 5.24
C SER A 156 -17.88 -20.73 6.75
N GLU A 157 -17.04 -19.94 7.42
CA GLU A 157 -17.24 -19.63 8.83
C GLU A 157 -17.71 -18.21 9.07
N GLY A 158 -17.33 -17.27 8.20
CA GLY A 158 -17.85 -15.91 8.31
C GLY A 158 -19.33 -15.84 8.10
N LEU A 159 -19.90 -16.80 7.34
CA LEU A 159 -21.34 -16.80 7.10
C LEU A 159 -22.12 -16.99 8.39
N ILE A 160 -21.65 -17.87 9.26
CA ILE A 160 -22.31 -18.09 10.55
C ILE A 160 -22.32 -16.79 11.35
N MET A 161 -21.20 -16.08 11.39
CA MET A 161 -21.13 -14.84 12.15
C MET A 161 -22.01 -13.76 11.53
N GLN A 162 -22.09 -13.72 10.20
CA GLN A 162 -22.96 -12.73 9.55
C GLN A 162 -24.42 -13.00 9.89
N TRP A 163 -24.84 -14.26 9.88
CA TRP A 163 -26.22 -14.57 10.27
C TRP A 163 -26.44 -14.29 11.76
N LEU A 164 -25.45 -14.57 12.60
CA LEU A 164 -25.59 -14.35 14.03
C LEU A 164 -25.71 -12.87 14.36
N SER A 165 -25.06 -12.01 13.57
CA SER A 165 -25.25 -10.57 13.73
C SER A 165 -26.57 -10.09 13.12
N CYS A 166 -27.00 -10.72 12.02
CA CYS A 166 -28.30 -10.40 11.46
C CYS A 166 -29.43 -10.74 12.43
N ILE A 167 -29.18 -11.66 13.37
CA ILE A 167 -30.13 -11.86 14.46
C ILE A 167 -30.31 -10.56 15.24
N GLY A 168 -29.20 -9.91 15.57
CA GLY A 168 -29.28 -8.66 16.31
C GLY A 168 -29.87 -7.53 15.49
N ASN A 169 -29.56 -7.49 14.19
CA ASN A 169 -30.12 -6.43 13.36
C ASN A 169 -31.59 -6.64 13.04
N LYS A 170 -32.09 -7.87 13.17
CA LYS A 170 -33.47 -8.22 12.80
C LYS A 170 -33.79 -7.83 11.36
N ASN A 171 -32.92 -8.23 10.44
CA ASN A 171 -33.09 -7.76 9.08
C ASN A 171 -33.10 -8.87 8.02
N TRP A 172 -32.29 -9.90 8.19
CA TRP A 172 -32.08 -10.86 7.11
C TRP A 172 -33.26 -11.81 6.99
N LEU A 173 -33.48 -12.64 8.01
CA LEU A 173 -34.62 -13.54 8.06
C LEU A 173 -35.33 -13.49 9.39
N TYR A 174 -34.84 -12.69 10.33
CA TYR A 174 -35.39 -12.60 11.67
C TYR A 174 -36.35 -11.43 11.83
N ARG A 175 -36.65 -10.72 10.74
CA ARG A 175 -37.73 -9.74 10.76
C ARG A 175 -39.09 -10.40 10.86
N PHE A 176 -39.17 -11.70 10.59
CA PHE A 176 -40.40 -12.46 10.79
C PHE A 176 -40.62 -12.86 12.23
N GLY A 177 -39.61 -12.72 13.09
CA GLY A 177 -39.75 -13.10 14.48
C GLY A 177 -38.53 -13.84 15.00
N LYS A 178 -38.77 -14.78 15.92
CA LYS A 178 -37.69 -15.57 16.52
C LYS A 178 -37.56 -16.88 15.75
N VAL A 179 -36.99 -16.78 14.55
CA VAL A 179 -36.85 -17.93 13.67
C VAL A 179 -35.85 -18.92 14.25
N LYS A 180 -36.24 -20.19 14.31
CA LYS A 180 -35.37 -21.24 14.81
C LYS A 180 -34.53 -21.81 13.68
N MET A 181 -33.25 -22.03 13.97
CA MET A 181 -32.29 -22.56 13.00
C MET A 181 -31.63 -23.82 13.56
N LEU A 182 -31.45 -24.80 12.69
CA LEU A 182 -30.70 -26.02 13.00
C LEU A 182 -29.45 -26.01 12.13
N LEU A 183 -28.29 -25.87 12.79
CA LEU A 183 -27.04 -25.56 12.10
C LEU A 183 -26.06 -26.72 12.24
N TRP A 184 -25.51 -27.15 11.12
CA TRP A 184 -24.38 -28.07 11.10
C TRP A 184 -23.11 -27.25 10.86
N MET A 185 -22.14 -27.38 11.75
CA MET A 185 -20.97 -26.53 11.72
C MET A 185 -19.79 -27.25 12.33
N PRO A 186 -18.56 -26.85 12.01
CA PRO A 186 -17.39 -27.56 12.52
C PRO A 186 -17.33 -27.54 14.04
N SER A 187 -16.73 -28.58 14.61
CA SER A 187 -16.66 -28.70 16.05
C SER A 187 -15.89 -27.54 16.69
N THR A 188 -14.88 -27.01 15.98
CA THR A 188 -14.15 -25.87 16.51
C THR A 188 -15.05 -24.63 16.61
N THR A 189 -15.91 -24.41 15.61
CA THR A 189 -16.84 -23.31 15.67
C THR A 189 -17.83 -23.50 16.82
N ALA A 190 -18.28 -24.73 17.05
CA ALA A 190 -19.16 -24.99 18.17
C ALA A 190 -18.46 -24.71 19.50
N ARG A 191 -17.20 -25.11 19.62
CA ARG A 191 -16.45 -24.83 20.84
C ARG A 191 -16.31 -23.34 21.07
N LYS A 192 -16.00 -22.58 20.03
CA LYS A 192 -15.88 -21.14 20.16
C LYS A 192 -17.21 -20.51 20.56
N LEU A 193 -18.30 -20.92 19.91
CA LEU A 193 -19.61 -20.31 20.17
C LEU A 193 -20.11 -20.63 21.57
N LEU A 194 -19.93 -21.87 22.02
CA LEU A 194 -20.52 -22.35 23.27
C LEU A 194 -19.53 -22.30 24.42
N ALA A 195 -18.68 -21.30 24.48
CA ALA A 195 -17.68 -21.17 25.53
C ALA A 195 -18.22 -20.31 26.66
N ARG A 196 -18.32 -20.89 27.84
CA ARG A 196 -18.75 -20.16 29.03
C ARG A 196 -17.64 -19.23 29.52
N PRO A 197 -17.97 -18.21 30.30
CA PRO A 197 -16.95 -17.25 30.73
C PRO A 197 -15.82 -17.93 31.48
N GLY A 198 -14.59 -17.46 31.23
CA GLY A 198 -13.42 -17.98 31.88
C GLY A 198 -12.69 -19.08 31.13
N MET A 199 -13.36 -19.73 30.18
CA MET A 199 -12.73 -20.84 29.48
C MET A 199 -11.69 -20.34 28.48
N HIS A 200 -10.83 -21.25 28.04
CA HIS A 200 -9.77 -20.94 27.10
C HIS A 200 -10.28 -20.50 25.74
N SER A 201 -11.49 -20.92 25.36
CA SER A 201 -12.04 -20.65 24.04
C SER A 201 -12.89 -19.39 24.00
N ARG A 202 -12.96 -18.64 25.09
CA ARG A 202 -13.79 -17.45 25.14
C ARG A 202 -13.26 -16.38 24.19
N SER A 203 -14.19 -15.72 23.50
CA SER A 203 -13.86 -14.71 22.49
C SER A 203 -15.09 -13.85 22.26
N LYS A 204 -15.05 -13.04 21.20
CA LYS A 204 -16.16 -12.14 20.92
C LYS A 204 -17.38 -12.87 20.36
N CYS A 205 -17.18 -13.97 19.63
CA CYS A 205 -18.31 -14.71 19.10
C CYS A 205 -19.12 -15.38 20.22
N SER A 206 -18.45 -15.79 21.30
CA SER A 206 -19.16 -16.32 22.46
C SER A 206 -20.07 -15.27 23.06
N VAL A 207 -19.61 -14.02 23.14
CA VAL A 207 -20.42 -12.94 23.68
C VAL A 207 -21.65 -12.69 22.80
N VAL A 208 -21.46 -12.73 21.48
CA VAL A 208 -22.59 -12.54 20.57
C VAL A 208 -23.60 -13.66 20.74
N ARG A 209 -23.12 -14.89 20.85
CA ARG A 209 -24.02 -16.02 21.08
C ARG A 209 -24.77 -15.86 22.39
N GLU A 210 -24.08 -15.39 23.44
CA GLU A 210 -24.72 -15.20 24.73
C GLU A 210 -25.79 -14.13 24.68
N ALA A 211 -25.52 -13.03 23.97
CA ALA A 211 -26.48 -11.93 23.93
C ALA A 211 -27.68 -12.22 23.05
N PHE A 212 -27.47 -12.83 21.88
CA PHE A 212 -28.54 -12.93 20.89
C PHE A 212 -29.25 -14.27 20.86
N THR A 213 -28.62 -15.36 21.32
CA THR A 213 -29.16 -16.69 21.12
C THR A 213 -29.18 -17.48 22.43
N ASP A 214 -29.97 -18.55 22.41
CA ASP A 214 -29.97 -19.59 23.44
C ASP A 214 -29.68 -20.90 22.70
N THR A 215 -28.40 -21.20 22.53
CA THR A 215 -27.98 -22.32 21.70
C THR A 215 -27.75 -23.57 22.55
N LYS A 216 -28.32 -24.68 22.11
CA LYS A 216 -28.17 -25.96 22.78
C LYS A 216 -27.51 -26.94 21.82
N LEU A 217 -26.43 -27.59 22.28
CA LEU A 217 -25.78 -28.60 21.46
C LEU A 217 -26.64 -29.86 21.40
N ILE A 218 -26.84 -30.38 20.20
CA ILE A 218 -27.71 -31.53 20.01
C ILE A 218 -26.89 -32.78 19.76
N ALA A 219 -26.00 -32.74 18.77
CA ALA A 219 -25.18 -33.89 18.42
C ALA A 219 -23.76 -33.43 18.11
N ILE A 220 -22.82 -34.35 18.28
CA ILE A 220 -21.42 -34.12 17.93
C ILE A 220 -20.83 -35.43 17.43
N SER A 221 -19.92 -35.33 16.47
CA SER A 221 -19.39 -36.48 15.75
C SER A 221 -18.01 -36.91 16.23
N ASP A 222 -17.71 -36.73 17.51
CA ASP A 222 -16.44 -37.17 18.07
C ASP A 222 -16.57 -37.31 19.57
N ALA A 223 -15.96 -38.37 20.11
CA ALA A 223 -16.01 -38.58 21.55
C ALA A 223 -15.05 -37.66 22.29
N ASN A 224 -13.86 -37.41 21.73
CA ASN A 224 -12.84 -36.63 22.44
C ASN A 224 -13.17 -35.14 22.44
N GLU A 225 -13.86 -34.66 21.40
CA GLU A 225 -14.14 -33.23 21.31
C GLU A 225 -14.97 -32.72 22.49
N LEU A 226 -15.65 -33.61 23.21
CA LEU A 226 -16.42 -33.21 24.37
C LEU A 226 -15.55 -32.68 25.50
N LYS A 227 -14.24 -32.96 25.47
CA LYS A 227 -13.39 -32.49 26.55
C LYS A 227 -13.15 -30.99 26.46
N GLY A 228 -13.21 -30.43 25.25
CA GLY A 228 -13.06 -28.99 25.10
C GLY A 228 -14.23 -28.21 25.68
N PHE A 229 -15.45 -28.73 25.52
CA PHE A 229 -16.64 -28.04 26.00
C PHE A 229 -16.63 -27.94 27.52
N ASP A 230 -17.59 -27.17 28.04
CA ASP A 230 -17.74 -27.03 29.48
C ASP A 230 -18.24 -28.33 30.07
N SER A 231 -17.60 -28.77 31.17
CA SER A 231 -17.95 -30.06 31.76
C SER A 231 -19.38 -30.05 32.30
N GLN A 232 -19.77 -28.95 32.96
CA GLN A 232 -21.09 -28.89 33.58
C GLN A 232 -22.19 -28.84 32.53
N CYS A 233 -22.04 -27.98 31.52
CA CYS A 233 -23.12 -27.74 30.57
C CYS A 233 -23.52 -29.00 29.81
N ILE A 234 -22.56 -29.88 29.53
CA ILE A 234 -22.86 -31.13 28.82
C ILE A 234 -23.90 -31.92 29.60
N GLU A 235 -23.84 -31.86 30.93
CA GLU A 235 -24.84 -32.54 31.76
C GLU A 235 -26.25 -32.12 31.38
N GLU A 236 -26.47 -30.83 31.15
CA GLU A 236 -27.80 -30.35 30.82
C GLU A 236 -28.19 -30.63 29.38
N TRP A 237 -27.25 -31.08 28.54
CA TRP A 237 -27.51 -31.31 27.13
C TRP A 237 -27.54 -32.78 26.76
N ASP A 238 -26.49 -33.54 27.13
CA ASP A 238 -26.33 -34.93 26.74
C ASP A 238 -26.44 -35.08 25.24
N PRO A 239 -25.44 -34.64 24.48
CA PRO A 239 -25.52 -34.75 23.02
C PRO A 239 -25.50 -36.20 22.56
N ILE A 240 -26.01 -36.41 21.35
CA ILE A 240 -26.07 -37.74 20.77
C ILE A 240 -24.71 -38.08 20.17
N LEU A 241 -23.85 -38.72 20.94
CA LEU A 241 -22.51 -39.05 20.49
C LEU A 241 -22.55 -40.15 19.43
N PHE A 242 -21.81 -39.94 18.35
CA PHE A 242 -21.59 -40.96 17.33
C PHE A 242 -20.14 -40.84 16.88
N SER A 243 -19.80 -41.54 15.80
CA SER A 243 -18.43 -41.61 15.34
C SER A 243 -18.34 -41.10 13.91
N ALA A 244 -17.09 -40.95 13.44
CA ALA A 244 -16.81 -40.41 12.12
C ALA A 244 -16.96 -41.43 11.01
N ALA A 245 -17.64 -42.55 11.26
CA ALA A 245 -17.83 -43.58 10.26
C ALA A 245 -19.15 -43.46 9.51
N GLU A 246 -20.06 -42.63 10.02
CA GLU A 246 -21.41 -42.44 9.42
C GLU A 246 -21.46 -41.18 8.56
N ILE A 247 -20.38 -40.41 8.48
CA ILE A 247 -20.28 -39.25 7.60
C ILE A 247 -19.34 -39.62 6.45
N TRP A 248 -19.74 -39.29 5.22
CA TRP A 248 -19.03 -39.85 4.07
C TRP A 248 -17.65 -39.23 3.87
N PRO A 249 -17.51 -37.92 3.64
CA PRO A 249 -16.16 -37.39 3.43
C PRO A 249 -15.37 -37.33 4.72
N THR A 250 -14.81 -38.46 5.13
CA THR A 250 -14.09 -38.57 6.41
C THR A 250 -12.77 -37.81 6.44
N LYS A 251 -12.42 -37.05 5.40
CA LYS A 251 -11.13 -36.37 5.35
C LYS A 251 -11.15 -34.98 5.97
N GLY A 252 -12.07 -34.73 6.90
CA GLY A 252 -12.18 -33.42 7.51
C GLY A 252 -12.01 -33.42 9.02
N LYS A 253 -12.86 -32.67 9.70
CA LYS A 253 -12.84 -32.48 11.14
C LYS A 253 -14.20 -32.80 11.72
N PRO A 254 -14.28 -33.07 13.03
CA PRO A 254 -15.58 -33.39 13.64
C PRO A 254 -16.58 -32.25 13.46
N ILE A 255 -17.85 -32.62 13.30
CA ILE A 255 -18.92 -31.65 13.08
C ILE A 255 -19.88 -31.74 14.26
N ALA A 256 -20.81 -30.77 14.31
CA ALA A 256 -21.73 -30.66 15.43
C ALA A 256 -23.03 -30.03 14.95
N LEU A 257 -24.10 -30.27 15.73
CA LEU A 257 -25.41 -29.72 15.45
C LEU A 257 -25.86 -28.85 16.62
N VAL A 258 -26.46 -27.71 16.32
CA VAL A 258 -26.91 -26.77 17.34
C VAL A 258 -28.28 -26.24 16.97
N GLU A 259 -29.10 -25.96 17.99
CA GLU A 259 -30.42 -25.39 17.83
C GLU A 259 -30.38 -23.95 18.32
N MET A 260 -30.44 -23.00 17.38
CA MET A 260 -30.37 -21.58 17.70
C MET A 260 -31.74 -20.95 17.58
N ASP A 261 -32.07 -20.08 18.54
CA ASP A 261 -33.32 -19.36 18.55
C ASP A 261 -33.16 -18.01 19.24
N PRO A 262 -33.59 -16.92 18.62
CA PRO A 262 -33.31 -15.60 19.17
C PRO A 262 -34.06 -15.34 20.46
N ILE A 263 -33.50 -14.44 21.28
CA ILE A 263 -34.15 -13.97 22.49
C ILE A 263 -34.11 -12.45 22.49
N ASP A 264 -35.00 -11.84 23.26
CA ASP A 264 -35.10 -10.39 23.29
C ASP A 264 -33.92 -9.78 24.04
N PHE A 265 -33.70 -8.49 23.78
CA PHE A 265 -32.61 -7.76 24.42
C PHE A 265 -32.92 -6.27 24.37
N ASP A 266 -32.28 -5.52 25.26
CA ASP A 266 -32.40 -4.07 25.28
C ASP A 266 -31.03 -3.47 25.57
N PHE A 267 -30.28 -3.20 24.50
CA PHE A 267 -29.03 -2.45 24.60
C PHE A 267 -28.73 -1.88 23.22
N ASP A 268 -27.83 -0.90 23.20
CA ASP A 268 -27.40 -0.29 21.95
C ASP A 268 -26.43 -1.23 21.26
N VAL A 269 -26.83 -1.74 20.10
CA VAL A 269 -26.04 -2.78 19.42
C VAL A 269 -24.68 -2.23 18.99
N ASP A 270 -24.65 -1.01 18.45
CA ASP A 270 -23.41 -0.48 17.89
C ASP A 270 -22.38 -0.18 18.96
N ASN A 271 -22.79 0.51 20.03
CA ASN A 271 -21.86 0.82 21.11
C ASN A 271 -21.41 -0.44 21.84
N TRP A 272 -22.34 -1.38 22.05
CA TRP A 272 -21.97 -2.65 22.67
C TRP A 272 -20.97 -3.40 21.80
N ASP A 273 -21.18 -3.39 20.48
CA ASP A 273 -20.25 -4.05 19.56
C ASP A 273 -18.88 -3.42 19.64
N TYR A 274 -18.82 -2.08 19.61
CA TYR A 274 -17.54 -1.39 19.70
C TYR A 274 -16.83 -1.70 21.00
N VAL A 275 -17.55 -1.64 22.12
CA VAL A 275 -16.93 -1.85 23.42
C VAL A 275 -16.42 -3.28 23.56
N THR A 276 -17.23 -4.26 23.15
CA THR A 276 -16.79 -5.65 23.24
C THR A 276 -15.61 -5.92 22.32
N ARG A 277 -15.65 -5.37 21.09
CA ARG A 277 -14.55 -5.60 20.16
C ARG A 277 -13.25 -5.03 20.69
N HIS A 278 -13.29 -3.83 21.26
CA HIS A 278 -12.06 -3.21 21.75
C HIS A 278 -11.66 -3.69 23.13
N LEU A 279 -12.54 -4.37 23.86
CA LEU A 279 -12.18 -4.97 25.13
C LEU A 279 -11.63 -6.38 24.99
N MET A 280 -12.10 -7.13 23.98
CA MET A 280 -11.69 -8.52 23.84
C MET A 280 -10.37 -8.68 23.11
N ILE A 281 -9.78 -7.60 22.59
CA ILE A 281 -8.44 -7.70 22.02
C ILE A 281 -7.44 -8.08 23.10
N LEU A 282 -7.46 -7.37 24.22
CA LEU A 282 -6.63 -7.68 25.37
C LEU A 282 -7.45 -8.47 26.38
N LYS A 283 -7.78 -9.70 25.98
CA LYS A 283 -8.72 -10.53 26.73
C LYS A 283 -8.16 -11.08 28.03
N ARG A 284 -6.85 -10.97 28.27
CA ARG A 284 -6.24 -11.52 29.47
C ARG A 284 -5.67 -10.46 30.39
N THR A 285 -5.45 -9.24 29.91
CA THR A 285 -5.04 -8.16 30.80
C THR A 285 -6.18 -7.80 31.74
N PRO A 286 -5.88 -7.45 32.99
CA PRO A 286 -6.94 -7.10 33.94
C PRO A 286 -7.67 -5.83 33.51
N LEU A 287 -8.91 -5.67 34.00
CA LEU A 287 -9.73 -4.50 33.60
C LEU A 287 -9.15 -3.21 34.21
N ASN A 288 -8.19 -3.32 35.13
CA ASN A 288 -7.60 -2.11 35.70
C ASN A 288 -7.04 -1.21 34.62
N THR A 289 -6.51 -1.79 33.53
CA THR A 289 -5.81 -1.00 32.52
C THR A 289 -6.14 -1.40 31.09
N VAL A 290 -7.26 -2.10 30.87
CA VAL A 290 -7.67 -2.39 29.49
C VAL A 290 -8.66 -1.36 28.97
N MET A 291 -9.35 -0.64 29.85
CA MET A 291 -10.30 0.39 29.44
C MET A 291 -9.64 1.64 28.89
N ASP A 292 -8.31 1.75 29.01
CA ASP A 292 -7.61 2.90 28.47
C ASP A 292 -7.55 2.87 26.94
N SER A 293 -7.95 1.76 26.33
CA SER A 293 -7.94 1.60 24.88
C SER A 293 -9.26 1.94 24.22
N LEU A 294 -10.27 2.32 24.99
CA LEU A 294 -11.58 2.64 24.45
C LEU A 294 -11.75 4.12 24.12
N GLY A 295 -10.72 4.92 24.27
CA GLY A 295 -10.80 6.33 23.96
C GLY A 295 -9.69 7.09 24.66
N HIS A 296 -9.67 8.39 24.40
CA HIS A 296 -8.65 9.27 24.96
C HIS A 296 -8.98 9.52 26.43
N GLY A 297 -8.12 9.04 27.31
CA GLY A 297 -8.36 9.19 28.75
C GLY A 297 -9.56 8.43 29.25
N GLY A 298 -9.77 7.20 28.78
CA GLY A 298 -10.89 6.40 29.24
C GLY A 298 -10.65 5.70 30.55
N GLN A 299 -9.39 5.45 30.90
CA GLN A 299 -9.10 4.74 32.15
C GLN A 299 -9.52 5.56 33.36
N GLN A 300 -9.21 6.86 33.36
CA GLN A 300 -9.61 7.70 34.48
C GLN A 300 -11.12 7.82 34.60
N TYR A 301 -11.80 8.00 33.47
CA TYR A 301 -13.25 8.14 33.51
C TYR A 301 -13.91 6.87 34.02
N PHE A 302 -13.45 5.70 33.53
CA PHE A 302 -14.07 4.46 33.98
C PHE A 302 -13.67 4.12 35.40
N ASN A 303 -12.52 4.61 35.87
CA ASN A 303 -12.16 4.42 37.27
C ASN A 303 -13.01 5.29 38.19
N SER A 304 -13.40 6.49 37.72
CA SER A 304 -14.20 7.37 38.56
C SER A 304 -15.63 6.88 38.70
N ARG A 305 -16.16 6.20 37.69
CA ARG A 305 -17.58 5.85 37.67
C ARG A 305 -17.87 4.42 38.11
N ILE A 306 -16.86 3.67 38.54
CA ILE A 306 -17.05 2.30 39.02
C ILE A 306 -16.68 2.31 40.51
N THR A 307 -17.69 2.30 41.38
CA THR A 307 -17.44 2.37 42.82
C THR A 307 -16.79 1.09 43.33
N ASP A 308 -17.35 -0.06 42.96
CA ASP A 308 -16.81 -1.33 43.45
C ASP A 308 -15.48 -1.62 42.78
N LYS A 309 -14.47 -1.92 43.59
CA LYS A 309 -13.15 -2.27 43.09
C LYS A 309 -13.05 -3.74 42.69
N ASP A 310 -14.11 -4.53 42.87
CA ASP A 310 -14.06 -5.93 42.50
C ASP A 310 -14.13 -6.11 40.99
N LEU A 311 -15.01 -5.36 40.32
CA LEU A 311 -15.16 -5.50 38.88
C LEU A 311 -13.89 -5.13 38.14
N LEU A 312 -13.16 -4.14 38.63
CA LEU A 312 -11.89 -3.73 38.04
C LEU A 312 -10.79 -4.78 38.19
N LYS A 313 -11.08 -5.95 38.75
CA LYS A 313 -10.10 -7.01 38.89
C LYS A 313 -10.27 -8.14 37.88
N LYS A 314 -11.45 -8.25 37.28
CA LYS A 314 -11.74 -9.36 36.38
C LYS A 314 -11.32 -9.03 34.96
N CYS A 315 -10.68 -9.99 34.31
CA CYS A 315 -10.23 -9.83 32.94
C CYS A 315 -11.43 -9.89 31.98
N PRO A 316 -11.30 -9.34 30.78
CA PRO A 316 -12.41 -9.41 29.82
C PRO A 316 -12.80 -10.83 29.44
N ILE A 317 -11.91 -11.81 29.66
CA ILE A 317 -12.24 -13.23 29.36
C ILE A 317 -13.17 -13.77 30.44
N ASP A 318 -13.22 -13.10 31.60
CA ASP A 318 -14.07 -13.54 32.70
C ASP A 318 -15.38 -12.77 32.80
N LEU A 319 -15.63 -11.84 31.89
CA LEU A 319 -16.79 -10.96 32.01
C LEU A 319 -18.02 -11.62 31.41
N THR A 320 -19.14 -11.56 32.14
CA THR A 320 -20.43 -12.00 31.64
C THR A 320 -21.06 -10.88 30.82
N ASN A 321 -21.92 -11.26 29.87
CA ASN A 321 -22.52 -10.29 28.95
C ASN A 321 -23.25 -9.17 29.70
N ASP A 322 -23.80 -9.45 30.88
CA ASP A 322 -24.45 -8.39 31.65
C ASP A 322 -23.47 -7.31 32.04
N GLU A 323 -22.26 -7.71 32.44
CA GLU A 323 -21.20 -6.73 32.78
C GLU A 323 -20.78 -5.98 31.53
N PHE A 324 -20.73 -6.64 30.37
CA PHE A 324 -20.44 -5.95 29.13
C PHE A 324 -21.49 -4.89 28.84
N ILE A 325 -22.76 -5.20 29.09
CA ILE A 325 -23.82 -4.21 28.89
C ILE A 325 -23.67 -3.06 29.88
N TYR A 326 -23.26 -3.37 31.12
CA TYR A 326 -23.04 -2.32 32.10
C TYR A 326 -21.92 -1.37 31.67
N LEU A 327 -20.82 -1.94 31.17
CA LEU A 327 -19.72 -1.10 30.68
C LEU A 327 -20.14 -0.32 29.44
N THR A 328 -20.98 -0.90 28.59
CA THR A 328 -21.52 -0.16 27.45
C THR A 328 -22.35 1.02 27.92
N LYS A 329 -23.18 0.82 28.94
CA LYS A 329 -23.99 1.91 29.48
C LYS A 329 -23.12 3.00 30.08
N LEU A 330 -22.04 2.62 30.75
CA LEU A 330 -21.07 3.62 31.22
C LEU A 330 -20.46 4.38 30.05
N PHE A 331 -20.11 3.67 28.97
CA PHE A 331 -19.51 4.30 27.81
C PHE A 331 -20.44 5.30 27.15
N MET A 332 -21.74 4.97 27.06
CA MET A 332 -22.68 5.83 26.36
C MET A 332 -22.92 7.15 27.09
N GLU A 333 -22.76 7.17 28.41
CA GLU A 333 -22.94 8.38 29.20
C GLU A 333 -21.66 9.19 29.34
N TRP A 334 -20.58 8.77 28.70
CA TRP A 334 -19.32 9.49 28.72
C TRP A 334 -19.44 10.75 27.88
N PRO A 335 -19.21 11.94 28.44
CA PRO A 335 -19.30 13.16 27.62
C PRO A 335 -18.30 13.21 26.48
N PHE A 336 -17.12 12.61 26.63
CA PHE A 336 -16.05 12.71 25.66
C PHE A 336 -15.83 11.41 24.88
N LYS A 337 -16.90 10.66 24.63
CA LYS A 337 -16.76 9.42 23.91
C LYS A 337 -16.32 9.69 22.47
N PRO A 338 -15.46 8.85 21.90
CA PRO A 338 -15.01 9.05 20.52
C PRO A 338 -16.07 8.62 19.52
N ASP A 339 -15.83 8.98 18.26
CA ASP A 339 -16.73 8.63 17.17
C ASP A 339 -16.49 7.18 16.78
N ILE A 340 -17.47 6.31 17.04
CA ILE A 340 -17.31 4.90 16.71
C ILE A 340 -17.41 4.64 15.22
N LEU A 341 -17.98 5.58 14.45
CA LEU A 341 -18.11 5.37 13.02
C LEU A 341 -16.74 5.35 12.33
N MET A 342 -15.82 6.19 12.78
CA MET A 342 -14.51 6.29 12.16
C MET A 342 -13.48 5.42 12.87
N ASP A 343 -13.79 4.13 12.93
CA ASP A 343 -12.85 3.14 13.51
C ASP A 343 -12.54 2.16 12.39
N PHE A 344 -11.80 2.61 11.38
CA PHE A 344 -11.43 1.75 10.25
C PHE A 344 -10.06 2.16 9.73
N VAL A 345 -9.42 1.29 8.96
CA VAL A 345 -8.12 1.67 8.34
C VAL A 345 -8.40 1.84 6.85
N ASP A 346 -8.07 3.01 6.27
CA ASP A 346 -8.22 3.15 4.79
C ASP A 346 -6.82 3.09 4.20
N MET A 347 -6.49 2.03 3.47
CA MET A 347 -5.10 1.88 3.00
C MET A 347 -5.08 1.84 1.47
N TYR A 348 -5.89 0.96 0.88
CA TYR A 348 -5.99 0.95 -0.61
C TYR A 348 -6.57 2.30 -1.01
N GLN A 349 -7.56 2.78 -0.24
CA GLN A 349 -8.19 4.09 -0.52
C GLN A 349 -7.22 5.26 -0.29
N THR A 350 -6.32 5.18 0.71
CA THR A 350 -5.51 6.39 1.03
C THR A 350 -4.10 6.41 0.41
N GLU A 351 -3.76 7.50 -0.28
CA GLU A 351 -2.40 7.70 -0.85
C GLU A 351 -1.94 9.04 -0.28
N HIS A 352 -0.86 9.06 0.52
CA HIS A 352 -0.45 10.27 1.20
C HIS A 352 0.70 10.93 0.42
N SER A 353 0.51 12.20 0.06
CA SER A 353 1.58 12.94 -0.59
C SER A 353 2.76 13.15 0.34
N ILE B 297 18.16 40.19 4.14
CA ILE B 297 18.32 40.86 2.85
C ILE B 297 18.09 39.87 1.72
N ASN B 298 17.32 40.29 0.71
CA ASN B 298 16.98 39.44 -0.43
C ASN B 298 18.06 39.60 -1.49
N PHE B 299 19.00 38.64 -1.51
CA PHE B 299 20.15 38.72 -2.39
C PHE B 299 19.78 38.66 -3.87
N PHE B 300 18.64 38.05 -4.21
CA PHE B 300 18.24 37.97 -5.61
C PHE B 300 17.93 39.34 -6.18
N GLU B 301 17.43 40.27 -5.35
CA GLU B 301 17.22 41.64 -5.82
C GLU B 301 18.54 42.29 -6.19
N ILE B 302 19.59 42.05 -5.40
CA ILE B 302 20.89 42.61 -5.70
C ILE B 302 21.48 41.98 -6.95
N TYR B 303 21.31 40.67 -7.11
CA TYR B 303 21.94 39.96 -8.22
C TYR B 303 21.44 40.47 -9.56
N ASN B 304 20.14 40.73 -9.68
CA ASN B 304 19.60 41.21 -10.94
C ASN B 304 19.97 42.65 -11.23
N SER B 305 20.33 43.42 -10.20
CA SER B 305 20.63 44.84 -10.39
C SER B 305 22.03 45.08 -10.93
N LEU B 306 22.92 44.10 -10.83
CA LEU B 306 24.29 44.30 -11.30
C LEU B 306 24.31 44.38 -12.83
N PRO B 307 25.18 45.23 -13.40
CA PRO B 307 25.13 45.46 -14.85
C PRO B 307 25.70 44.33 -15.70
N THR B 308 26.83 43.76 -15.30
CA THR B 308 27.59 42.86 -16.15
C THR B 308 27.87 41.55 -15.41
N LEU B 309 28.18 40.52 -16.19
CA LEU B 309 28.39 39.19 -15.63
C LEU B 309 29.58 39.14 -14.69
N GLU B 310 30.57 40.02 -14.86
CA GLU B 310 31.76 39.98 -14.01
C GLU B 310 31.39 40.29 -12.56
N GLU B 311 30.66 41.38 -12.34
CA GLU B 311 30.21 41.72 -10.99
C GLU B 311 29.30 40.64 -10.43
N LYS B 312 28.43 40.08 -11.28
CA LYS B 312 27.53 39.01 -10.82
C LYS B 312 28.32 37.81 -10.35
N LYS B 313 29.36 37.41 -11.08
CA LYS B 313 30.15 36.24 -10.70
C LYS B 313 30.95 36.50 -9.45
N ALA B 314 31.52 37.70 -9.31
CA ALA B 314 32.24 38.04 -8.09
C ALA B 314 31.30 38.00 -6.88
N PHE B 315 30.10 38.58 -7.03
CA PHE B 315 29.13 38.57 -5.95
C PHE B 315 28.70 37.15 -5.61
N GLU B 316 28.50 36.31 -6.62
CA GLU B 316 28.10 34.93 -6.37
C GLU B 316 29.19 34.15 -5.62
N SER B 317 30.46 34.35 -6.00
CA SER B 317 31.53 33.67 -5.29
C SER B 317 31.62 34.12 -3.84
N ALA B 318 31.57 35.44 -3.62
CA ALA B 318 31.58 35.93 -2.24
C ALA B 318 30.37 35.42 -1.46
N LEU B 319 29.23 35.32 -2.13
CA LEU B 319 28.01 34.84 -1.49
C LEU B 319 28.15 33.38 -1.08
N ASN B 320 28.79 32.56 -1.92
CA ASN B 320 29.01 31.16 -1.55
C ASN B 320 29.94 31.06 -0.35
N ILE B 321 31.02 31.85 -0.36
CA ILE B 321 31.96 31.84 0.77
C ILE B 321 31.25 32.28 2.05
N PHE B 322 30.32 33.22 1.95
CA PHE B 322 29.54 33.63 3.10
C PHE B 322 28.56 32.54 3.54
N ASN B 323 27.85 31.94 2.58
CA ASN B 323 26.77 31.01 2.88
C ASN B 323 27.27 29.67 3.40
N GLN B 324 28.56 29.37 3.24
CA GLN B 324 29.11 28.16 3.84
C GLN B 324 28.80 28.10 5.34
N ASP B 325 29.04 29.20 6.05
CA ASP B 325 28.80 29.23 7.49
C ASP B 325 27.32 29.08 7.81
N ARG B 326 26.45 29.75 7.03
CA ARG B 326 25.01 29.63 7.26
C ARG B 326 24.54 28.20 7.09
N GLN B 327 25.04 27.51 6.05
CA GLN B 327 24.67 26.11 5.86
C GLN B 327 25.17 25.25 7.02
N LYS B 328 26.42 25.48 7.46
CA LYS B 328 26.97 24.70 8.56
C LYS B 328 26.15 24.88 9.83
N VAL B 329 25.72 26.11 10.10
CA VAL B 329 24.88 26.37 11.26
C VAL B 329 23.52 25.69 11.09
N LEU B 330 22.96 25.77 9.88
CA LEU B 330 21.62 25.23 9.64
C LEU B 330 21.57 23.72 9.83
N GLU B 331 22.60 23.01 9.36
CA GLU B 331 22.54 21.54 9.43
C GLU B 331 22.67 21.03 10.85
N ASN B 332 23.50 21.66 11.67
CA ASN B 332 23.90 21.11 12.96
C ASN B 332 23.08 21.60 14.15
N ARG B 333 22.72 22.88 14.18
CA ARG B 333 22.04 23.44 15.33
C ARG B 333 20.63 23.89 15.00
N ALA B 334 19.89 23.04 14.29
CA ALA B 334 18.52 23.36 13.90
C ALA B 334 17.50 23.08 15.00
N THR B 335 17.66 22.00 15.76
CA THR B 335 16.68 21.67 16.79
C THR B 335 16.75 22.66 17.96
N GLU B 336 17.94 23.15 18.28
CA GLU B 336 18.07 24.18 19.30
C GLU B 336 17.30 25.43 18.89
N ALA B 337 17.21 25.71 17.60
CA ALA B 337 16.40 26.85 17.14
C ALA B 337 14.93 26.64 17.44
N ALA B 338 14.43 25.42 17.23
CA ALA B 338 13.04 25.12 17.57
C ALA B 338 12.79 25.24 19.07
N ARG B 339 13.75 24.78 19.88
CA ARG B 339 13.63 24.94 21.32
C ARG B 339 13.60 26.41 21.70
N GLU B 340 14.46 27.22 21.08
CA GLU B 340 14.48 28.66 21.37
C GLU B 340 13.16 29.31 20.99
N ARG B 341 12.61 28.95 19.83
CA ARG B 341 11.32 29.52 19.41
C ARG B 341 10.20 29.13 20.37
N TRP B 342 10.17 27.86 20.78
CA TRP B 342 9.18 27.41 21.76
C TRP B 342 9.29 28.22 23.04
N LYS B 343 10.51 28.34 23.58
CA LYS B 343 10.70 29.07 24.83
C LYS B 343 10.29 30.54 24.68
N HIS B 344 10.70 31.15 23.58
CA HIS B 344 10.38 32.58 23.37
C HIS B 344 8.85 32.73 23.36
N ASP B 345 8.17 31.94 22.53
CA ASP B 345 6.71 32.08 22.44
C ASP B 345 6.06 31.87 23.80
N PHE B 346 6.56 30.90 24.57
CA PHE B 346 5.99 30.68 25.90
C PHE B 346 6.19 31.90 26.80
N GLU B 347 7.39 32.48 26.78
CA GLU B 347 7.65 33.65 27.61
C GLU B 347 6.78 34.82 27.20
N GLU B 348 6.63 35.05 25.90
CA GLU B 348 5.78 36.15 25.44
C GLU B 348 4.32 35.92 25.84
N ALA B 349 3.82 34.69 25.67
CA ALA B 349 2.44 34.42 26.03
C ALA B 349 2.21 34.52 27.54
N LYS B 350 3.22 34.20 28.34
CA LYS B 350 3.07 34.29 29.78
C LYS B 350 3.14 35.74 30.26
N ALA B 351 3.99 36.55 29.63
CA ALA B 351 4.15 37.93 30.06
C ALA B 351 2.86 38.72 29.91
N ARG B 352 2.16 38.53 28.80
CA ARG B 352 0.88 39.20 28.57
C ARG B 352 -0.27 38.20 28.62
N LYS B 359 -0.48 30.93 17.59
CA LYS B 359 0.80 30.57 18.21
C LYS B 359 0.59 29.69 19.43
N ASN B 360 -0.67 29.33 19.68
CA ASN B 360 -0.99 28.53 20.86
C ASN B 360 -0.29 27.19 20.83
N LEU B 361 -0.02 26.65 19.63
CA LEU B 361 0.66 25.36 19.54
C LEU B 361 2.06 25.43 20.11
N ASN B 362 2.81 26.50 19.82
CA ASN B 362 4.17 26.62 20.34
C ASN B 362 4.18 26.73 21.86
N VAL B 363 3.15 27.33 22.45
CA VAL B 363 3.08 27.42 23.90
C VAL B 363 2.96 26.04 24.52
N LYS B 364 2.13 25.18 23.94
CA LYS B 364 1.90 23.85 24.50
C LYS B 364 3.14 22.97 24.37
N LEU B 365 3.86 23.08 23.25
CA LEU B 365 4.99 22.17 23.03
C LEU B 365 6.08 22.37 24.08
N TRP B 366 6.36 23.61 24.45
CA TRP B 366 7.33 23.84 25.51
C TRP B 366 6.83 23.32 26.85
N LYS B 367 5.52 23.35 27.07
CA LYS B 367 4.97 22.78 28.30
C LYS B 367 5.25 21.29 28.39
N TRP B 368 5.07 20.56 27.29
CA TRP B 368 5.33 19.12 27.29
C TRP B 368 6.82 18.83 27.41
N TYR B 369 7.64 19.53 26.62
CA TYR B 369 9.07 19.27 26.63
C TYR B 369 9.69 19.58 27.99
N ASN B 370 9.22 20.64 28.65
CA ASN B 370 9.73 20.95 29.97
C ASN B 370 9.20 20.00 31.02
N GLU B 371 8.07 19.34 30.75
CA GLU B 371 7.52 18.35 31.67
C GLU B 371 8.00 16.93 31.35
N MET B 372 8.29 16.64 30.08
CA MET B 372 8.85 15.35 29.73
C MET B 372 10.29 15.21 30.20
N LEU B 373 11.04 16.30 30.19
CA LEU B 373 12.47 16.25 30.50
C LEU B 373 12.78 15.62 31.85
N PRO B 374 12.07 15.90 32.95
CA PRO B 374 12.42 15.23 34.21
C PRO B 374 12.33 13.71 34.15
N LEU B 375 11.38 13.16 33.41
CA LEU B 375 11.24 11.71 33.35
C LEU B 375 12.41 11.06 32.60
N VAL B 376 12.90 11.71 31.55
CA VAL B 376 14.02 11.15 30.81
C VAL B 376 15.28 11.14 31.68
N LYS B 377 15.48 12.19 32.47
CA LYS B 377 16.64 12.22 33.35
C LYS B 377 16.56 11.14 34.41
N GLU B 378 15.34 10.79 34.85
CA GLU B 378 15.20 9.70 35.81
C GLU B 378 15.40 8.34 35.14
N GLU B 379 14.91 8.20 33.91
CA GLU B 379 15.03 6.92 33.20
C GLU B 379 16.48 6.57 32.92
N ILE B 380 17.28 7.54 32.47
CA ILE B 380 18.67 7.27 32.15
C ILE B 380 19.47 6.96 33.41
N ASN B 381 19.12 7.61 34.53
CA ASN B 381 19.82 7.34 35.79
C ASN B 381 19.65 5.90 36.23
N HIS B 382 18.45 5.34 36.04
CA HIS B 382 18.21 3.95 36.43
C HIS B 382 19.06 2.99 35.61
N CYS B 383 19.21 3.27 34.31
CA CYS B 383 20.04 2.40 33.47
C CYS B 383 21.50 2.42 33.90
N ARG B 384 22.02 3.60 34.21
CA ARG B 384 23.43 3.71 34.59
C ARG B 384 23.72 3.01 35.90
N SER B 385 22.73 2.92 36.81
CA SER B 385 22.93 2.22 38.06
C SER B 385 23.17 0.73 37.83
N LEU B 386 22.42 0.13 36.91
CA LEU B 386 22.61 -1.29 36.62
C LEU B 386 23.95 -1.53 35.93
N LEU B 387 24.36 -0.61 35.05
CA LEU B 387 25.63 -0.77 34.36
C LEU B 387 26.82 -0.47 35.26
N SER B 388 26.61 0.28 36.35
CA SER B 388 27.72 0.55 37.27
C SER B 388 28.19 -0.73 37.95
N GLU B 389 27.27 -1.57 38.38
CA GLU B 389 27.62 -2.87 38.95
C GLU B 389 27.88 -3.87 37.83
N LYS B 390 28.94 -4.65 37.98
CA LYS B 390 29.37 -5.53 36.89
C LYS B 390 28.37 -6.66 36.66
N LEU B 391 27.95 -7.35 37.71
CA LEU B 391 27.13 -8.54 37.55
C LEU B 391 26.11 -8.64 38.67
N SER B 392 24.88 -9.02 38.31
CA SER B 392 23.83 -9.30 39.28
C SER B 392 22.98 -10.42 38.69
N ASP B 393 23.06 -11.61 39.30
CA ASP B 393 22.40 -12.78 38.72
C ASP B 393 20.88 -12.69 38.85
N LYS B 394 20.38 -12.35 40.02
CA LYS B 394 18.94 -12.36 40.30
C LYS B 394 18.40 -10.94 40.20
N LYS B 395 17.66 -10.65 39.14
CA LYS B 395 17.00 -9.37 38.94
C LYS B 395 15.59 -9.59 38.43
N GLY B 396 14.70 -8.67 38.77
CA GLY B 396 13.32 -8.74 38.31
C GLY B 396 13.20 -8.72 36.81
N LEU B 397 12.44 -9.67 36.26
CA LEU B 397 12.32 -9.84 34.82
C LEU B 397 11.71 -8.62 34.12
N ASN B 398 11.09 -7.76 34.92
CA ASN B 398 10.34 -6.61 34.34
C ASN B 398 11.19 -5.70 33.48
N LYS B 399 12.13 -4.98 34.07
CA LYS B 399 12.93 -4.01 33.34
C LYS B 399 14.42 -4.17 33.62
N VAL B 400 14.80 -4.47 34.86
CA VAL B 400 16.21 -4.41 35.21
C VAL B 400 16.95 -5.67 34.76
N ASP B 401 16.24 -6.80 34.68
CA ASP B 401 16.92 -8.06 34.39
C ASP B 401 17.58 -8.05 33.02
N THR B 402 16.82 -7.72 31.98
CA THR B 402 17.39 -7.70 30.64
C THR B 402 17.04 -6.42 29.88
N ASN B 403 15.83 -5.89 30.11
CA ASN B 403 15.33 -4.81 29.27
C ASN B 403 16.15 -3.54 29.44
N ARG B 404 16.39 -3.10 30.67
CA ARG B 404 17.19 -1.91 30.88
C ARG B 404 18.67 -2.14 30.56
N LEU B 405 19.11 -3.40 30.55
CA LEU B 405 20.43 -3.72 30.03
C LEU B 405 20.44 -3.73 28.51
N GLY B 406 19.29 -4.01 27.88
CA GLY B 406 19.26 -4.06 26.43
C GLY B 406 19.45 -2.70 25.77
N TYR B 407 18.64 -1.72 26.17
CA TYR B 407 18.69 -0.39 25.58
C TYR B 407 19.42 0.62 26.47
N GLY B 408 20.11 0.15 27.50
CA GLY B 408 20.79 1.02 28.42
C GLY B 408 21.84 1.92 27.77
N PRO B 409 22.82 1.32 27.08
CA PRO B 409 23.86 2.14 26.45
C PRO B 409 23.34 3.14 25.44
N TYR B 410 22.28 2.80 24.70
CA TYR B 410 21.83 3.63 23.61
C TYR B 410 21.09 4.89 24.08
N LEU B 411 20.56 4.89 25.30
CA LEU B 411 19.95 6.10 25.84
C LEU B 411 20.99 7.11 26.31
N THR B 412 22.12 6.62 26.84
CA THR B 412 23.12 7.48 27.47
C THR B 412 23.85 8.36 26.46
N LEU B 413 23.68 8.11 25.16
CA LEU B 413 24.49 8.79 24.15
C LEU B 413 24.24 10.29 24.13
N ILE B 414 23.02 10.70 23.78
CA ILE B 414 22.74 12.09 23.46
C ILE B 414 21.99 12.77 24.60
N ASP B 415 21.87 14.09 24.51
CA ASP B 415 21.28 14.88 25.58
C ASP B 415 19.79 14.57 25.73
N PRO B 416 19.28 14.46 26.95
CA PRO B 416 17.85 14.16 27.13
C PRO B 416 16.92 15.17 26.50
N GLY B 417 17.25 16.47 26.57
CA GLY B 417 16.41 17.47 25.94
C GLY B 417 16.33 17.28 24.44
N LYS B 418 17.45 16.90 23.81
CA LYS B 418 17.43 16.58 22.40
C LYS B 418 16.52 15.40 22.12
N MET B 419 16.55 14.38 22.97
CA MET B 419 15.67 13.23 22.78
C MET B 419 14.21 13.64 22.85
N CYS B 420 13.85 14.49 23.82
CA CYS B 420 12.48 14.97 23.92
C CYS B 420 12.06 15.74 22.68
N VAL B 421 12.95 16.61 22.20
CA VAL B 421 12.62 17.39 21.00
C VAL B 421 12.40 16.46 19.81
N ILE B 422 13.28 15.47 19.64
CA ILE B 422 13.17 14.58 18.49
C ILE B 422 11.88 13.76 18.57
N THR B 423 11.55 13.22 19.75
CA THR B 423 10.33 12.40 19.82
C THR B 423 9.08 13.24 19.57
N ILE B 424 9.01 14.45 20.13
CA ILE B 424 7.84 15.34 19.90
C ILE B 424 7.74 15.66 18.40
N LEU B 425 8.85 16.03 17.77
CA LEU B 425 8.81 16.39 16.35
C LEU B 425 8.41 15.20 15.49
N GLU B 426 8.96 14.03 15.77
CA GLU B 426 8.65 12.85 14.97
C GLU B 426 7.19 12.44 15.11
N LEU B 427 6.63 12.49 16.32
CA LEU B 427 5.21 12.19 16.47
C LEU B 427 4.34 13.22 15.77
N LEU B 428 4.66 14.50 15.91
CA LEU B 428 3.82 15.52 15.28
C LEU B 428 3.91 15.49 13.76
N LYS B 429 5.03 15.00 13.19
CA LYS B 429 5.12 14.90 11.74
C LYS B 429 4.29 13.73 11.20
N LEU B 430 4.32 12.59 11.88
CA LEU B 430 3.59 11.41 11.43
C LEU B 430 2.14 11.55 11.85
N ASN B 431 1.34 12.19 10.99
CA ASN B 431 -0.09 12.34 11.20
C ASN B 431 -0.83 11.85 9.98
N SER B 432 -1.87 11.05 10.22
CA SER B 432 -2.66 10.43 9.16
C SER B 432 -1.78 9.68 8.17
N THR B 433 -0.90 8.84 8.71
CA THR B 433 -0.02 8.00 7.90
C THR B 433 -0.30 6.54 8.19
N GLY B 434 -0.10 5.69 7.19
CA GLY B 434 -0.31 4.25 7.38
C GLY B 434 -1.77 3.91 7.22
N GLY B 435 -2.61 4.93 7.09
CA GLY B 435 -4.05 4.68 6.88
C GLY B 435 -4.88 4.80 8.14
N VAL B 436 -4.27 5.12 9.28
CA VAL B 436 -5.08 5.38 10.52
C VAL B 436 -5.82 6.71 10.31
N ILE B 437 -7.09 6.81 10.73
CA ILE B 437 -7.91 8.02 10.43
C ILE B 437 -7.33 9.30 11.05
N GLU B 438 -6.92 9.27 12.32
CA GLU B 438 -6.43 10.53 12.96
C GLU B 438 -5.13 10.23 13.71
N GLY B 439 -4.26 9.39 13.15
CA GLY B 439 -3.04 9.02 13.85
C GLY B 439 -1.98 8.37 12.98
N MET B 440 -1.37 7.31 13.51
CA MET B 440 -0.27 6.64 12.83
C MET B 440 -0.19 5.21 13.33
N ARG B 441 0.67 4.42 12.68
CA ARG B 441 0.93 3.06 13.09
C ARG B 441 2.09 3.03 14.08
N THR B 442 1.96 2.20 15.11
CA THR B 442 2.91 2.22 16.21
C THR B 442 4.31 1.81 15.77
N ALA B 443 4.41 0.76 14.96
CA ALA B 443 5.72 0.27 14.53
C ALA B 443 6.46 1.32 13.72
N ARG B 444 5.77 1.96 12.78
CA ARG B 444 6.40 3.03 11.99
C ARG B 444 6.83 4.18 12.89
N ALA B 445 6.00 4.55 13.86
CA ALA B 445 6.35 5.64 14.76
C ALA B 445 7.62 5.34 15.55
N VAL B 446 7.68 4.17 16.17
CA VAL B 446 8.83 3.85 17.01
C VAL B 446 10.09 3.70 16.16
N ILE B 447 9.96 3.11 14.96
CA ILE B 447 11.11 2.95 14.08
C ILE B 447 11.62 4.32 13.62
N SER B 448 10.70 5.22 13.26
CA SER B 448 11.12 6.55 12.83
C SER B 448 11.82 7.30 13.95
N VAL B 449 11.29 7.19 15.18
CA VAL B 449 11.94 7.87 16.30
C VAL B 449 13.34 7.32 16.52
N GLY B 450 13.49 5.99 16.49
CA GLY B 450 14.82 5.41 16.68
C GLY B 450 15.80 5.83 15.60
N LYS B 451 15.35 5.84 14.34
CA LYS B 451 16.23 6.23 13.25
C LYS B 451 16.63 7.70 13.38
N ALA B 452 15.69 8.56 13.78
CA ALA B 452 16.03 9.97 13.97
C ALA B 452 17.04 10.15 15.10
N ILE B 453 16.88 9.40 16.19
CA ILE B 453 17.85 9.47 17.28
C ILE B 453 19.23 9.07 16.78
N GLU B 454 19.30 7.99 16.00
CA GLU B 454 20.58 7.53 15.47
C GLU B 454 21.22 8.56 14.55
N MET B 455 20.41 9.19 13.69
CA MET B 455 20.94 10.22 12.81
C MET B 455 21.49 11.41 13.58
N GLU B 456 20.77 11.84 14.62
CA GLU B 456 21.27 12.93 15.46
C GLU B 456 22.59 12.55 16.12
N PHE B 457 22.69 11.32 16.63
CA PHE B 457 23.95 10.85 17.25
C PHE B 457 25.08 10.91 16.22
N ARG B 458 24.86 10.43 14.98
CA ARG B 458 26.00 10.38 14.02
C ARG B 458 26.36 11.79 13.53
N SER B 459 25.40 12.72 13.43
CA SER B 459 25.76 14.10 13.10
C SER B 459 26.59 14.72 14.20
N GLU B 460 26.18 14.53 15.46
CA GLU B 460 26.97 15.07 16.57
C GLU B 460 28.35 14.44 16.61
N GLN B 461 28.44 13.14 16.35
CA GLN B 461 29.72 12.44 16.40
C GLN B 461 30.67 12.97 15.33
N VAL B 462 30.18 13.15 14.11
CA VAL B 462 31.06 13.63 13.05
C VAL B 462 31.47 15.08 13.32
N LEU B 463 30.56 15.89 13.87
CA LEU B 463 30.91 17.26 14.20
C LEU B 463 32.01 17.29 15.25
N LYS B 464 31.89 16.46 16.30
CA LYS B 464 32.92 16.42 17.33
C LYS B 464 34.25 15.95 16.75
N SER B 465 34.22 14.90 15.91
CA SER B 465 35.47 14.36 15.37
C SER B 465 36.17 15.37 14.46
N GLU B 466 35.41 16.11 13.66
CA GLU B 466 36.00 17.07 12.74
C GLU B 466 36.22 18.44 13.37
N SER B 467 35.77 18.65 14.60
CA SER B 467 36.04 19.90 15.30
C SER B 467 37.18 19.80 16.31
N GLN B 468 37.33 18.66 16.99
CA GLN B 468 38.43 18.52 17.95
C GLN B 468 39.79 18.51 17.26
N ALA B 469 39.83 18.13 15.98
CA ALA B 469 41.09 18.13 15.23
C ALA B 469 41.10 19.26 14.20
N LYS B 500 27.05 -0.03 17.77
CA LYS B 500 27.44 -0.73 16.55
C LYS B 500 27.63 0.26 15.41
N ILE B 501 27.96 -0.25 14.23
CA ILE B 501 28.10 0.60 13.04
C ILE B 501 26.75 1.11 12.57
N LEU B 502 25.71 0.29 12.66
CA LEU B 502 24.34 0.70 12.47
C LEU B 502 23.50 -0.01 13.51
N TRP B 503 22.57 0.70 14.14
CA TRP B 503 21.79 0.09 15.21
C TRP B 503 20.85 -0.97 14.64
N PRO B 504 20.73 -2.12 15.30
CA PRO B 504 19.76 -3.12 14.85
C PRO B 504 18.34 -2.62 15.09
N GLN B 505 17.42 -3.06 14.23
CA GLN B 505 16.04 -2.64 14.38
C GLN B 505 15.37 -3.23 15.61
N SER B 506 15.96 -4.26 16.22
CA SER B 506 15.51 -4.72 17.52
C SER B 506 15.98 -3.81 18.65
N ILE B 507 16.87 -2.85 18.36
CA ILE B 507 17.27 -1.84 19.32
C ILE B 507 16.68 -0.47 18.99
N ARG B 508 16.51 -0.14 17.71
CA ARG B 508 15.89 1.13 17.35
C ARG B 508 14.47 1.23 17.89
N ALA B 509 13.74 0.12 17.86
CA ALA B 509 12.34 0.15 18.27
C ALA B 509 12.21 0.46 19.77
N ARG B 510 13.08 -0.10 20.60
CA ARG B 510 12.91 0.03 22.04
C ARG B 510 13.13 1.47 22.50
N ILE B 511 14.10 2.17 21.90
CA ILE B 511 14.32 3.57 22.25
C ILE B 511 13.08 4.40 21.95
N GLY B 512 12.53 4.22 20.75
CA GLY B 512 11.32 4.94 20.39
C GLY B 512 10.15 4.58 21.28
N SER B 513 10.03 3.30 21.64
CA SER B 513 8.95 2.89 22.51
C SER B 513 9.07 3.54 23.89
N VAL B 514 10.28 3.60 24.44
CA VAL B 514 10.46 4.23 25.75
C VAL B 514 10.12 5.71 25.67
N LEU B 515 10.64 6.42 24.67
CA LEU B 515 10.38 7.85 24.57
C LEU B 515 8.90 8.13 24.37
N ILE B 516 8.24 7.37 23.48
CA ILE B 516 6.83 7.60 23.22
C ILE B 516 5.99 7.22 24.43
N SER B 517 6.37 6.16 25.15
CA SER B 517 5.63 5.76 26.34
C SER B 517 5.74 6.79 27.44
N MET B 518 6.85 7.53 27.50
CA MET B 518 6.88 8.68 28.41
C MET B 518 6.00 9.80 27.92
N LEU B 519 6.11 10.13 26.62
CA LEU B 519 5.35 11.27 26.10
C LEU B 519 3.84 11.07 26.20
N ILE B 520 3.37 9.83 26.10
CA ILE B 520 1.94 9.58 26.18
C ILE B 520 1.38 10.04 27.52
N GLN B 521 2.09 9.74 28.60
CA GLN B 521 1.62 10.15 29.92
C GLN B 521 1.97 11.60 30.23
N VAL B 522 3.00 12.16 29.59
CA VAL B 522 3.34 13.56 29.85
C VAL B 522 2.29 14.50 29.24
N ALA B 523 1.90 14.25 28.00
CA ALA B 523 1.12 15.21 27.25
C ALA B 523 -0.31 15.34 27.78
N LYS B 524 -0.83 16.57 27.73
CA LYS B 524 -2.20 16.87 28.14
C LYS B 524 -2.77 17.92 27.20
N VAL B 525 -4.10 17.94 27.09
CA VAL B 525 -4.78 18.90 26.24
C VAL B 525 -6.18 19.13 26.80
N SER B 526 -6.71 20.33 26.57
CA SER B 526 -8.00 20.73 27.10
C SER B 526 -9.10 20.47 26.09
N VAL B 527 -10.17 19.82 26.53
CA VAL B 527 -11.27 19.41 25.66
C VAL B 527 -12.58 19.95 26.22
N GLN B 528 -13.51 20.23 25.31
CA GLN B 528 -14.86 20.69 25.65
C GLN B 528 -15.84 19.59 25.27
N GLY B 529 -16.65 19.16 26.23
CA GLY B 529 -17.63 18.12 25.98
C GLY B 529 -19.02 18.58 26.36
N VAL B 530 -20.01 17.86 25.83
CA VAL B 530 -21.42 18.13 26.10
C VAL B 530 -22.01 16.91 26.79
N ASP B 531 -22.64 17.13 27.93
CA ASP B 531 -23.22 16.03 28.68
C ASP B 531 -24.34 15.39 27.85
N PRO B 532 -24.47 14.06 27.89
CA PRO B 532 -25.54 13.41 27.12
C PRO B 532 -26.89 13.48 27.80
N VAL B 533 -26.91 13.43 29.13
CA VAL B 533 -28.17 13.37 29.88
C VAL B 533 -28.67 14.78 30.20
N THR B 534 -27.90 15.53 30.97
CA THR B 534 -28.31 16.85 31.41
C THR B 534 -28.03 17.93 30.36
N LYS B 535 -27.26 17.59 29.32
CA LYS B 535 -26.92 18.53 28.23
C LYS B 535 -26.17 19.75 28.76
N ALA B 536 -25.36 19.56 29.80
CA ALA B 536 -24.58 20.64 30.39
C ALA B 536 -23.16 20.59 29.86
N LYS B 537 -22.72 21.68 29.24
CA LYS B 537 -21.38 21.74 28.68
C LYS B 537 -20.33 21.76 29.80
N VAL B 538 -19.27 20.98 29.60
CA VAL B 538 -18.19 20.85 30.58
C VAL B 538 -16.85 20.94 29.87
N HIS B 539 -15.81 21.22 30.65
CA HIS B 539 -14.44 21.24 30.17
C HIS B 539 -13.65 20.13 30.87
N GLY B 540 -12.47 19.84 30.35
CA GLY B 540 -11.64 18.85 30.99
C GLY B 540 -10.26 18.77 30.37
N GLU B 541 -9.41 17.99 31.02
CA GLU B 541 -8.06 17.70 30.54
C GLU B 541 -7.95 16.22 30.21
N ALA B 542 -7.47 15.92 29.02
CA ALA B 542 -7.31 14.55 28.56
C ALA B 542 -5.96 14.39 27.88
N PRO B 543 -5.38 13.19 27.89
CA PRO B 543 -4.09 13.00 27.22
C PRO B 543 -4.18 13.35 25.74
N ALA B 544 -3.11 13.98 25.24
CA ALA B 544 -3.11 14.42 23.85
C ALA B 544 -3.04 13.24 22.90
N PHE B 545 -2.23 12.23 23.22
CA PHE B 545 -2.12 11.04 22.40
C PHE B 545 -2.56 9.82 23.22
N ALA B 546 -3.03 8.80 22.50
CA ALA B 546 -3.45 7.55 23.12
C ALA B 546 -3.00 6.40 22.23
N HIS B 547 -2.99 5.20 22.81
CA HIS B 547 -2.55 4.00 22.11
C HIS B 547 -3.70 3.01 22.07
N GLY B 548 -4.00 2.48 20.89
CA GLY B 548 -5.07 1.51 20.74
C GLY B 548 -4.77 0.46 19.70
N TYR B 549 -5.78 -0.33 19.35
CA TYR B 549 -5.66 -1.33 18.30
C TYR B 549 -6.85 -1.21 17.35
N GLN B 550 -6.64 -1.67 16.12
CA GLN B 550 -7.70 -1.67 15.12
C GLN B 550 -7.57 -2.92 14.28
N TYR B 551 -8.61 -3.23 13.53
CA TYR B 551 -8.58 -4.51 12.78
C TYR B 551 -8.83 -4.27 11.30
N HIS B 552 -8.02 -4.85 10.44
CA HIS B 552 -8.32 -4.80 9.00
C HIS B 552 -8.32 -6.25 8.51
N ASN B 553 -9.45 -6.76 8.02
CA ASN B 553 -9.52 -8.13 7.47
C ASN B 553 -8.88 -9.15 8.41
N GLY B 554 -9.34 -9.25 9.66
CA GLY B 554 -8.87 -10.27 10.57
C GLY B 554 -7.39 -10.17 10.94
N SER B 555 -6.93 -8.97 11.28
CA SER B 555 -5.55 -8.78 11.69
C SER B 555 -5.45 -7.50 12.50
N LYS B 556 -4.88 -7.60 13.70
CA LYS B 556 -4.77 -6.43 14.57
C LYS B 556 -3.78 -5.43 14.00
N LEU B 557 -3.85 -4.20 14.50
CA LEU B 557 -2.97 -3.13 14.03
C LEU B 557 -2.86 -2.11 15.15
N GLY B 558 -1.74 -2.14 15.87
CA GLY B 558 -1.52 -1.16 16.93
C GLY B 558 -1.39 0.23 16.33
N VAL B 559 -2.14 1.19 16.89
CA VAL B 559 -2.16 2.54 16.36
C VAL B 559 -1.95 3.54 17.49
N LEU B 560 -1.37 4.68 17.13
CA LEU B 560 -1.26 5.84 18.01
C LEU B 560 -2.19 6.93 17.49
N LYS B 561 -3.05 7.44 18.36
CA LYS B 561 -4.09 8.37 17.95
C LYS B 561 -3.90 9.71 18.65
N ILE B 562 -4.34 10.77 17.98
CA ILE B 562 -4.18 12.15 18.42
C ILE B 562 -5.55 12.74 18.70
N HIS B 563 -5.64 13.52 19.78
CA HIS B 563 -6.89 14.18 20.11
C HIS B 563 -7.29 15.16 19.01
N LYS B 564 -8.60 15.31 18.81
CA LYS B 564 -9.09 16.17 17.73
C LYS B 564 -8.66 17.61 17.93
N THR B 565 -8.45 18.03 19.18
CA THR B 565 -8.04 19.41 19.44
C THR B 565 -6.70 19.72 18.78
N LEU B 566 -5.73 18.81 18.93
CA LEU B 566 -4.44 19.01 18.26
C LEU B 566 -4.59 19.04 16.75
N ILE B 567 -5.50 18.22 16.22
CA ILE B 567 -5.69 18.16 14.77
C ILE B 567 -6.23 19.49 14.26
N ARG B 568 -7.26 20.02 14.92
CA ARG B 568 -7.80 21.31 14.47
C ARG B 568 -6.83 22.45 14.75
N GLN B 569 -5.92 22.28 15.71
CA GLN B 569 -4.85 23.25 15.86
C GLN B 569 -3.87 23.20 14.70
N LEU B 570 -3.61 21.99 14.17
CA LEU B 570 -2.68 21.81 13.07
C LEU B 570 -3.25 22.22 11.72
N ASN B 571 -4.37 22.93 11.71
CA ASN B 571 -4.93 23.44 10.43
C ASN B 571 -5.22 24.94 10.57
N GLY B 572 -4.51 25.63 11.49
CA GLY B 572 -4.71 27.05 11.71
C GLY B 572 -4.10 27.91 10.62
N GLU B 573 -3.65 29.12 11.00
CA GLU B 573 -3.09 30.06 9.99
C GLU B 573 -1.80 29.50 9.41
N ARG B 574 -0.77 29.38 10.24
CA ARG B 574 0.55 28.96 9.77
C ARG B 574 1.30 28.33 10.94
N LEU B 575 2.37 27.62 10.59
CA LEU B 575 3.18 26.88 11.56
C LEU B 575 4.63 27.32 11.34
N ILE B 576 5.02 28.43 11.96
CA ILE B 576 6.33 29.09 11.66
C ILE B 576 7.57 28.24 11.94
N ALA B 577 7.65 27.62 13.12
CA ALA B 577 8.91 26.95 13.45
C ALA B 577 8.75 25.66 14.24
N SER B 578 7.52 25.20 14.48
CA SER B 578 7.33 24.06 15.37
C SER B 578 7.85 22.77 14.74
N VAL B 579 7.48 22.51 13.49
CA VAL B 579 7.94 21.33 12.76
C VAL B 579 8.70 21.82 11.54
N GLN B 580 10.03 21.71 11.64
CA GLN B 580 10.90 22.18 10.55
C GLN B 580 11.62 20.94 9.98
N PRO B 581 11.71 20.72 8.65
CA PRO B 581 12.30 19.51 8.09
C PRO B 581 13.80 19.43 8.35
N GLN B 582 14.28 18.22 8.58
CA GLN B 582 15.70 17.99 8.84
C GLN B 582 16.51 17.81 7.56
N LEU B 583 15.86 17.82 6.39
CA LEU B 583 16.52 17.49 5.14
C LEU B 583 16.09 18.50 4.07
N LEU B 584 16.11 19.79 4.44
CA LEU B 584 15.68 20.88 3.58
C LEU B 584 16.80 21.31 2.64
N PRO B 585 16.49 22.04 1.56
CA PRO B 585 17.48 22.26 0.50
C PRO B 585 18.71 23.03 0.98
N MET B 586 19.82 22.79 0.29
CA MET B 586 21.11 23.35 0.67
C MET B 586 21.18 24.84 0.32
N LEU B 587 22.20 25.49 0.89
CA LEU B 587 22.47 26.90 0.64
C LEU B 587 23.69 27.14 -0.24
N VAL B 588 24.50 26.11 -0.48
CA VAL B 588 25.73 26.22 -1.24
C VAL B 588 25.76 25.10 -2.28
N GLU B 589 26.87 25.00 -2.99
CA GLU B 589 27.02 23.95 -3.98
C GLU B 589 27.03 22.58 -3.29
N PRO B 590 26.27 21.61 -3.78
CA PRO B 590 26.26 20.29 -3.15
C PRO B 590 27.59 19.58 -3.32
N LYS B 591 27.82 18.63 -2.42
CA LYS B 591 29.04 17.83 -2.49
C LYS B 591 28.98 16.90 -3.69
N PRO B 592 29.92 16.98 -4.62
CA PRO B 592 29.83 16.16 -5.84
C PRO B 592 29.90 14.68 -5.53
N TRP B 593 29.26 13.89 -6.39
CA TRP B 593 29.23 12.43 -6.23
C TRP B 593 30.52 11.86 -6.78
N VAL B 594 31.37 11.34 -5.90
CA VAL B 594 32.62 10.70 -6.29
C VAL B 594 32.68 9.23 -5.89
N ASN B 595 31.70 8.73 -5.15
CA ASN B 595 31.67 7.36 -4.69
C ASN B 595 30.23 7.02 -4.33
N TRP B 596 29.96 5.72 -4.19
CA TRP B 596 28.60 5.26 -3.91
C TRP B 596 28.13 5.59 -2.50
N ARG B 597 29.01 6.08 -1.63
CA ARG B 597 28.61 6.40 -0.26
C ARG B 597 29.12 7.77 0.18
N SER B 598 29.44 8.65 -0.77
CA SER B 598 29.95 9.98 -0.44
C SER B 598 29.40 10.98 -1.42
N GLY B 599 28.60 11.92 -0.93
CA GLY B 599 28.05 12.97 -1.77
C GLY B 599 26.82 13.57 -1.15
N GLY B 600 26.40 14.67 -1.74
CA GLY B 600 25.17 15.35 -1.30
C GLY B 600 25.45 16.38 -0.20
N TYR B 601 24.99 16.09 1.01
CA TYR B 601 25.07 17.02 2.11
C TYR B 601 26.45 16.99 2.75
N HIS B 602 26.79 18.11 3.42
CA HIS B 602 28.12 18.24 4.03
C HIS B 602 28.22 17.40 5.29
N TYR B 603 27.38 17.69 6.29
CA TYR B 603 27.42 16.94 7.54
C TYR B 603 26.64 15.64 7.49
N THR B 604 25.80 15.46 6.48
CA THR B 604 24.95 14.28 6.36
C THR B 604 25.42 13.43 5.19
N GLN B 605 25.51 12.12 5.41
CA GLN B 605 25.93 11.18 4.39
C GLN B 605 24.73 10.39 3.88
N SER B 606 24.59 10.30 2.57
CA SER B 606 23.46 9.64 1.93
C SER B 606 23.95 8.61 0.93
N THR B 607 23.30 7.45 0.93
CA THR B 607 23.65 6.39 0.00
C THR B 607 23.06 6.69 -1.38
N LEU B 608 23.76 6.23 -2.42
CA LEU B 608 23.31 6.46 -3.79
C LEU B 608 21.89 5.94 -4.01
N LEU B 609 21.61 4.72 -3.57
CA LEU B 609 20.31 4.10 -3.81
C LEU B 609 19.36 4.38 -2.66
N ARG B 610 18.09 4.60 -2.99
CA ARG B 610 17.07 4.81 -1.97
C ARG B 610 16.69 3.51 -1.28
N THR B 611 16.67 2.41 -2.02
CA THR B 611 16.23 1.12 -1.50
C THR B 611 17.30 0.58 -0.56
N LYS B 612 17.13 0.84 0.74
CA LYS B 612 18.04 0.36 1.76
C LYS B 612 17.55 -0.93 2.42
N ASP B 613 16.46 -1.51 1.93
CA ASP B 613 15.89 -2.71 2.53
C ASP B 613 16.77 -3.93 2.29
N SER B 614 17.37 -4.05 1.11
CA SER B 614 18.11 -5.26 0.76
C SER B 614 19.61 -5.04 0.89
N PRO B 615 20.35 -6.08 1.30
CA PRO B 615 21.82 -5.95 1.39
C PRO B 615 22.53 -6.31 0.09
N GLU B 616 21.86 -7.10 -0.78
CA GLU B 616 22.49 -7.51 -2.03
C GLU B 616 22.66 -6.33 -2.98
N GLN B 617 21.70 -5.41 -3.00
CA GLN B 617 21.85 -4.20 -3.79
C GLN B 617 23.06 -3.40 -3.30
N VAL B 618 23.23 -3.30 -1.99
CA VAL B 618 24.39 -2.61 -1.43
C VAL B 618 25.68 -3.29 -1.84
N ALA B 619 25.70 -4.63 -1.79
CA ALA B 619 26.91 -5.37 -2.14
C ALA B 619 27.28 -5.13 -3.60
N TYR B 620 26.31 -5.25 -4.50
CA TYR B 620 26.62 -5.05 -5.91
C TYR B 620 26.99 -3.60 -6.22
N LEU B 621 26.34 -2.64 -5.56
CA LEU B 621 26.70 -1.24 -5.78
C LEU B 621 28.10 -0.95 -5.28
N LYS B 622 28.48 -1.52 -4.14
CA LYS B 622 29.84 -1.36 -3.65
C LYS B 622 30.85 -1.98 -4.61
N ALA B 623 30.55 -3.17 -5.13
CA ALA B 623 31.45 -3.81 -6.07
C ALA B 623 31.61 -2.98 -7.33
N ALA B 624 30.52 -2.43 -7.86
CA ALA B 624 30.60 -1.63 -9.08
C ALA B 624 31.24 -0.28 -8.83
N SER B 625 31.12 0.26 -7.62
CA SER B 625 31.76 1.53 -7.29
C SER B 625 33.25 1.38 -7.05
N ASP B 626 33.69 0.23 -6.55
CA ASP B 626 35.11 0.04 -6.26
C ASP B 626 35.95 0.14 -7.53
N ASN B 627 35.51 -0.53 -8.60
CA ASN B 627 36.23 -0.44 -9.87
C ASN B 627 36.08 0.95 -10.48
N GLY B 628 34.86 1.47 -10.54
CA GLY B 628 34.61 2.75 -11.15
C GLY B 628 33.85 2.65 -12.46
N ASP B 629 32.90 1.72 -12.53
CA ASP B 629 32.14 1.47 -13.74
C ASP B 629 31.02 2.48 -13.97
N ILE B 630 30.70 3.31 -12.97
CA ILE B 630 29.49 4.14 -13.03
C ILE B 630 29.85 5.62 -13.05
N ASP B 631 30.97 5.97 -13.68
CA ASP B 631 31.37 7.38 -13.77
C ASP B 631 30.30 8.22 -14.46
N ARG B 632 29.59 7.64 -15.43
CA ARG B 632 28.56 8.41 -16.14
C ARG B 632 27.37 8.72 -15.24
N VAL B 633 27.02 7.78 -14.35
CA VAL B 633 25.97 8.04 -13.37
C VAL B 633 26.38 9.18 -12.45
N TYR B 634 27.63 9.17 -11.99
CA TYR B 634 28.14 10.29 -11.19
C TYR B 634 28.04 11.60 -11.95
N ASP B 635 28.41 11.59 -13.23
CA ASP B 635 28.39 12.83 -14.01
C ASP B 635 26.98 13.37 -14.14
N GLY B 636 26.02 12.49 -14.46
CA GLY B 636 24.64 12.94 -14.58
C GLY B 636 24.09 13.47 -13.27
N LEU B 637 24.34 12.77 -12.17
CA LEU B 637 23.85 13.23 -10.88
C LEU B 637 24.47 14.57 -10.50
N ASN B 638 25.78 14.74 -10.76
CA ASN B 638 26.43 16.00 -10.44
C ASN B 638 25.85 17.14 -11.26
N VAL B 639 25.58 16.89 -12.55
CA VAL B 639 25.02 17.95 -13.38
C VAL B 639 23.61 18.32 -12.89
N LEU B 640 22.80 17.32 -12.54
CA LEU B 640 21.46 17.62 -12.06
C LEU B 640 21.51 18.39 -10.74
N GLY B 641 22.40 18.00 -9.83
CA GLY B 641 22.39 18.58 -8.50
C GLY B 641 22.78 20.04 -8.45
N ARG B 642 23.77 20.44 -9.24
CA ARG B 642 24.38 21.76 -9.11
C ARG B 642 23.61 22.87 -9.80
N THR B 643 22.36 22.65 -10.18
CA THR B 643 21.56 23.72 -10.78
C THR B 643 21.02 24.64 -9.70
N PRO B 644 21.34 25.93 -9.74
CA PRO B 644 20.85 26.85 -8.70
C PRO B 644 19.42 27.30 -8.98
N TRP B 645 18.58 27.23 -7.96
CA TRP B 645 17.20 27.68 -8.03
C TRP B 645 17.00 28.91 -7.16
N THR B 646 15.83 29.53 -7.30
CA THR B 646 15.42 30.58 -6.39
C THR B 646 13.89 30.64 -6.34
N VAL B 647 13.38 31.07 -5.20
CA VAL B 647 11.94 31.06 -4.97
C VAL B 647 11.29 32.21 -5.73
N ASN B 648 10.20 31.92 -6.42
CA ASN B 648 9.46 32.96 -7.13
C ASN B 648 8.82 33.91 -6.12
N ARG B 649 8.74 35.19 -6.50
CA ARG B 649 8.29 36.24 -5.59
C ARG B 649 6.83 36.61 -5.80
N LYS B 650 6.46 36.99 -7.03
CA LYS B 650 5.09 37.44 -7.27
C LYS B 650 4.09 36.31 -7.07
N VAL B 651 4.44 35.10 -7.49
CA VAL B 651 3.54 33.96 -7.28
C VAL B 651 3.39 33.66 -5.80
N PHE B 652 4.46 33.85 -5.02
CA PHE B 652 4.34 33.69 -3.58
C PHE B 652 3.39 34.70 -2.98
N ASP B 653 3.42 35.94 -3.47
CA ASP B 653 2.47 36.95 -3.02
C ASP B 653 1.04 36.53 -3.35
N VAL B 654 0.82 36.05 -4.57
CA VAL B 654 -0.54 35.66 -4.97
C VAL B 654 -1.03 34.50 -4.13
N VAL B 655 -0.16 33.52 -3.86
CA VAL B 655 -0.56 32.38 -3.03
C VAL B 655 -0.84 32.81 -1.60
N SER B 656 -0.02 33.73 -1.08
CA SER B 656 -0.24 34.23 0.27
C SER B 656 -1.58 34.92 0.39
N GLN B 657 -1.95 35.71 -0.63
CA GLN B 657 -3.26 36.36 -0.61
C GLN B 657 -4.39 35.33 -0.68
N VAL B 658 -4.21 34.28 -1.47
CA VAL B 658 -5.26 33.26 -1.58
C VAL B 658 -5.37 32.45 -0.29
N TRP B 659 -4.24 32.12 0.33
CA TRP B 659 -4.28 31.39 1.60
C TRP B 659 -4.98 32.20 2.69
N ASN B 660 -4.70 33.49 2.76
CA ASN B 660 -5.30 34.31 3.80
C ASN B 660 -6.82 34.40 3.65
N LYS B 661 -7.32 34.23 2.43
CA LYS B 661 -8.76 34.28 2.20
C LYS B 661 -9.50 33.21 3.00
N GLY B 662 -8.85 32.08 3.25
CA GLY B 662 -9.47 31.03 4.04
C GLY B 662 -10.52 30.22 3.33
N GLU B 663 -10.71 30.41 2.04
CA GLU B 663 -11.71 29.71 1.26
C GLU B 663 -11.04 28.77 0.26
N GLY B 664 -11.79 27.76 -0.16
CA GLY B 664 -11.26 26.81 -1.13
C GLY B 664 -10.94 27.48 -2.45
N PHE B 665 -9.81 27.08 -3.03
CA PHE B 665 -9.36 27.62 -4.31
C PHE B 665 -9.11 26.49 -5.30
N LEU B 666 -8.40 26.80 -6.39
CA LEU B 666 -8.13 25.86 -7.47
C LEU B 666 -7.85 24.44 -6.98
N ASP B 667 -6.91 24.29 -6.06
CA ASP B 667 -6.62 22.99 -5.47
C ASP B 667 -6.49 23.04 -3.96
N ILE B 668 -6.48 24.21 -3.34
CA ILE B 668 -6.42 24.31 -1.89
C ILE B 668 -7.82 24.05 -1.34
N PRO B 669 -8.03 23.01 -0.53
CA PRO B 669 -9.39 22.58 -0.20
C PRO B 669 -10.18 23.56 0.65
N GLY B 670 -9.53 24.48 1.35
CA GLY B 670 -10.27 25.39 2.22
C GLY B 670 -10.51 24.77 3.58
N ALA B 671 -10.62 25.59 4.61
CA ALA B 671 -10.72 25.09 5.99
C ALA B 671 -12.15 24.66 6.28
N GLN B 672 -12.39 23.35 6.21
CA GLN B 672 -13.67 22.79 6.61
C GLN B 672 -13.55 22.25 8.04
N ASP B 673 -14.56 22.55 8.86
CA ASP B 673 -14.53 22.17 10.27
C ASP B 673 -15.19 20.82 10.51
N GLU B 674 -16.46 20.69 10.15
CA GLU B 674 -17.22 19.47 10.32
C GLU B 674 -17.59 18.90 8.96
N MET B 675 -17.43 17.59 8.81
CA MET B 675 -17.79 16.92 7.58
C MET B 675 -19.23 16.44 7.63
N VAL B 676 -19.72 15.98 6.47
CA VAL B 676 -21.13 15.64 6.27
C VAL B 676 -21.25 14.15 6.00
N LEU B 677 -22.22 13.51 6.66
CA LEU B 677 -22.53 12.11 6.44
C LEU B 677 -24.04 11.95 6.25
N PRO B 678 -24.46 11.12 5.30
CA PRO B 678 -25.89 10.90 5.06
C PRO B 678 -26.52 10.22 6.26
N PRO B 679 -27.83 10.40 6.46
CA PRO B 679 -28.50 9.72 7.57
C PRO B 679 -28.42 8.20 7.44
N ALA B 680 -28.27 7.53 8.57
CA ALA B 680 -28.11 6.09 8.56
C ALA B 680 -29.43 5.42 8.20
N PRO B 681 -29.41 4.36 7.40
CA PRO B 681 -30.64 3.66 7.05
C PRO B 681 -31.21 2.94 8.25
N PRO B 682 -32.51 2.66 8.25
CA PRO B 682 -33.10 1.91 9.37
C PRO B 682 -32.45 0.55 9.53
N LYS B 683 -32.25 0.13 10.77
CA LYS B 683 -31.53 -1.10 11.05
C LYS B 683 -32.25 -2.33 10.51
N ASN B 684 -33.54 -2.24 10.23
CA ASN B 684 -34.28 -3.36 9.66
C ASN B 684 -33.98 -3.56 8.19
N SER B 685 -33.21 -2.67 7.56
CA SER B 685 -32.96 -2.77 6.14
C SER B 685 -32.08 -3.96 5.82
N ASP B 686 -32.13 -4.39 4.56
CA ASP B 686 -31.37 -5.54 4.12
C ASP B 686 -29.87 -5.30 4.37
N PRO B 687 -29.12 -6.35 4.71
CA PRO B 687 -27.70 -6.15 5.03
C PRO B 687 -26.90 -5.52 3.91
N SER B 688 -27.27 -5.77 2.65
CA SER B 688 -26.56 -5.15 1.54
C SER B 688 -26.67 -3.63 1.60
N ILE B 689 -27.82 -3.12 2.01
CA ILE B 689 -28.02 -1.67 2.12
C ILE B 689 -27.08 -1.08 3.18
N LEU B 690 -26.99 -1.74 4.33
CA LEU B 690 -26.11 -1.25 5.38
C LEU B 690 -24.65 -1.32 4.95
N ARG B 691 -24.28 -2.38 4.24
CA ARG B 691 -22.91 -2.50 3.73
C ARG B 691 -22.60 -1.38 2.75
N ALA B 692 -23.54 -1.06 1.86
CA ALA B 692 -23.34 0.04 0.92
C ALA B 692 -23.22 1.37 1.65
N TRP B 693 -24.04 1.58 2.69
CA TRP B 693 -23.93 2.82 3.46
C TRP B 693 -22.57 2.92 4.15
N LYS B 694 -22.08 1.81 4.70
CA LYS B 694 -20.76 1.82 5.33
C LYS B 694 -19.68 2.14 4.32
N LEU B 695 -19.79 1.61 3.10
CA LEU B 695 -18.82 1.92 2.06
C LEU B 695 -18.86 3.40 1.70
N GLN B 696 -20.07 3.97 1.61
CA GLN B 696 -20.18 5.40 1.32
C GLN B 696 -19.55 6.25 2.43
N VAL B 697 -19.76 5.86 3.69
CA VAL B 697 -19.17 6.59 4.80
C VAL B 697 -17.64 6.51 4.75
N LYS B 698 -17.11 5.31 4.43
CA LYS B 698 -15.67 5.17 4.28
C LYS B 698 -15.14 6.11 3.21
N THR B 699 -15.82 6.17 2.07
CA THR B 699 -15.37 7.04 0.97
C THR B 699 -15.37 8.50 1.41
N ILE B 700 -16.44 8.94 2.08
CA ILE B 700 -16.53 10.33 2.50
C ILE B 700 -15.41 10.67 3.49
N ALA B 701 -15.07 9.75 4.37
CA ALA B 701 -14.02 10.04 5.38
C ALA B 701 -12.67 10.19 4.71
N ASN B 702 -12.38 9.37 3.69
CA ASN B 702 -11.08 9.43 2.97
C ASN B 702 -10.95 10.77 2.23
N LYS B 703 -12.00 11.23 1.57
CA LYS B 703 -11.98 12.56 0.89
C LYS B 703 -11.71 13.66 1.92
N PHE B 704 -12.50 13.75 2.99
CA PHE B 704 -12.31 14.83 3.99
C PHE B 704 -10.88 14.81 4.56
N SER B 705 -10.36 13.64 4.89
CA SER B 705 -8.97 13.54 5.40
C SER B 705 -7.97 13.87 4.29
N SER B 706 -8.21 13.40 3.07
CA SER B 706 -7.28 13.65 1.94
C SER B 706 -7.23 15.15 1.66
N ASP B 707 -8.36 15.84 1.83
CA ASP B 707 -8.40 17.29 1.66
C ASP B 707 -7.66 18.00 2.79
N ARG B 708 -7.85 17.54 4.03
CA ARG B 708 -7.12 18.15 5.14
C ARG B 708 -5.62 17.97 4.96
N SER B 709 -5.20 16.79 4.50
CA SER B 709 -3.77 16.55 4.27
C SER B 709 -3.22 17.49 3.21
N ASN B 710 -3.96 17.68 2.11
CA ASN B 710 -3.50 18.59 1.06
C ASN B 710 -3.35 20.01 1.60
N ARG B 711 -4.33 20.47 2.38
CA ARG B 711 -4.24 21.82 2.93
C ARG B 711 -3.04 21.97 3.86
N CYS B 712 -2.81 21.00 4.72
CA CYS B 712 -1.67 21.08 5.64
C CYS B 712 -0.35 21.07 4.87
N ASP B 713 -0.25 20.24 3.83
CA ASP B 713 0.98 20.21 3.05
C ASP B 713 1.22 21.52 2.32
N THR B 714 0.16 22.14 1.79
CA THR B 714 0.32 23.45 1.15
C THR B 714 0.81 24.49 2.15
N ASN B 715 0.24 24.48 3.36
CA ASN B 715 0.71 25.39 4.40
C ASN B 715 2.17 25.17 4.72
N TYR B 716 2.60 23.90 4.82
CA TYR B 716 4.02 23.58 5.13
C TYR B 716 4.92 24.11 4.01
N LYS B 717 4.53 23.89 2.76
CA LYS B 717 5.34 24.44 1.68
C LYS B 717 5.44 25.95 1.76
N LEU B 718 4.32 26.63 2.03
CA LEU B 718 4.36 28.08 2.17
C LEU B 718 5.25 28.51 3.32
N GLU B 719 5.34 27.68 4.37
CA GLU B 719 6.33 27.91 5.41
C GLU B 719 7.75 27.82 4.85
N ILE B 720 8.06 26.72 4.15
CA ILE B 720 9.45 26.49 3.73
C ILE B 720 9.91 27.59 2.77
N ALA B 721 9.06 27.96 1.81
CA ALA B 721 9.44 29.00 0.87
C ALA B 721 9.51 30.37 1.51
N ARG B 722 8.91 30.55 2.70
CA ARG B 722 8.92 31.86 3.34
C ARG B 722 10.32 32.21 3.82
N ALA B 723 10.98 31.29 4.52
CA ALA B 723 12.31 31.54 5.05
C ALA B 723 13.39 31.50 3.98
N PHE B 724 13.10 30.94 2.80
CA PHE B 724 14.06 30.83 1.72
C PHE B 724 13.81 31.88 0.63
N LEU B 725 12.93 32.83 0.86
CA LEU B 725 12.65 33.85 -0.14
C LEU B 725 13.89 34.71 -0.36
N GLY B 726 14.22 34.95 -1.63
CA GLY B 726 15.42 35.69 -1.95
C GLY B 726 16.69 34.99 -1.50
N GLU B 727 16.76 33.67 -1.66
CA GLU B 727 17.89 32.88 -1.21
C GLU B 727 18.27 31.91 -2.32
N LYS B 728 19.54 31.50 -2.32
CA LYS B 728 20.04 30.52 -3.28
C LYS B 728 19.96 29.12 -2.67
N LEU B 729 19.25 28.23 -3.35
CA LEU B 729 19.03 26.88 -2.85
C LEU B 729 19.35 25.86 -3.95
N TYR B 730 19.98 24.77 -3.56
CA TYR B 730 20.38 23.70 -4.46
C TYR B 730 19.70 22.41 -4.04
N PHE B 731 19.45 21.54 -5.03
CA PHE B 731 18.75 20.28 -4.78
C PHE B 731 19.63 19.10 -5.14
N PRO B 732 20.30 18.48 -4.17
CA PRO B 732 21.02 17.24 -4.47
C PRO B 732 20.06 16.11 -4.80
N HIS B 733 20.53 15.16 -5.60
CA HIS B 733 19.73 14.05 -6.07
C HIS B 733 20.36 12.72 -5.69
N ASN B 734 19.53 11.69 -5.62
CA ASN B 734 19.99 10.31 -5.53
C ASN B 734 19.10 9.45 -6.42
N LEU B 735 19.21 8.14 -6.30
CA LEU B 735 18.56 7.22 -7.22
C LEU B 735 17.79 6.15 -6.46
N ASP B 736 16.77 5.59 -7.11
CA ASP B 736 16.21 4.34 -6.65
C ASP B 736 17.00 3.20 -7.29
N PHE B 737 16.58 1.96 -7.10
CA PHE B 737 17.43 0.85 -7.52
C PHE B 737 17.49 0.67 -9.03
N ARG B 738 16.81 1.52 -9.79
CA ARG B 738 16.83 1.43 -11.25
C ARG B 738 17.64 2.55 -11.90
N GLY B 739 17.60 3.76 -11.36
CA GLY B 739 18.43 4.82 -11.89
C GLY B 739 17.74 6.16 -12.00
N ARG B 740 16.43 6.20 -11.76
CA ARG B 740 15.71 7.47 -11.84
C ARG B 740 16.16 8.39 -10.73
N ALA B 741 16.40 9.65 -11.07
CA ALA B 741 16.94 10.62 -10.13
C ALA B 741 15.83 11.31 -9.35
N TYR B 742 16.02 11.41 -8.04
CA TYR B 742 15.06 12.05 -7.14
C TYR B 742 15.78 13.02 -6.21
N PRO B 743 15.27 14.22 -6.02
CA PRO B 743 15.88 15.15 -5.07
C PRO B 743 15.82 14.60 -3.65
N LEU B 744 16.81 15.00 -2.84
CA LEU B 744 16.88 14.54 -1.46
C LEU B 744 15.86 15.25 -0.58
N SER B 745 15.62 16.54 -0.84
CA SER B 745 14.62 17.29 -0.09
C SER B 745 13.23 16.83 -0.45
N PRO B 746 12.51 16.14 0.44
CA PRO B 746 11.26 15.48 0.03
C PRO B 746 10.07 16.42 -0.09
N HIS B 747 10.01 17.44 0.77
CA HIS B 747 8.79 18.24 0.90
C HIS B 747 8.72 19.33 -0.17
N PHE B 748 9.69 20.25 -0.18
CA PHE B 748 9.72 21.34 -1.13
C PHE B 748 10.80 21.06 -2.17
N ASN B 749 10.36 20.72 -3.38
CA ASN B 749 11.26 20.50 -4.51
C ASN B 749 10.45 20.65 -5.78
N HIS B 750 11.12 20.50 -6.93
CA HIS B 750 10.45 20.71 -8.21
C HIS B 750 9.71 19.49 -8.71
N LEU B 751 9.80 18.34 -8.03
CA LEU B 751 8.96 17.20 -8.39
C LEU B 751 7.58 17.27 -7.77
N GLY B 752 7.29 18.26 -6.93
CA GLY B 752 6.01 18.39 -6.32
C GLY B 752 4.92 18.67 -7.34
N ASN B 753 3.74 18.99 -6.81
CA ASN B 753 2.59 19.22 -7.67
C ASN B 753 2.74 20.58 -8.35
N ASP B 754 1.68 21.01 -9.03
CA ASP B 754 1.76 22.19 -9.89
C ASP B 754 2.16 23.44 -9.11
N MET B 755 1.60 23.61 -7.91
CA MET B 755 1.92 24.81 -7.12
C MET B 755 3.40 24.85 -6.76
N SER B 756 3.96 23.72 -6.34
CA SER B 756 5.38 23.67 -6.01
C SER B 756 6.23 23.96 -7.25
N ARG B 757 5.85 23.42 -8.40
CA ARG B 757 6.54 23.75 -9.64
C ARG B 757 6.41 25.23 -9.99
N GLY B 758 5.39 25.91 -9.46
CA GLY B 758 5.22 27.31 -9.77
C GLY B 758 6.09 28.25 -8.98
N LEU B 759 6.52 27.84 -7.79
CA LEU B 759 7.26 28.70 -6.88
C LEU B 759 8.78 28.60 -7.05
N LEU B 760 9.26 28.15 -8.20
CA LEU B 760 10.69 27.98 -8.43
C LEU B 760 11.07 28.53 -9.79
N ILE B 761 12.18 29.25 -9.84
CA ILE B 761 12.75 29.74 -11.10
C ILE B 761 14.27 29.57 -11.05
N PHE B 762 14.90 29.84 -12.18
CA PHE B 762 16.34 29.71 -12.33
C PHE B 762 17.02 30.99 -11.86
N TRP B 763 18.08 30.86 -11.05
CA TRP B 763 18.86 32.03 -10.68
C TRP B 763 19.64 32.60 -11.86
N HIS B 764 20.34 31.76 -12.60
CA HIS B 764 20.98 32.25 -13.82
C HIS B 764 19.92 32.58 -14.87
N GLY B 765 20.00 33.78 -15.42
CA GLY B 765 19.02 34.27 -16.40
C GLY B 765 19.66 34.45 -17.75
N LYS B 766 18.96 34.01 -18.80
CA LYS B 766 19.46 34.07 -20.16
C LYS B 766 18.63 35.04 -20.99
N LYS B 767 19.28 35.76 -21.88
CA LYS B 767 18.56 36.60 -22.82
C LYS B 767 17.74 35.75 -23.77
N LEU B 768 16.54 36.23 -24.11
CA LEU B 768 15.63 35.44 -24.93
C LEU B 768 16.21 35.16 -26.30
N GLY B 769 16.77 36.18 -26.95
CA GLY B 769 17.30 36.02 -28.27
C GLY B 769 16.19 35.85 -29.30
N PRO B 770 16.56 35.43 -30.51
CA PRO B 770 15.55 35.24 -31.56
C PRO B 770 14.58 34.09 -31.31
N SER B 771 14.92 33.13 -30.45
CA SER B 771 14.11 31.95 -30.24
C SER B 771 13.43 31.87 -28.88
N GLY B 772 13.96 32.58 -27.87
CA GLY B 772 13.42 32.45 -26.53
C GLY B 772 11.98 32.91 -26.44
N LEU B 773 11.63 33.98 -27.16
CA LEU B 773 10.26 34.47 -27.15
C LEU B 773 9.29 33.44 -27.70
N LYS B 774 9.63 32.84 -28.84
CA LYS B 774 8.78 31.82 -29.43
C LYS B 774 8.66 30.61 -28.50
N TRP B 775 9.77 30.21 -27.88
CA TRP B 775 9.72 29.04 -27.00
C TRP B 775 8.92 29.32 -25.73
N LEU B 776 8.96 30.56 -25.23
CA LEU B 776 8.11 30.90 -24.09
C LEU B 776 6.64 30.88 -24.47
N LYS B 777 6.31 31.37 -25.67
CA LYS B 777 4.92 31.29 -26.14
C LYS B 777 4.47 29.83 -26.24
N ILE B 778 5.34 28.97 -26.79
CA ILE B 778 5.00 27.55 -26.91
C ILE B 778 4.85 26.94 -25.52
N HIS B 779 5.67 27.37 -24.56
CA HIS B 779 5.53 26.86 -23.19
C HIS B 779 4.18 27.22 -22.59
N LEU B 780 3.73 28.47 -22.78
CA LEU B 780 2.42 28.84 -22.26
C LEU B 780 1.32 28.03 -22.94
N SER B 781 1.42 27.83 -24.25
CA SER B 781 0.42 27.01 -24.94
C SER B 781 0.44 25.58 -24.42
N ASN B 782 1.62 25.05 -24.07
CA ASN B 782 1.71 23.72 -23.48
C ASN B 782 1.01 23.68 -22.14
N LEU B 783 1.28 24.66 -21.27
CA LEU B 783 0.64 24.68 -19.96
C LEU B 783 -0.86 24.86 -20.04
N PHE B 784 -1.37 25.43 -21.12
CA PHE B 784 -2.81 25.57 -21.28
C PHE B 784 -3.48 24.34 -21.90
N GLY B 785 -2.81 23.19 -21.89
CA GLY B 785 -3.40 21.96 -22.36
C GLY B 785 -3.37 21.77 -23.87
N PHE B 786 -3.04 22.81 -24.63
CA PHE B 786 -2.98 22.71 -26.09
C PHE B 786 -1.53 22.51 -26.53
N ASP B 787 -1.02 21.31 -26.25
CA ASP B 787 0.33 20.92 -26.65
C ASP B 787 0.30 19.72 -27.60
N LYS B 788 -0.83 19.48 -28.27
CA LYS B 788 -0.95 18.41 -29.25
C LYS B 788 -1.03 18.94 -30.67
N LEU B 789 -0.96 20.25 -30.86
CA LEU B 789 -1.02 20.95 -32.12
C LEU B 789 0.39 21.27 -32.62
N PRO B 790 0.56 21.55 -33.91
CA PRO B 790 1.87 21.99 -34.40
C PRO B 790 2.34 23.26 -33.70
N LEU B 791 3.63 23.56 -33.89
CA LEU B 791 4.23 24.69 -33.20
C LEU B 791 3.62 26.01 -33.62
N LYS B 792 3.35 26.18 -34.92
CA LYS B 792 2.75 27.42 -35.40
C LYS B 792 1.37 27.64 -34.76
N ASP B 793 0.61 26.57 -34.57
CA ASP B 793 -0.69 26.71 -33.92
C ASP B 793 -0.55 27.16 -32.48
N ARG B 794 0.47 26.66 -31.77
CA ARG B 794 0.68 27.08 -30.38
C ARG B 794 1.08 28.54 -30.30
N VAL B 795 1.98 28.98 -31.17
CA VAL B 795 2.37 30.39 -31.19
C VAL B 795 1.17 31.26 -31.54
N ALA B 796 0.34 30.81 -32.48
CA ALA B 796 -0.86 31.55 -32.85
C ALA B 796 -1.83 31.65 -31.69
N PHE B 797 -2.00 30.55 -30.94
CA PHE B 797 -2.85 30.58 -29.75
C PHE B 797 -2.38 31.64 -28.76
N THR B 798 -1.08 31.64 -28.46
CA THR B 798 -0.57 32.62 -27.49
C THR B 798 -0.70 34.05 -28.01
N GLU B 799 -0.42 34.27 -29.29
CA GLU B 799 -0.53 35.61 -29.85
C GLU B 799 -1.97 36.09 -29.85
N SER B 800 -2.92 35.19 -30.08
CA SER B 800 -4.33 35.55 -30.00
C SER B 800 -4.74 35.91 -28.58
N HIS B 801 -4.25 35.16 -27.58
CA HIS B 801 -4.67 35.36 -26.21
C HIS B 801 -3.74 36.28 -25.43
N LEU B 802 -2.87 37.01 -26.11
CA LEU B 802 -2.02 38.01 -25.46
C LEU B 802 -2.83 38.98 -24.59
N GLN B 803 -4.02 39.36 -25.02
CA GLN B 803 -4.83 40.29 -24.23
C GLN B 803 -5.21 39.69 -22.88
N ASP B 804 -5.70 38.44 -22.88
CA ASP B 804 -5.99 37.77 -21.63
C ASP B 804 -4.72 37.55 -20.81
N ILE B 805 -3.59 37.33 -21.48
CA ILE B 805 -2.33 37.17 -20.76
C ILE B 805 -2.03 38.43 -19.94
N LYS B 806 -2.11 39.59 -20.59
CA LYS B 806 -1.85 40.84 -19.87
C LYS B 806 -2.89 41.08 -18.79
N ASP B 807 -4.16 40.79 -19.10
CA ASP B 807 -5.23 41.02 -18.12
C ASP B 807 -5.01 40.19 -16.86
N SER B 808 -4.63 38.92 -17.03
CA SER B 808 -4.41 38.06 -15.87
C SER B 808 -3.10 38.38 -15.16
N ALA B 809 -2.10 38.87 -15.89
CA ALA B 809 -0.82 39.17 -15.27
C ALA B 809 -0.83 40.48 -14.49
N GLU B 810 -1.60 41.47 -14.93
CA GLU B 810 -1.64 42.75 -14.22
C GLU B 810 -2.22 42.59 -12.82
N ASN B 811 -3.48 42.13 -12.76
CA ASN B 811 -4.16 41.88 -11.48
C ASN B 811 -4.60 40.41 -11.47
N PRO B 812 -3.79 39.51 -10.92
CA PRO B 812 -4.18 38.09 -10.89
C PRO B 812 -5.49 37.87 -10.18
N LEU B 813 -5.74 38.57 -9.09
CA LEU B 813 -6.99 38.50 -8.36
C LEU B 813 -7.80 39.76 -8.62
N THR B 814 -9.12 39.61 -8.53
CA THR B 814 -10.13 40.63 -8.86
C THR B 814 -10.08 40.98 -10.35
N GLY B 815 -9.44 40.16 -11.18
CA GLY B 815 -9.51 40.29 -12.62
C GLY B 815 -10.41 39.21 -13.22
N ASP B 816 -10.19 38.96 -14.51
CA ASP B 816 -10.94 37.89 -15.17
C ASP B 816 -10.43 36.50 -14.81
N ARG B 817 -9.23 36.40 -14.24
CA ARG B 817 -8.67 35.14 -13.75
C ARG B 817 -8.63 34.09 -14.86
N TRP B 818 -8.12 34.50 -16.03
CA TRP B 818 -7.97 33.56 -17.14
C TRP B 818 -6.96 32.47 -16.83
N TRP B 819 -6.01 32.73 -15.93
CA TRP B 819 -4.99 31.76 -15.60
C TRP B 819 -5.53 30.60 -14.76
N THR B 820 -6.72 30.74 -14.19
CA THR B 820 -7.34 29.64 -13.46
C THR B 820 -7.91 28.58 -14.39
N THR B 821 -8.22 28.94 -15.63
CA THR B 821 -8.76 27.96 -16.58
C THR B 821 -7.70 27.00 -17.09
N ALA B 822 -6.43 27.33 -16.92
CA ALA B 822 -5.36 26.52 -17.46
C ALA B 822 -5.28 25.16 -16.78
N ASP B 823 -4.77 24.18 -17.53
CA ASP B 823 -4.58 22.84 -16.99
C ASP B 823 -3.59 22.85 -15.83
N LYS B 824 -2.57 23.70 -15.90
CA LYS B 824 -1.57 23.86 -14.84
C LYS B 824 -1.51 25.33 -14.47
N PRO B 825 -2.33 25.77 -13.49
CA PRO B 825 -2.48 27.21 -13.26
C PRO B 825 -1.28 27.87 -12.62
N TRP B 826 -0.66 27.24 -11.61
CA TRP B 826 0.37 27.94 -10.85
C TRP B 826 1.68 28.09 -11.60
N GLN B 827 1.82 27.47 -12.77
CA GLN B 827 2.93 27.72 -13.67
C GLN B 827 2.53 28.63 -14.83
N ALA B 828 1.30 28.51 -15.31
CA ALA B 828 0.80 29.44 -16.32
C ALA B 828 0.72 30.86 -15.78
N LEU B 829 0.53 31.01 -14.47
CA LEU B 829 0.56 32.33 -13.86
C LEU B 829 1.93 32.98 -14.01
N ALA B 830 3.00 32.23 -13.68
CA ALA B 830 4.35 32.77 -13.84
C ALA B 830 4.69 33.02 -15.30
N THR B 831 4.24 32.13 -16.19
CA THR B 831 4.47 32.34 -17.60
C THR B 831 3.78 33.60 -18.10
N CYS B 832 2.55 33.84 -17.63
CA CYS B 832 1.84 35.06 -18.00
C CYS B 832 2.54 36.29 -17.43
N PHE B 833 3.05 36.19 -16.20
CA PHE B 833 3.86 37.28 -15.64
C PHE B 833 4.98 37.64 -16.60
N GLU B 834 5.80 36.65 -16.97
CA GLU B 834 6.97 36.92 -17.80
C GLU B 834 6.57 37.43 -19.18
N LEU B 835 5.53 36.85 -19.78
CA LEU B 835 5.09 37.32 -21.09
C LEU B 835 4.59 38.75 -21.02
N ASN B 836 3.93 39.13 -19.93
CA ASN B 836 3.47 40.50 -19.76
C ASN B 836 4.63 41.46 -19.65
N GLU B 837 5.64 41.12 -18.85
CA GLU B 837 6.84 41.99 -18.74
C GLU B 837 7.53 42.09 -20.10
N VAL B 838 7.54 40.99 -20.87
CA VAL B 838 8.19 41.02 -22.18
C VAL B 838 7.44 41.96 -23.12
N MET B 839 6.11 41.81 -23.20
CA MET B 839 5.33 42.60 -24.15
C MET B 839 5.15 44.04 -23.69
N LYS B 840 5.41 44.36 -22.43
CA LYS B 840 5.46 45.76 -22.02
C LYS B 840 6.70 46.48 -22.54
N MET B 841 7.67 45.73 -23.07
CA MET B 841 8.90 46.31 -23.60
C MET B 841 8.76 46.53 -25.11
N ASP B 842 9.85 46.99 -25.72
CA ASP B 842 9.92 47.18 -27.16
C ASP B 842 10.88 46.23 -27.86
N ASN B 843 11.87 45.70 -27.14
CA ASN B 843 12.82 44.73 -27.69
C ASN B 843 12.75 43.44 -26.88
N PRO B 844 12.03 42.42 -27.34
CA PRO B 844 11.99 41.15 -26.59
C PRO B 844 13.34 40.51 -26.38
N GLU B 845 14.32 40.78 -27.24
CA GLU B 845 15.60 40.07 -27.23
C GLU B 845 16.54 40.52 -26.13
N GLU B 846 16.19 41.57 -25.38
CA GLU B 846 17.03 42.06 -24.30
C GLU B 846 16.59 41.61 -22.92
N PHE B 847 15.41 40.99 -22.81
CA PHE B 847 14.90 40.59 -21.51
C PHE B 847 15.65 39.37 -20.98
N ILE B 848 15.84 39.32 -19.67
CA ILE B 848 16.42 38.15 -19.01
C ILE B 848 15.28 37.35 -18.38
N SER B 849 15.13 36.11 -18.82
CA SER B 849 14.01 35.26 -18.43
C SER B 849 14.52 34.10 -17.60
N HIS B 850 13.94 33.93 -16.41
CA HIS B 850 14.32 32.84 -15.51
C HIS B 850 13.33 31.68 -15.54
N GLN B 851 12.31 31.74 -16.38
CA GLN B 851 11.26 30.73 -16.35
C GLN B 851 11.73 29.48 -17.08
N PRO B 852 11.76 28.32 -16.42
CA PRO B 852 12.10 27.07 -17.12
C PRO B 852 11.03 26.69 -18.13
N VAL B 853 11.46 26.02 -19.20
CA VAL B 853 10.58 25.60 -20.28
C VAL B 853 10.71 24.09 -20.43
N HIS B 854 9.61 23.38 -20.22
CA HIS B 854 9.61 21.93 -20.24
C HIS B 854 9.59 21.39 -21.67
N GLN B 855 10.05 20.15 -21.81
CA GLN B 855 9.99 19.41 -23.08
C GLN B 855 9.74 17.94 -22.71
N ASP B 856 8.47 17.54 -22.72
CA ASP B 856 8.08 16.19 -22.23
C ASP B 856 8.00 15.18 -23.37
N GLY B 857 8.56 14.00 -23.14
CA GLY B 857 8.52 12.93 -24.16
C GLY B 857 7.11 12.43 -24.33
N THR B 858 6.68 12.24 -25.57
CA THR B 858 5.34 11.77 -25.87
C THR B 858 5.34 10.25 -26.01
N CYS B 859 4.56 9.57 -25.18
CA CYS B 859 4.50 8.11 -25.13
C CYS B 859 5.92 7.53 -25.02
N ASN B 860 6.62 7.96 -23.96
CA ASN B 860 8.01 7.58 -23.79
C ASN B 860 8.16 6.07 -23.61
N GLY B 861 7.31 5.47 -22.78
CA GLY B 861 7.39 4.04 -22.55
C GLY B 861 7.20 3.23 -23.81
N LEU B 862 6.33 3.69 -24.71
CA LEU B 862 6.18 3.04 -26.00
C LEU B 862 7.27 3.45 -26.98
N GLN B 863 7.88 4.63 -26.79
CA GLN B 863 9.03 5.01 -27.61
C GLN B 863 10.19 4.06 -27.41
N HIS B 864 10.41 3.62 -26.16
CA HIS B 864 11.51 2.71 -25.91
C HIS B 864 11.28 1.33 -26.52
N TYR B 865 10.05 0.80 -26.43
CA TYR B 865 9.71 -0.41 -27.20
C TYR B 865 9.88 -0.21 -28.70
N ALA B 866 9.46 0.94 -29.24
CA ALA B 866 9.62 1.17 -30.66
C ALA B 866 11.09 1.15 -31.07
N ALA B 867 11.95 1.75 -30.25
CA ALA B 867 13.38 1.74 -30.55
C ALA B 867 14.05 0.41 -30.23
N LEU B 868 13.43 -0.43 -29.39
CA LEU B 868 14.05 -1.69 -29.01
C LEU B 868 13.81 -2.78 -30.05
N GLY B 869 12.55 -3.03 -30.38
CA GLY B 869 12.23 -4.03 -31.38
C GLY B 869 12.34 -3.57 -32.81
N GLY B 870 12.65 -2.30 -33.03
CA GLY B 870 12.80 -1.78 -34.38
C GLY B 870 11.53 -1.85 -35.21
N ASP B 871 10.39 -1.51 -34.62
CA ASP B 871 9.11 -1.55 -35.31
C ASP B 871 8.87 -0.22 -36.03
N VAL B 872 8.54 -0.30 -37.31
CA VAL B 872 8.33 0.92 -38.09
C VAL B 872 6.97 1.53 -37.80
N GLU B 873 5.93 0.70 -37.73
CA GLU B 873 4.59 1.20 -37.39
C GLU B 873 4.59 1.79 -35.99
N GLY B 874 5.21 1.10 -35.03
CA GLY B 874 5.29 1.63 -33.68
C GLY B 874 6.10 2.91 -33.62
N ALA B 875 7.18 3.00 -34.38
CA ALA B 875 7.96 4.23 -34.42
C ALA B 875 7.15 5.37 -35.01
N THR B 876 6.37 5.10 -36.05
CA THR B 876 5.52 6.14 -36.62
C THR B 876 4.48 6.63 -35.61
N GLN B 877 3.87 5.69 -34.88
CA GLN B 877 2.78 6.04 -33.97
C GLN B 877 3.25 6.81 -32.73
N VAL B 878 4.55 6.88 -32.48
CA VAL B 878 5.07 7.52 -31.27
C VAL B 878 5.98 8.70 -31.59
N ASN B 879 5.84 9.28 -32.80
CA ASN B 879 6.57 10.48 -33.20
C ASN B 879 8.09 10.25 -33.24
N LEU B 880 8.49 9.07 -33.69
CA LEU B 880 9.91 8.82 -33.89
C LEU B 880 10.38 9.30 -35.26
N VAL B 881 9.71 8.85 -36.33
CA VAL B 881 10.07 9.25 -37.68
C VAL B 881 9.70 10.72 -37.90
N PRO B 882 10.40 11.44 -38.76
CA PRO B 882 10.06 12.85 -38.99
C PRO B 882 8.64 12.99 -39.55
N SER B 883 7.96 14.03 -39.12
CA SER B 883 6.56 14.24 -39.50
C SER B 883 6.28 15.73 -39.53
N ASP B 884 5.02 16.08 -39.74
CA ASP B 884 4.55 17.46 -39.80
C ASP B 884 3.65 17.85 -38.65
N LYS B 885 2.83 16.93 -38.16
CA LYS B 885 1.91 17.19 -37.06
C LYS B 885 2.11 16.15 -35.96
N PRO B 886 1.79 16.50 -34.72
CA PRO B 886 1.97 15.55 -33.62
C PRO B 886 1.02 14.37 -33.76
N GLN B 887 1.56 13.17 -33.52
CA GLN B 887 0.78 11.96 -33.44
C GLN B 887 0.93 11.37 -32.04
N ASP B 888 -0.16 10.80 -31.53
CA ASP B 888 -0.11 10.17 -30.22
C ASP B 888 -0.97 8.92 -30.24
N VAL B 889 -0.67 8.01 -29.30
CA VAL B 889 -1.36 6.74 -29.23
C VAL B 889 -2.62 6.81 -28.36
N TYR B 890 -2.60 7.65 -27.33
CA TYR B 890 -3.72 7.67 -26.38
C TYR B 890 -4.95 8.31 -27.01
N ALA B 891 -4.77 9.32 -27.85
CA ALA B 891 -5.91 9.92 -28.54
C ALA B 891 -6.54 8.94 -29.52
N HIS B 892 -5.72 8.13 -30.18
CA HIS B 892 -6.24 7.11 -31.08
C HIS B 892 -7.12 6.12 -30.33
N VAL B 893 -6.65 5.65 -29.17
CA VAL B 893 -7.44 4.73 -28.37
C VAL B 893 -8.70 5.41 -27.85
N ALA B 894 -8.60 6.68 -27.47
CA ALA B 894 -9.77 7.41 -27.00
C ALA B 894 -10.84 7.49 -28.10
N ARG B 895 -10.42 7.76 -29.33
CA ARG B 895 -11.38 7.79 -30.44
C ARG B 895 -11.97 6.42 -30.71
N LEU B 896 -11.15 5.36 -30.64
CA LEU B 896 -11.67 4.01 -30.84
C LEU B 896 -12.73 3.68 -29.80
N VAL B 897 -12.45 3.96 -28.53
CA VAL B 897 -13.40 3.68 -27.46
C VAL B 897 -14.65 4.54 -27.62
N GLN B 898 -14.48 5.79 -28.05
CA GLN B 898 -15.64 6.66 -28.23
C GLN B 898 -16.56 6.14 -29.32
N LYS B 899 -16.00 5.70 -30.45
CA LYS B 899 -16.88 5.17 -31.50
C LYS B 899 -17.47 3.82 -31.10
N ARG B 900 -16.73 3.02 -30.33
CA ARG B 900 -17.28 1.77 -29.80
C ARG B 900 -18.51 2.05 -28.94
N LEU B 901 -18.39 3.01 -28.01
CA LEU B 901 -19.52 3.38 -27.17
C LEU B 901 -20.65 3.96 -27.99
N GLU B 902 -20.33 4.78 -28.99
CA GLU B 902 -21.37 5.40 -29.81
C GLU B 902 -22.18 4.35 -30.56
N ILE B 903 -21.51 3.33 -31.09
CA ILE B 903 -22.23 2.20 -31.66
C ILE B 903 -23.06 1.50 -30.60
N ALA B 904 -22.47 1.28 -29.43
CA ALA B 904 -23.21 0.63 -28.35
C ALA B 904 -24.37 1.49 -27.86
N ALA B 905 -24.16 2.80 -27.75
CA ALA B 905 -25.22 3.69 -27.27
C ALA B 905 -26.32 3.90 -28.29
N GLU B 906 -26.11 3.51 -29.55
CA GLU B 906 -27.13 3.63 -30.58
C GLU B 906 -28.03 2.41 -30.66
N LYS B 907 -27.73 1.34 -29.92
CA LYS B 907 -28.51 0.12 -29.95
C LYS B 907 -29.28 -0.12 -28.66
N GLY B 908 -29.46 0.94 -27.85
CA GLY B 908 -30.30 0.86 -26.67
C GLY B 908 -29.57 0.70 -25.35
N ASP B 909 -28.24 0.73 -25.34
CA ASP B 909 -27.51 0.65 -24.09
C ASP B 909 -27.74 1.92 -23.26
N GLU B 910 -27.64 1.76 -21.95
CA GLU B 910 -27.95 2.85 -21.01
C GLU B 910 -26.72 3.54 -20.45
N ASN B 911 -25.67 2.78 -20.12
CA ASN B 911 -24.45 3.41 -19.61
C ASN B 911 -23.64 4.09 -20.70
N ALA B 912 -23.71 3.57 -21.93
CA ALA B 912 -22.95 4.17 -23.02
C ALA B 912 -23.43 5.57 -23.37
N LYS B 913 -24.72 5.84 -23.19
CA LYS B 913 -25.25 7.17 -23.47
C LYS B 913 -24.62 8.22 -22.57
N ILE B 914 -24.35 7.85 -21.32
CA ILE B 914 -23.73 8.79 -20.39
C ILE B 914 -22.26 9.03 -20.78
N LEU B 915 -21.55 7.97 -21.16
CA LEU B 915 -20.13 8.05 -21.49
C LEU B 915 -19.88 8.33 -22.97
N LYS B 916 -20.87 8.88 -23.68
CA LYS B 916 -20.73 9.08 -25.11
C LYS B 916 -19.64 10.09 -25.43
N ASP B 917 -19.57 11.18 -24.66
CA ASP B 917 -18.64 12.27 -24.93
C ASP B 917 -17.65 12.51 -23.81
N LYS B 918 -17.64 11.69 -22.78
CA LYS B 918 -16.77 11.89 -21.62
C LYS B 918 -15.42 11.20 -21.76
N ILE B 919 -15.14 10.57 -22.90
CA ILE B 919 -13.90 9.84 -23.10
C ILE B 919 -12.90 10.75 -23.80
N THR B 920 -11.78 11.01 -23.12
CA THR B 920 -10.70 11.82 -23.68
C THR B 920 -9.39 11.10 -23.47
N ARG B 921 -8.31 11.67 -23.99
CA ARG B 921 -7.00 11.03 -23.87
C ARG B 921 -6.52 10.96 -22.43
N LYS B 922 -7.06 11.79 -21.55
CA LYS B 922 -6.64 11.75 -20.14
C LYS B 922 -7.26 10.57 -19.41
N VAL B 923 -8.49 10.20 -19.74
CA VAL B 923 -9.13 9.08 -19.06
C VAL B 923 -8.45 7.76 -19.42
N VAL B 924 -8.10 7.58 -20.69
CA VAL B 924 -7.58 6.32 -21.18
C VAL B 924 -6.05 6.35 -21.32
N LYS B 925 -5.38 7.22 -20.57
CA LYS B 925 -3.93 7.35 -20.73
C LYS B 925 -3.19 6.26 -19.96
N GLN B 926 -3.44 6.14 -18.67
CA GLN B 926 -2.66 5.23 -17.85
C GLN B 926 -2.98 3.76 -18.11
N THR B 927 -4.16 3.46 -18.65
CA THR B 927 -4.46 2.07 -18.98
C THR B 927 -3.75 1.64 -20.26
N VAL B 928 -3.66 2.53 -21.25
CA VAL B 928 -2.87 2.24 -22.45
C VAL B 928 -1.39 2.23 -22.11
N MET B 929 -0.95 3.15 -21.26
CA MET B 929 0.43 3.21 -20.83
C MET B 929 0.88 1.89 -20.21
N THR B 930 0.14 1.41 -19.22
CA THR B 930 0.54 0.31 -18.38
C THR B 930 0.05 -1.05 -18.88
N ASN B 931 -0.60 -1.08 -20.05
CA ASN B 931 -0.94 -2.36 -20.64
C ASN B 931 0.31 -3.14 -21.00
N VAL B 932 1.32 -2.47 -21.55
CA VAL B 932 2.58 -3.10 -21.89
C VAL B 932 3.50 -3.29 -20.70
N TYR B 933 3.07 -2.89 -19.51
CA TYR B 933 3.80 -3.19 -18.28
C TYR B 933 3.18 -4.32 -17.49
N GLY B 934 1.96 -4.74 -17.82
CA GLY B 934 1.33 -5.86 -17.15
C GLY B 934 0.29 -5.45 -16.12
N VAL B 935 -0.55 -4.48 -16.46
CA VAL B 935 -1.58 -4.04 -15.52
C VAL B 935 -2.71 -5.06 -15.47
N THR B 936 -3.27 -5.24 -14.29
CA THR B 936 -4.34 -6.19 -14.05
C THR B 936 -5.68 -5.52 -14.33
N TYR B 937 -6.74 -6.34 -14.43
CA TYR B 937 -8.07 -5.79 -14.68
C TYR B 937 -8.51 -4.85 -13.57
N VAL B 938 -8.33 -5.27 -12.31
CA VAL B 938 -8.77 -4.44 -11.19
C VAL B 938 -7.93 -3.18 -11.07
N GLY B 939 -6.62 -3.29 -11.36
CA GLY B 939 -5.79 -2.10 -11.38
C GLY B 939 -6.24 -1.10 -12.42
N ALA B 940 -6.61 -1.59 -13.61
CA ALA B 940 -7.11 -0.70 -14.66
C ALA B 940 -8.45 -0.08 -14.26
N THR B 941 -9.32 -0.87 -13.63
CA THR B 941 -10.60 -0.31 -13.18
C THR B 941 -10.37 0.81 -12.18
N PHE B 942 -9.44 0.62 -11.25
CA PHE B 942 -9.19 1.67 -10.28
C PHE B 942 -8.48 2.87 -10.90
N GLN B 943 -7.65 2.66 -11.92
CA GLN B 943 -7.06 3.79 -12.63
C GLN B 943 -8.13 4.65 -13.29
N ILE B 944 -9.02 4.02 -14.06
CA ILE B 944 -10.05 4.78 -14.76
C ILE B 944 -11.03 5.40 -13.78
N ALA B 945 -11.35 4.67 -12.71
CA ALA B 945 -12.24 5.21 -11.68
C ALA B 945 -11.63 6.43 -11.01
N LYS B 946 -10.33 6.40 -10.72
CA LYS B 946 -9.66 7.57 -10.17
C LYS B 946 -9.69 8.72 -11.16
N GLN B 947 -9.53 8.43 -12.46
CA GLN B 947 -9.52 9.49 -13.45
C GLN B 947 -10.90 10.09 -13.71
N LEU B 948 -11.97 9.35 -13.43
CA LEU B 948 -13.31 9.88 -13.71
C LEU B 948 -13.70 10.99 -12.75
N SER B 949 -13.34 10.84 -11.47
CA SER B 949 -13.81 11.77 -10.45
C SER B 949 -13.43 13.24 -10.69
N PRO B 950 -12.22 13.58 -11.16
CA PRO B 950 -11.92 15.01 -11.40
C PRO B 950 -12.89 15.71 -12.33
N ILE B 951 -13.39 15.02 -13.36
CA ILE B 951 -14.45 15.59 -14.20
C ILE B 951 -15.84 15.29 -13.68
N PHE B 952 -15.93 14.57 -12.56
CA PHE B 952 -17.19 14.15 -11.93
C PHE B 952 -18.24 13.70 -12.93
N ASP B 953 -17.83 12.90 -13.92
CA ASP B 953 -18.82 12.25 -14.79
C ASP B 953 -19.78 11.41 -13.97
N ASP B 954 -19.32 10.91 -12.82
CA ASP B 954 -20.15 10.21 -11.86
C ASP B 954 -19.75 10.74 -10.47
N ARG B 955 -20.21 10.06 -9.43
CA ARG B 955 -19.81 10.38 -8.07
C ARG B 955 -18.65 9.47 -7.65
N LYS B 956 -18.23 9.59 -6.39
CA LYS B 956 -17.06 8.84 -5.93
C LYS B 956 -17.36 7.35 -5.84
N GLU B 957 -18.55 6.98 -5.38
CA GLU B 957 -18.91 5.57 -5.25
C GLU B 957 -19.64 5.02 -6.47
N SER B 958 -19.77 5.80 -7.53
CA SER B 958 -20.21 5.27 -8.82
C SER B 958 -18.99 4.74 -9.58
N LEU B 959 -18.54 3.57 -9.13
CA LEU B 959 -17.41 2.88 -9.73
C LEU B 959 -17.87 1.84 -10.75
N ASP B 960 -19.17 1.68 -10.94
CA ASP B 960 -19.69 0.68 -11.87
C ASP B 960 -19.54 1.11 -13.33
N PHE B 961 -19.43 2.40 -13.59
CA PHE B 961 -19.10 2.85 -14.94
C PHE B 961 -17.67 2.49 -15.31
N SER B 962 -16.77 2.49 -14.33
CA SER B 962 -15.37 2.22 -14.59
C SER B 962 -15.16 0.79 -15.07
N LYS B 963 -15.93 -0.17 -14.55
CA LYS B 963 -15.80 -1.55 -15.02
C LYS B 963 -16.17 -1.65 -16.50
N TYR B 964 -17.29 -1.04 -16.87
CA TYR B 964 -17.72 -1.03 -18.27
C TYR B 964 -16.65 -0.38 -19.15
N LEU B 965 -16.12 0.76 -18.70
CA LEU B 965 -15.13 1.46 -19.51
C LEU B 965 -13.85 0.66 -19.66
N THR B 966 -13.40 -0.03 -18.62
CA THR B 966 -12.18 -0.81 -18.73
C THR B 966 -12.38 -2.04 -19.61
N LYS B 967 -13.56 -2.66 -19.54
CA LYS B 967 -13.85 -3.75 -20.47
C LYS B 967 -13.76 -3.26 -21.91
N HIS B 968 -14.35 -2.10 -22.20
CA HIS B 968 -14.29 -1.57 -23.55
C HIS B 968 -12.86 -1.20 -23.95
N VAL B 969 -12.07 -0.65 -23.01
CA VAL B 969 -10.71 -0.26 -23.33
C VAL B 969 -9.86 -1.48 -23.68
N PHE B 970 -9.95 -2.53 -22.86
CA PHE B 970 -9.20 -3.75 -23.15
C PHE B 970 -9.64 -4.37 -24.46
N SER B 971 -10.95 -4.40 -24.72
CA SER B 971 -11.43 -4.95 -26.00
C SER B 971 -10.90 -4.13 -27.17
N ALA B 972 -10.88 -2.80 -27.04
CA ALA B 972 -10.42 -1.96 -28.13
C ALA B 972 -8.93 -2.14 -28.40
N ILE B 973 -8.12 -2.22 -27.35
CA ILE B 973 -6.67 -2.30 -27.53
C ILE B 973 -6.16 -3.75 -27.43
N ARG B 974 -7.04 -4.72 -27.61
CA ARG B 974 -6.62 -6.12 -27.64
C ARG B 974 -5.63 -6.40 -28.77
N GLU B 975 -5.70 -5.63 -29.86
CA GLU B 975 -4.94 -5.92 -31.07
C GLU B 975 -4.27 -4.64 -31.59
N LEU B 976 -3.56 -3.94 -30.69
CA LEU B 976 -2.87 -2.72 -31.08
C LEU B 976 -1.35 -2.85 -30.97
N PHE B 977 -0.82 -3.20 -29.80
CA PHE B 977 0.63 -3.26 -29.59
C PHE B 977 1.06 -4.72 -29.64
N HIS B 978 1.57 -5.15 -30.79
CA HIS B 978 2.07 -6.51 -30.96
C HIS B 978 3.57 -6.62 -30.88
N SER B 979 4.30 -5.64 -31.44
CA SER B 979 5.76 -5.66 -31.32
C SER B 979 6.20 -5.48 -29.88
N ALA B 980 5.48 -4.65 -29.13
CA ALA B 980 5.81 -4.42 -27.72
C ALA B 980 5.50 -5.64 -26.88
N HIS B 981 4.36 -6.28 -27.13
CA HIS B 981 3.95 -7.43 -26.33
C HIS B 981 4.93 -8.59 -26.47
N LEU B 982 5.60 -8.71 -27.62
CA LEU B 982 6.60 -9.75 -27.78
C LEU B 982 7.77 -9.57 -26.81
N ILE B 983 8.28 -8.35 -26.69
CA ILE B 983 9.36 -8.09 -25.74
C ILE B 983 8.87 -8.26 -24.32
N GLN B 984 7.63 -7.83 -24.04
CA GLN B 984 7.08 -8.00 -22.70
C GLN B 984 7.01 -9.49 -22.32
N ASP B 985 6.53 -10.32 -23.24
CA ASP B 985 6.45 -11.76 -22.96
C ASP B 985 7.83 -12.40 -22.87
N TRP B 986 8.79 -11.95 -23.68
CA TRP B 986 10.14 -12.49 -23.57
C TRP B 986 10.72 -12.21 -22.19
N LEU B 987 10.57 -10.97 -21.72
CA LEU B 987 11.07 -10.62 -20.40
C LEU B 987 10.35 -11.41 -19.31
N GLY B 988 9.04 -11.60 -19.47
CA GLY B 988 8.30 -12.39 -18.48
C GLY B 988 8.76 -13.83 -18.42
N GLU B 989 8.95 -14.46 -19.57
CA GLU B 989 9.41 -15.85 -19.59
C GLU B 989 10.82 -15.96 -19.03
N SER B 990 11.70 -15.02 -19.37
CA SER B 990 13.05 -15.05 -18.84
C SER B 990 13.06 -14.92 -17.33
N ALA B 991 12.26 -14.00 -16.78
CA ALA B 991 12.20 -13.83 -15.34
C ALA B 991 11.63 -15.07 -14.65
N LYS B 992 10.61 -15.68 -15.25
CA LYS B 992 10.04 -16.89 -14.67
C LYS B 992 11.07 -18.02 -14.65
N ARG B 993 11.84 -18.17 -15.72
CA ARG B 993 12.85 -19.23 -15.76
C ARG B 993 13.98 -18.96 -14.77
N ILE B 994 14.41 -17.71 -14.65
CA ILE B 994 15.49 -17.40 -13.72
C ILE B 994 15.03 -17.63 -12.28
N SER B 995 13.79 -17.25 -11.96
CA SER B 995 13.32 -17.32 -10.58
C SER B 995 13.18 -18.75 -10.07
N LYS B 996 13.25 -19.76 -10.94
CA LYS B 996 13.12 -21.15 -10.55
C LYS B 996 14.42 -21.93 -10.81
N SER B 997 15.55 -21.24 -10.82
CA SER B 997 16.83 -21.88 -11.08
C SER B 997 17.62 -22.03 -9.80
N ILE B 998 18.52 -23.01 -9.79
CA ILE B 998 19.34 -23.33 -8.63
C ILE B 998 20.79 -23.41 -9.10
N ARG B 999 21.68 -22.73 -8.40
CA ARG B 999 23.08 -22.87 -8.75
C ARG B 999 23.70 -24.03 -7.98
N LEU B 1000 24.85 -24.49 -8.46
CA LEU B 1000 25.48 -25.68 -7.89
C LEU B 1000 26.14 -25.38 -6.55
N ASP B 1001 26.60 -24.15 -6.34
CA ASP B 1001 27.28 -23.82 -5.10
C ASP B 1001 26.31 -23.68 -3.93
N VAL B 1002 25.16 -23.03 -4.14
CA VAL B 1002 24.19 -22.88 -3.06
C VAL B 1002 23.67 -24.24 -2.60
N ASP B 1003 23.41 -25.14 -3.54
CA ASP B 1003 23.01 -26.49 -3.16
C ASP B 1003 24.25 -27.32 -2.86
N GLU B 1004 25.11 -26.78 -1.99
CA GLU B 1004 26.32 -27.51 -1.60
C GLU B 1004 25.96 -28.75 -0.79
N LYS B 1005 25.14 -28.57 0.25
CA LYS B 1005 24.68 -29.68 1.07
C LYS B 1005 23.19 -29.52 1.30
N SER B 1006 22.47 -30.64 1.20
CA SER B 1006 21.03 -30.61 1.37
C SER B 1006 20.67 -30.05 2.74
N PHE B 1007 19.71 -29.12 2.76
CA PHE B 1007 19.24 -28.54 4.00
C PHE B 1007 18.43 -29.53 4.82
N LYS B 1008 18.04 -30.65 4.24
CA LYS B 1008 17.25 -31.70 4.88
C LYS B 1008 15.84 -31.23 5.26
N ASN B 1009 15.47 -30.00 4.89
CA ASN B 1009 14.11 -29.54 5.11
C ASN B 1009 13.13 -30.26 4.21
N GLY B 1010 13.56 -30.59 2.99
CA GLY B 1010 12.72 -31.33 2.05
C GLY B 1010 13.52 -31.70 0.83
N ASN B 1011 12.94 -32.60 0.03
CA ASN B 1011 13.58 -33.00 -1.22
C ASN B 1011 13.70 -31.82 -2.17
N LYS B 1012 12.66 -31.01 -2.28
CA LYS B 1012 12.74 -29.81 -3.09
C LYS B 1012 13.60 -28.76 -2.40
N PRO B 1013 14.46 -28.06 -3.14
CA PRO B 1013 15.29 -27.02 -2.53
C PRO B 1013 14.63 -25.65 -2.65
N ASP B 1014 15.27 -24.68 -2.01
CA ASP B 1014 14.80 -23.30 -2.08
C ASP B 1014 15.45 -22.60 -3.28
N PHE B 1015 14.72 -21.63 -3.82
CA PHE B 1015 15.20 -20.83 -4.94
C PHE B 1015 15.64 -19.47 -4.41
N MET B 1016 16.89 -19.12 -4.66
CA MET B 1016 17.47 -17.90 -4.10
C MET B 1016 18.11 -17.02 -5.17
N SER B 1017 17.78 -17.23 -6.44
CA SER B 1017 18.37 -16.50 -7.55
C SER B 1017 17.41 -15.41 -7.99
N SER B 1018 17.89 -14.17 -7.99
CA SER B 1018 17.09 -13.03 -8.43
C SER B 1018 17.46 -12.67 -9.87
N VAL B 1019 16.83 -11.61 -10.39
CA VAL B 1019 17.09 -11.12 -11.73
C VAL B 1019 18.00 -9.90 -11.63
N ILE B 1020 19.16 -9.97 -12.28
CA ILE B 1020 20.16 -8.92 -12.21
C ILE B 1020 20.63 -8.60 -13.63
N TRP B 1021 20.73 -7.32 -13.94
CA TRP B 1021 21.32 -6.88 -15.20
C TRP B 1021 22.03 -5.55 -14.96
N THR B 1022 22.66 -5.02 -16.00
CA THR B 1022 23.45 -3.81 -15.90
C THR B 1022 22.91 -2.74 -16.83
N THR B 1023 22.86 -1.51 -16.33
CA THR B 1023 22.46 -0.37 -17.12
C THR B 1023 23.48 -0.12 -18.23
N PRO B 1024 23.05 0.40 -19.40
CA PRO B 1024 24.02 0.81 -20.42
C PRO B 1024 25.05 1.82 -19.92
N LEU B 1025 24.84 2.36 -18.71
CA LEU B 1025 25.78 3.27 -18.08
C LEU B 1025 26.63 2.58 -17.02
N GLY B 1026 26.54 1.25 -16.91
CA GLY B 1026 27.35 0.49 -15.99
C GLY B 1026 26.71 0.18 -14.65
N LEU B 1027 25.62 0.86 -14.31
CA LEU B 1027 24.99 0.66 -13.02
C LEU B 1027 24.37 -0.73 -12.93
N PRO B 1028 24.49 -1.42 -11.79
CA PRO B 1028 23.83 -2.71 -11.62
C PRO B 1028 22.45 -2.58 -11.00
N ILE B 1029 21.53 -3.40 -11.50
CA ILE B 1029 20.13 -3.34 -11.07
C ILE B 1029 19.75 -4.71 -10.52
N VAL B 1030 19.55 -4.77 -9.21
CA VAL B 1030 19.17 -6.01 -8.52
C VAL B 1030 17.75 -5.83 -8.02
N GLN B 1031 16.87 -6.74 -8.39
CA GLN B 1031 15.48 -6.67 -7.96
C GLN B 1031 15.35 -7.21 -6.54
N PRO B 1032 14.95 -6.39 -5.57
CA PRO B 1032 14.94 -6.82 -4.16
C PRO B 1032 13.63 -7.43 -3.71
N TYR B 1033 13.18 -8.45 -4.42
CA TYR B 1033 11.90 -9.10 -4.12
C TYR B 1033 12.19 -10.46 -3.49
N ARG B 1034 11.97 -10.57 -2.19
CA ARG B 1034 12.20 -11.79 -1.45
C ARG B 1034 11.06 -11.98 -0.45
N GLU B 1035 10.85 -13.24 -0.06
CA GLU B 1035 9.79 -13.55 0.90
C GLU B 1035 10.10 -12.94 2.26
N GLU B 1036 9.05 -12.53 2.95
CA GLU B 1036 9.20 -11.82 4.21
C GLU B 1036 9.61 -12.75 5.34
N SER B 1037 10.46 -12.27 6.22
CA SER B 1037 10.96 -13.01 7.38
C SER B 1037 10.71 -12.21 8.66
N LYS B 1038 9.48 -11.72 8.82
CA LYS B 1038 9.15 -10.86 9.94
C LYS B 1038 9.03 -11.66 11.22
N LYS B 1039 9.16 -10.94 12.34
CA LYS B 1039 9.02 -11.54 13.66
C LYS B 1039 8.57 -10.47 14.64
N GLN B 1040 8.05 -10.91 15.78
CA GLN B 1040 7.51 -9.97 16.80
C GLN B 1040 8.57 -9.73 17.87
N VAL B 1041 8.97 -8.48 18.05
CA VAL B 1041 9.93 -8.07 19.07
C VAL B 1041 9.20 -7.19 20.07
N GLU B 1042 9.41 -7.47 21.36
CA GLU B 1042 8.67 -6.80 22.42
C GLU B 1042 9.21 -5.40 22.67
N THR B 1043 8.31 -4.47 22.94
CA THR B 1043 8.64 -3.10 23.32
C THR B 1043 7.85 -2.74 24.57
N ASN B 1044 8.01 -1.50 25.03
CA ASN B 1044 7.27 -1.05 26.21
C ASN B 1044 5.79 -0.89 25.92
N LEU B 1045 5.44 -0.49 24.69
CA LEU B 1045 4.03 -0.35 24.33
C LEU B 1045 3.43 -1.70 23.95
N GLN B 1046 3.97 -2.35 22.93
CA GLN B 1046 3.40 -3.56 22.38
C GLN B 1046 4.53 -4.43 21.87
N THR B 1047 4.19 -5.46 21.08
CA THR B 1047 5.16 -6.30 20.39
C THR B 1047 5.03 -6.03 18.90
N VAL B 1048 6.02 -5.37 18.33
CA VAL B 1048 5.96 -4.91 16.95
C VAL B 1048 6.43 -6.01 16.00
N PHE B 1049 5.81 -6.08 14.84
CA PHE B 1049 6.05 -7.11 13.84
C PHE B 1049 6.95 -6.52 12.75
N ILE B 1050 8.25 -6.75 12.87
CA ILE B 1050 9.21 -6.13 11.96
C ILE B 1050 10.12 -7.20 11.36
N SER B 1051 10.79 -6.83 10.28
CA SER B 1051 11.62 -7.73 9.51
C SER B 1051 13.08 -7.67 9.97
N ASP B 1052 13.88 -8.58 9.43
CA ASP B 1052 15.32 -8.61 9.69
C ASP B 1052 16.05 -8.19 8.41
N PRO B 1053 16.70 -7.01 8.40
CA PRO B 1053 17.35 -6.57 7.16
C PRO B 1053 18.44 -7.51 6.67
N PHE B 1054 19.15 -8.18 7.58
CA PHE B 1054 20.25 -9.05 7.19
C PHE B 1054 19.79 -10.40 6.67
N ALA B 1055 18.53 -10.76 6.86
CA ALA B 1055 18.06 -12.08 6.44
C ALA B 1055 18.03 -12.18 4.92
N VAL B 1056 18.47 -13.31 4.41
CA VAL B 1056 18.32 -13.69 3.01
C VAL B 1056 17.24 -14.75 2.91
N ASN B 1057 16.30 -14.54 2.02
CA ASN B 1057 15.10 -15.35 1.90
C ASN B 1057 14.90 -15.75 0.45
N PRO B 1058 14.17 -16.84 0.21
CA PRO B 1058 13.87 -17.22 -1.17
C PRO B 1058 13.13 -16.10 -1.90
N VAL B 1059 13.43 -15.96 -3.19
CA VAL B 1059 12.90 -14.85 -3.95
C VAL B 1059 11.38 -14.99 -4.11
N ASN B 1060 10.72 -13.85 -4.29
CA ASN B 1060 9.29 -13.80 -4.56
C ASN B 1060 9.10 -14.03 -6.05
N ALA B 1061 8.76 -15.27 -6.41
CA ALA B 1061 8.62 -15.61 -7.83
C ALA B 1061 7.45 -14.91 -8.49
N ARG B 1062 6.56 -14.29 -7.71
CA ARG B 1062 5.46 -13.54 -8.30
C ARG B 1062 5.89 -12.13 -8.70
N ARG B 1063 6.69 -11.47 -7.86
CA ARG B 1063 7.13 -10.11 -8.13
C ARG B 1063 8.37 -10.04 -9.01
N GLN B 1064 9.12 -11.12 -9.15
CA GLN B 1064 10.24 -11.10 -10.07
C GLN B 1064 9.77 -11.16 -11.52
N LYS B 1065 8.70 -11.90 -11.78
CA LYS B 1065 8.11 -11.98 -13.11
C LYS B 1065 7.31 -10.75 -13.48
N ALA B 1066 6.81 -10.01 -12.49
CA ALA B 1066 5.97 -8.84 -12.74
C ALA B 1066 6.74 -7.53 -12.77
N GLY B 1067 7.94 -7.49 -12.21
CA GLY B 1067 8.68 -6.25 -12.14
C GLY B 1067 9.67 -6.02 -13.25
N LEU B 1068 10.03 -7.07 -13.98
CA LEU B 1068 11.05 -6.92 -15.02
C LEU B 1068 10.59 -6.05 -16.17
N PRO B 1069 9.41 -6.24 -16.77
CA PRO B 1069 9.01 -5.39 -17.91
C PRO B 1069 8.98 -3.91 -17.58
N PRO B 1070 8.49 -3.50 -16.37
CA PRO B 1070 8.56 -2.06 -16.05
C PRO B 1070 9.95 -1.61 -15.65
N ASN B 1071 10.67 -2.44 -14.90
CA ASN B 1071 11.97 -2.02 -14.37
C ASN B 1071 12.98 -1.81 -15.50
N PHE B 1072 12.96 -2.68 -16.51
CA PHE B 1072 13.90 -2.53 -17.62
C PHE B 1072 13.69 -1.22 -18.35
N ILE B 1073 12.44 -0.89 -18.66
CA ILE B 1073 12.15 0.32 -19.42
C ILE B 1073 12.43 1.56 -18.58
N HIS B 1074 12.10 1.53 -17.30
CA HIS B 1074 12.39 2.68 -16.46
C HIS B 1074 13.90 2.90 -16.31
N SER B 1075 14.67 1.81 -16.25
CA SER B 1075 16.12 1.96 -16.22
C SER B 1075 16.64 2.54 -17.53
N LEU B 1076 16.07 2.12 -18.67
CA LEU B 1076 16.47 2.70 -19.95
C LEU B 1076 16.21 4.21 -19.98
N ASP B 1077 15.01 4.61 -19.53
CA ASP B 1077 14.67 6.02 -19.50
C ASP B 1077 15.60 6.80 -18.58
N ALA B 1078 15.92 6.24 -17.41
CA ALA B 1078 16.83 6.91 -16.49
C ALA B 1078 18.21 7.06 -17.11
N SER B 1079 18.70 6.03 -17.80
CA SER B 1079 20.01 6.12 -18.44
C SER B 1079 20.02 7.21 -19.51
N HIS B 1080 18.96 7.29 -20.31
CA HIS B 1080 18.87 8.33 -21.32
C HIS B 1080 18.89 9.71 -20.66
N MET B 1081 18.14 9.87 -19.57
CA MET B 1081 18.13 11.15 -18.88
C MET B 1081 19.51 11.51 -18.36
N LEU B 1082 20.22 10.54 -17.79
CA LEU B 1082 21.54 10.83 -17.24
C LEU B 1082 22.53 11.22 -18.34
N LEU B 1083 22.50 10.52 -19.48
CA LEU B 1083 23.37 10.87 -20.59
C LEU B 1083 23.09 12.29 -21.08
N SER B 1084 21.81 12.59 -21.31
CA SER B 1084 21.45 13.91 -21.81
C SER B 1084 21.84 14.99 -20.81
N ALA B 1085 21.62 14.74 -19.52
CA ALA B 1085 21.98 15.72 -18.50
C ALA B 1085 23.48 15.98 -18.50
N ALA B 1086 24.29 14.92 -18.58
CA ALA B 1086 25.74 15.11 -18.58
C ALA B 1086 26.18 15.93 -19.78
N GLU B 1087 25.67 15.61 -20.97
CA GLU B 1087 26.09 16.34 -22.16
C GLU B 1087 25.66 17.80 -22.10
N CYS B 1088 24.41 18.06 -21.68
CA CYS B 1088 23.93 19.44 -21.58
C CYS B 1088 24.73 20.21 -20.55
N GLY B 1089 25.07 19.58 -19.43
CA GLY B 1089 25.89 20.26 -18.43
C GLY B 1089 27.27 20.61 -18.96
N LYS B 1090 27.86 19.71 -19.74
CA LYS B 1090 29.15 20.04 -20.35
C LYS B 1090 29.02 21.19 -21.34
N GLN B 1091 27.91 21.24 -22.09
CA GLN B 1091 27.71 22.30 -23.06
C GLN B 1091 27.35 23.64 -22.40
N GLY B 1092 27.11 23.67 -21.10
CA GLY B 1092 26.94 24.91 -20.38
C GLY B 1092 25.52 25.30 -20.03
N LEU B 1093 24.53 24.45 -20.34
CA LEU B 1093 23.15 24.80 -20.06
C LEU B 1093 22.82 24.57 -18.59
N ASP B 1094 21.74 25.22 -18.15
CA ASP B 1094 21.13 24.92 -16.86
C ASP B 1094 20.08 23.85 -17.06
N PHE B 1095 20.24 22.72 -16.39
CA PHE B 1095 19.44 21.53 -16.66
C PHE B 1095 18.72 21.07 -15.41
N ALA B 1096 17.51 20.56 -15.61
CA ALA B 1096 16.71 19.96 -14.54
C ALA B 1096 15.68 19.07 -15.19
N SER B 1097 15.58 17.82 -14.73
CA SER B 1097 14.76 16.83 -15.40
C SER B 1097 13.71 16.27 -14.44
N VAL B 1098 12.56 15.92 -14.99
CA VAL B 1098 11.49 15.24 -14.27
C VAL B 1098 11.13 14.01 -15.11
N HIS B 1099 11.85 12.90 -14.87
CA HIS B 1099 11.58 11.61 -15.57
C HIS B 1099 11.74 11.88 -17.07
N ASP B 1100 10.64 11.87 -17.82
CA ASP B 1100 10.71 12.12 -19.28
C ASP B 1100 10.62 13.62 -19.62
N SER B 1101 10.48 14.50 -18.62
CA SER B 1101 10.40 15.93 -18.88
C SER B 1101 11.71 16.61 -18.51
N TYR B 1102 12.31 17.32 -19.47
CA TYR B 1102 13.61 18.00 -19.26
C TYR B 1102 13.41 19.51 -19.36
N TRP B 1103 13.87 20.26 -18.36
CA TRP B 1103 13.70 21.71 -18.30
C TRP B 1103 15.00 22.40 -18.65
N THR B 1104 14.89 23.60 -19.22
CA THR B 1104 16.03 24.46 -19.48
C THR B 1104 15.53 25.87 -19.72
N HIS B 1105 16.46 26.79 -19.91
CA HIS B 1105 16.11 28.18 -20.18
C HIS B 1105 15.40 28.30 -21.52
N ALA B 1106 14.60 29.36 -21.67
CA ALA B 1106 13.84 29.55 -22.89
C ALA B 1106 14.73 29.75 -24.10
N SER B 1107 16.00 30.11 -23.91
CA SER B 1107 16.93 30.38 -24.99
C SER B 1107 17.81 29.19 -25.34
N ASP B 1108 17.70 28.07 -24.61
CA ASP B 1108 18.56 26.91 -24.82
C ASP B 1108 17.79 25.70 -25.32
N ILE B 1109 16.57 25.89 -25.82
CA ILE B 1109 15.72 24.76 -26.17
C ILE B 1109 16.24 24.03 -27.40
N ASP B 1110 16.72 24.77 -28.40
CA ASP B 1110 17.18 24.13 -29.63
C ASP B 1110 18.41 23.26 -29.37
N THR B 1111 19.39 23.80 -28.65
CA THR B 1111 20.57 23.02 -28.30
C THR B 1111 20.21 21.81 -27.46
N MET B 1112 19.29 21.98 -26.51
CA MET B 1112 18.86 20.87 -25.68
C MET B 1112 18.18 19.79 -26.52
N ASN B 1113 17.36 20.19 -27.49
CA ASN B 1113 16.71 19.22 -28.36
C ASN B 1113 17.73 18.43 -29.18
N VAL B 1114 18.73 19.13 -29.72
CA VAL B 1114 19.78 18.43 -30.47
C VAL B 1114 20.48 17.42 -29.57
N VAL B 1115 20.77 17.82 -28.33
CA VAL B 1115 21.42 16.91 -27.39
C VAL B 1115 20.52 15.71 -27.10
N LEU B 1116 19.21 15.94 -26.92
CA LEU B 1116 18.27 14.83 -26.65
C LEU B 1116 18.36 13.82 -27.79
N ARG B 1117 18.21 14.27 -29.04
CA ARG B 1117 18.21 13.33 -30.15
C ARG B 1117 19.54 12.60 -30.27
N GLU B 1118 20.66 13.33 -30.08
CA GLU B 1118 21.96 12.70 -30.17
C GLU B 1118 22.15 11.62 -29.11
N GLN B 1119 21.73 11.90 -27.87
CA GLN B 1119 21.91 10.92 -26.80
C GLN B 1119 20.97 9.74 -26.95
N PHE B 1120 19.74 9.95 -27.44
CA PHE B 1120 18.87 8.82 -27.70
C PHE B 1120 19.45 7.92 -28.80
N ILE B 1121 20.02 8.52 -29.84
CA ILE B 1121 20.65 7.75 -30.90
C ILE B 1121 21.84 6.96 -30.34
N LYS B 1122 22.65 7.61 -29.49
CA LYS B 1122 23.78 6.91 -28.90
C LYS B 1122 23.32 5.75 -28.02
N LEU B 1123 22.26 5.95 -27.25
CA LEU B 1123 21.77 4.89 -26.36
C LEU B 1123 21.24 3.71 -27.15
N HIS B 1124 20.43 3.96 -28.17
CA HIS B 1124 19.70 2.90 -28.84
C HIS B 1124 20.32 2.44 -30.16
N GLU B 1125 21.55 2.87 -30.46
CA GLU B 1125 22.18 2.39 -31.69
C GLU B 1125 22.60 0.93 -31.58
N VAL B 1126 23.02 0.50 -30.39
CA VAL B 1126 23.41 -0.88 -30.16
C VAL B 1126 22.18 -1.68 -29.75
N ASP B 1127 22.11 -2.93 -30.19
CA ASP B 1127 21.00 -3.78 -29.82
C ASP B 1127 21.04 -4.07 -28.32
N LEU B 1128 19.91 -3.83 -27.65
CA LEU B 1128 19.86 -3.97 -26.20
C LEU B 1128 19.17 -5.25 -25.74
N VAL B 1129 18.17 -5.74 -26.48
CA VAL B 1129 17.57 -7.01 -26.14
C VAL B 1129 18.59 -8.14 -26.30
N LEU B 1130 19.33 -8.13 -27.40
CA LEU B 1130 20.35 -9.15 -27.63
C LEU B 1130 21.48 -9.03 -26.61
N ARG B 1131 21.86 -7.80 -26.26
CA ARG B 1131 22.89 -7.61 -25.25
C ARG B 1131 22.44 -8.12 -23.89
N LEU B 1132 21.17 -7.88 -23.55
CA LEU B 1132 20.62 -8.42 -22.30
C LEU B 1132 20.60 -9.93 -22.32
N LYS B 1133 20.23 -10.53 -23.46
CA LYS B 1133 20.23 -11.98 -23.57
C LYS B 1133 21.63 -12.56 -23.38
N GLU B 1134 22.64 -11.95 -24.01
CA GLU B 1134 24.01 -12.41 -23.84
C GLU B 1134 24.46 -12.24 -22.39
N GLU B 1135 24.10 -11.13 -21.75
CA GLU B 1135 24.50 -10.91 -20.37
C GLU B 1135 23.86 -11.93 -19.44
N PHE B 1136 22.58 -12.23 -19.63
CA PHE B 1136 21.93 -13.27 -18.84
C PHE B 1136 22.60 -14.62 -19.06
N ASP B 1137 22.92 -14.94 -20.32
CA ASP B 1137 23.54 -16.22 -20.63
C ASP B 1137 24.90 -16.35 -19.95
N GLN B 1138 25.69 -15.28 -19.95
CA GLN B 1138 27.00 -15.33 -19.31
C GLN B 1138 26.94 -15.11 -17.80
N ARG B 1139 25.80 -14.72 -17.26
CA ARG B 1139 25.64 -14.60 -15.81
C ARG B 1139 25.05 -15.84 -15.16
N TYR B 1140 24.33 -16.66 -15.91
CA TYR B 1140 23.68 -17.83 -15.34
C TYR B 1140 24.11 -19.10 -16.05
N LYS B 1141 25.42 -19.29 -16.23
CA LYS B 1141 25.92 -20.44 -16.97
C LYS B 1141 25.55 -21.75 -16.28
N ASN B 1142 26.08 -21.97 -15.08
CA ASN B 1142 25.88 -23.23 -14.37
C ASN B 1142 24.72 -23.11 -13.39
N TYR B 1143 23.53 -22.98 -13.98
CA TYR B 1143 22.28 -22.94 -13.24
C TYR B 1143 21.37 -24.02 -13.79
N VAL B 1144 20.63 -24.68 -12.90
CA VAL B 1144 19.85 -25.87 -13.24
C VAL B 1144 18.41 -25.64 -12.81
N LYS B 1145 17.47 -25.95 -13.69
CA LYS B 1145 16.06 -26.00 -13.36
C LYS B 1145 15.65 -27.44 -13.07
N ILE B 1146 14.45 -27.60 -12.51
CA ILE B 1146 13.90 -28.91 -12.20
C ILE B 1146 12.59 -29.08 -12.96
N GLY B 1147 12.43 -30.20 -13.65
CA GLY B 1147 11.23 -30.47 -14.41
C GLY B 1147 10.81 -31.92 -14.32
N LYS B 1148 9.98 -32.36 -15.27
CA LYS B 1148 9.49 -33.73 -15.27
C LYS B 1148 9.56 -34.29 -16.68
N LEU B 1149 9.66 -35.62 -16.77
CA LEU B 1149 9.69 -36.32 -18.04
C LEU B 1149 9.12 -37.71 -17.85
N LYS B 1150 8.68 -38.30 -18.96
CA LYS B 1150 8.10 -39.63 -18.94
C LYS B 1150 9.14 -40.67 -18.54
N ARG B 1151 8.73 -41.60 -17.66
CA ARG B 1151 9.66 -42.64 -17.21
C ARG B 1151 10.04 -43.59 -18.33
N SER B 1152 9.27 -43.62 -19.42
CA SER B 1152 9.58 -44.49 -20.55
C SER B 1152 10.20 -43.73 -21.72
N THR B 1153 10.24 -42.41 -21.68
CA THR B 1153 10.96 -41.64 -22.70
C THR B 1153 12.44 -41.98 -22.65
N ASP B 1154 13.03 -42.22 -23.83
CA ASP B 1154 14.40 -42.73 -23.88
C ASP B 1154 15.38 -41.72 -23.29
N LEU B 1155 15.17 -40.43 -23.53
CA LEU B 1155 16.04 -39.42 -22.95
C LEU B 1155 15.99 -39.46 -21.43
N ALA B 1156 14.79 -39.56 -20.86
CA ALA B 1156 14.66 -39.67 -19.41
C ALA B 1156 15.04 -41.07 -18.92
N GLN B 1157 14.91 -42.08 -19.77
CA GLN B 1157 15.23 -43.45 -19.38
C GLN B 1157 16.70 -43.59 -19.01
N LYS B 1158 17.58 -42.93 -19.76
CA LYS B 1158 19.02 -43.10 -19.57
C LYS B 1158 19.46 -42.61 -18.19
N ILE B 1159 18.79 -41.59 -17.65
CA ILE B 1159 19.15 -41.10 -16.32
C ILE B 1159 18.84 -42.15 -15.26
N ILE B 1160 17.77 -42.92 -15.44
CA ILE B 1160 17.46 -43.98 -14.49
C ILE B 1160 18.60 -44.99 -14.41
N ARG B 1161 19.25 -45.26 -15.56
CA ARG B 1161 20.45 -46.08 -15.53
C ARG B 1161 21.54 -45.43 -14.69
N ILE B 1162 21.72 -44.11 -14.84
CA ILE B 1162 22.65 -43.38 -13.98
C ILE B 1162 22.16 -43.39 -12.53
N ARG B 1163 20.84 -43.37 -12.32
CA ARG B 1163 20.30 -43.48 -10.98
C ARG B 1163 20.66 -44.82 -10.34
N LYS B 1164 20.84 -45.85 -11.16
CA LYS B 1164 21.21 -47.17 -10.65
C LYS B 1164 22.69 -47.28 -10.33
N ASP B 1165 23.54 -46.40 -10.90
CA ASP B 1165 24.98 -46.51 -10.68
C ASP B 1165 25.37 -46.24 -9.23
N LEU B 1166 24.73 -45.24 -8.61
CA LEU B 1166 25.09 -44.86 -7.25
C LEU B 1166 24.65 -45.89 -6.21
N SER B 1167 23.86 -46.89 -6.61
CA SER B 1167 23.36 -47.88 -5.65
C SER B 1167 24.49 -48.71 -5.06
N ARG B 1168 25.62 -48.82 -5.77
CA ARG B 1168 26.75 -49.60 -5.29
C ARG B 1168 27.86 -48.72 -4.72
N LYS B 1169 28.37 -47.78 -5.51
CA LYS B 1169 29.48 -46.95 -5.06
C LYS B 1169 29.08 -46.07 -3.89
N LEU B 1170 27.98 -45.34 -4.02
CA LEU B 1170 27.48 -44.54 -2.91
C LEU B 1170 26.80 -45.40 -1.85
N GLY B 1171 26.27 -46.56 -2.26
CA GLY B 1171 25.57 -47.45 -1.34
C GLY B 1171 24.11 -47.13 -1.12
N ARG B 1172 23.60 -46.06 -1.74
CA ARG B 1172 22.21 -45.67 -1.57
C ARG B 1172 21.67 -45.19 -2.91
N SER B 1173 20.35 -45.10 -3.01
CA SER B 1173 19.71 -44.66 -4.23
C SER B 1173 20.07 -43.20 -4.52
N THR B 1174 20.25 -42.90 -5.81
CA THR B 1174 20.60 -41.54 -6.20
C THR B 1174 19.43 -40.59 -5.92
N THR B 1175 19.77 -39.38 -5.49
CA THR B 1175 18.78 -38.38 -5.14
C THR B 1175 19.12 -37.06 -5.83
N LEU B 1176 18.19 -36.12 -5.73
CA LEU B 1176 18.33 -34.85 -6.44
C LEU B 1176 19.55 -34.08 -5.95
N ALA B 1177 19.72 -33.97 -4.63
CA ALA B 1177 20.83 -33.21 -4.07
C ALA B 1177 22.17 -33.83 -4.45
N ASP B 1178 22.28 -35.15 -4.38
CA ASP B 1178 23.52 -35.82 -4.75
C ASP B 1178 23.81 -35.63 -6.24
N GLU B 1179 22.78 -35.73 -7.09
CA GLU B 1179 23.00 -35.53 -8.52
C GLU B 1179 23.47 -34.12 -8.82
N ILE B 1180 22.92 -33.13 -8.12
CA ILE B 1180 23.39 -31.75 -8.30
C ILE B 1180 24.82 -31.61 -7.80
N TYR B 1181 25.12 -32.19 -6.63
CA TYR B 1181 26.44 -32.07 -6.03
C TYR B 1181 27.52 -32.73 -6.89
N PHE B 1182 27.15 -33.74 -7.67
CA PHE B 1182 28.12 -34.39 -8.54
C PHE B 1182 28.70 -33.41 -9.55
N GLU B 1183 27.85 -32.60 -10.17
CA GLU B 1183 28.31 -31.69 -11.21
C GLU B 1183 29.08 -30.50 -10.65
N LYS B 1184 28.95 -30.22 -9.35
CA LYS B 1184 29.64 -29.08 -8.77
C LYS B 1184 31.15 -29.23 -8.87
N LYS B 1185 31.67 -30.42 -8.56
CA LYS B 1185 33.11 -30.63 -8.62
C LYS B 1185 33.61 -30.76 -10.05
N ARG B 1186 32.77 -31.27 -10.95
CA ARG B 1186 33.20 -31.43 -12.34
C ARG B 1186 33.48 -30.08 -12.99
N GLN B 1187 32.78 -29.03 -12.58
CA GLN B 1187 33.08 -27.70 -13.10
C GLN B 1187 34.47 -27.26 -12.69
N GLU B 1188 34.88 -27.58 -11.45
CA GLU B 1188 36.26 -27.34 -11.06
C GLU B 1188 37.21 -28.18 -11.89
N LEU B 1189 36.83 -29.42 -12.19
CA LEU B 1189 37.66 -30.29 -13.02
C LEU B 1189 37.80 -29.73 -14.44
N LEU B 1190 36.72 -29.20 -15.00
CA LEU B 1190 36.78 -28.64 -16.35
C LEU B 1190 37.68 -27.41 -16.40
N ASN B 1191 37.63 -26.57 -15.36
CA ASN B 1191 38.41 -25.35 -15.32
C ASN B 1191 39.77 -25.53 -14.68
N SER B 1192 40.20 -26.77 -14.44
CA SER B 1192 41.54 -27.01 -13.95
C SER B 1192 42.56 -26.60 -15.01
N PRO B 1193 43.52 -25.74 -14.69
CA PRO B 1193 44.45 -25.25 -15.72
C PRO B 1193 45.27 -26.35 -16.37
N LEU B 1194 45.53 -27.45 -15.67
CA LEU B 1194 46.27 -28.55 -16.26
C LEU B 1194 45.43 -29.27 -17.31
N ILE B 1195 46.02 -29.49 -18.49
CA ILE B 1195 45.31 -30.20 -19.55
C ILE B 1195 45.11 -31.67 -19.18
N GLU B 1196 46.10 -32.27 -18.52
CA GLU B 1196 45.97 -33.64 -18.07
C GLU B 1196 44.85 -33.78 -17.05
N ASP B 1197 44.73 -32.81 -16.14
CA ASP B 1197 43.64 -32.83 -15.16
C ASP B 1197 42.30 -32.63 -15.83
N ARG B 1198 42.26 -31.88 -16.94
CA ARG B 1198 41.00 -31.69 -17.66
C ARG B 1198 40.48 -33.01 -18.22
N ASN B 1199 41.37 -33.84 -18.77
CA ASN B 1199 40.94 -35.14 -19.28
C ASN B 1199 40.42 -36.04 -18.17
N VAL B 1200 40.91 -35.84 -16.93
CA VAL B 1200 40.43 -36.65 -15.81
C VAL B 1200 38.95 -36.40 -15.56
N GLY B 1201 38.55 -35.13 -15.59
CA GLY B 1201 37.18 -34.77 -15.25
C GLY B 1201 36.22 -34.68 -16.42
N GLU B 1202 36.71 -34.16 -17.55
CA GLU B 1202 35.83 -33.93 -18.70
C GLU B 1202 35.27 -35.22 -19.29
N LYS B 1203 35.86 -36.37 -18.97
CA LYS B 1203 35.39 -37.63 -19.54
C LYS B 1203 34.07 -38.08 -18.92
N MET B 1204 33.77 -37.63 -17.70
CA MET B 1204 32.57 -38.07 -17.01
C MET B 1204 31.31 -37.55 -17.69
N VAL B 1205 30.26 -38.36 -17.65
CA VAL B 1205 28.95 -38.00 -18.18
C VAL B 1205 27.98 -38.00 -16.99
N THR B 1206 27.52 -36.81 -16.61
CA THR B 1206 26.56 -36.66 -15.53
C THR B 1206 25.14 -36.60 -16.08
N THR B 1207 24.18 -36.55 -15.16
CA THR B 1207 22.78 -36.48 -15.57
C THR B 1207 22.49 -35.18 -16.33
N VAL B 1208 23.09 -34.08 -15.89
CA VAL B 1208 22.94 -32.82 -16.62
C VAL B 1208 23.66 -32.89 -17.96
N SER B 1209 24.80 -33.58 -18.01
CA SER B 1209 25.63 -33.65 -19.21
C SER B 1209 24.98 -34.45 -20.34
N LEU B 1210 23.90 -35.19 -20.05
CA LEU B 1210 23.17 -35.86 -21.12
C LEU B 1210 22.57 -34.87 -22.11
N PHE B 1211 22.04 -33.76 -21.61
CA PHE B 1211 21.31 -32.81 -22.44
C PHE B 1211 22.22 -32.01 -23.37
N GLU B 1212 23.53 -32.08 -23.19
CA GLU B 1212 24.45 -31.33 -24.05
C GLU B 1212 24.47 -31.85 -25.48
N ASP B 1213 24.02 -33.10 -25.70
CA ASP B 1213 24.03 -33.66 -27.05
C ASP B 1213 22.97 -33.01 -27.92
N ILE B 1214 21.81 -32.69 -27.35
CA ILE B 1214 20.70 -32.12 -28.11
C ILE B 1214 20.42 -30.69 -27.64
N THR B 1215 19.48 -30.03 -28.29
CA THR B 1215 19.07 -28.68 -27.93
C THR B 1215 17.56 -28.50 -27.79
N ASP B 1216 16.76 -29.37 -28.40
CA ASP B 1216 15.29 -29.28 -28.32
C ASP B 1216 14.86 -29.73 -26.93
N LEU B 1217 14.95 -28.81 -25.98
CA LEU B 1217 14.62 -29.09 -24.59
C LEU B 1217 13.15 -28.85 -24.25
N ASP B 1218 12.38 -28.26 -25.18
CA ASP B 1218 11.00 -27.92 -24.87
C ASP B 1218 10.12 -29.16 -24.81
N ALA B 1219 10.36 -30.13 -25.69
CA ALA B 1219 9.52 -31.32 -25.76
C ALA B 1219 10.35 -32.58 -25.55
N MET B 1232 8.76 -39.16 -13.54
CA MET B 1232 9.54 -38.65 -12.41
C MET B 1232 9.90 -37.19 -12.63
N SER B 1233 10.95 -36.73 -11.95
CA SER B 1233 11.47 -35.37 -12.10
C SER B 1233 12.95 -35.43 -12.42
N VAL B 1234 13.38 -34.59 -13.37
CA VAL B 1234 14.76 -34.59 -13.82
C VAL B 1234 15.28 -33.15 -13.82
N LEU B 1235 16.59 -33.03 -13.62
CA LEU B 1235 17.26 -31.75 -13.75
C LEU B 1235 17.41 -31.37 -15.21
N LEU B 1236 17.31 -30.09 -15.51
CA LEU B 1236 17.44 -29.55 -16.84
C LEU B 1236 18.35 -28.33 -16.81
N PRO B 1237 19.00 -28.02 -17.93
CA PRO B 1237 19.81 -26.80 -17.99
C PRO B 1237 18.92 -25.56 -18.04
N LEU B 1238 19.52 -24.43 -17.65
CA LEU B 1238 18.82 -23.14 -17.68
C LEU B 1238 19.01 -22.54 -19.07
N ARG B 1239 18.01 -22.71 -19.93
CA ARG B 1239 18.03 -22.21 -21.29
C ARG B 1239 16.98 -21.12 -21.43
N LEU B 1240 17.41 -19.95 -21.86
CA LEU B 1240 16.52 -18.81 -22.02
C LEU B 1240 16.00 -18.76 -23.45
N PRO B 1241 14.82 -18.19 -23.67
CA PRO B 1241 14.20 -18.25 -25.00
C PRO B 1241 14.93 -17.38 -26.00
N GLU B 1242 14.51 -17.50 -27.26
CA GLU B 1242 15.06 -16.69 -28.34
C GLU B 1242 14.46 -15.30 -28.29
N ILE B 1243 15.28 -14.29 -28.60
CA ILE B 1243 14.84 -12.90 -28.60
C ILE B 1243 13.86 -12.69 -29.75
N PRO B 1244 12.86 -11.84 -29.57
CA PRO B 1244 11.94 -11.53 -30.67
C PRO B 1244 12.71 -10.93 -31.85
N PRO B 1245 12.31 -11.26 -33.08
CA PRO B 1245 13.03 -10.73 -34.24
C PRO B 1245 12.98 -9.20 -34.28
N LYS B 1246 14.10 -8.62 -34.68
CA LYS B 1246 14.24 -7.17 -34.73
C LYS B 1246 13.92 -6.66 -36.14
N GLY B 1247 13.14 -5.59 -36.20
CA GLY B 1247 12.73 -5.02 -37.47
C GLY B 1247 13.82 -4.19 -38.12
N ASP B 1248 13.51 -3.72 -39.33
CA ASP B 1248 14.44 -2.93 -40.14
C ASP B 1248 14.10 -1.45 -39.97
N PHE B 1249 14.50 -0.90 -38.83
CA PHE B 1249 14.24 0.49 -38.48
C PHE B 1249 15.57 1.17 -38.16
N ASP B 1250 15.80 2.32 -38.79
CA ASP B 1250 17.01 3.11 -38.56
C ASP B 1250 16.74 4.12 -37.45
N VAL B 1251 17.57 4.09 -36.40
CA VAL B 1251 17.32 4.97 -35.27
C VAL B 1251 17.73 6.41 -35.54
N THR B 1252 18.65 6.64 -36.48
CA THR B 1252 19.15 7.99 -36.73
C THR B 1252 18.10 8.89 -37.37
N VAL B 1253 17.11 8.33 -38.04
CA VAL B 1253 16.15 9.13 -38.80
C VAL B 1253 15.36 10.07 -37.88
N LEU B 1254 15.36 9.81 -36.58
CA LEU B 1254 14.63 10.69 -35.66
C LEU B 1254 15.38 11.98 -35.35
N ARG B 1255 16.63 12.11 -35.79
CA ARG B 1255 17.40 13.31 -35.45
C ARG B 1255 16.84 14.57 -36.09
N ASN B 1256 15.95 14.45 -37.08
CA ASN B 1256 15.29 15.59 -37.68
C ASN B 1256 13.82 15.70 -37.31
N SER B 1257 13.32 14.84 -36.42
CA SER B 1257 11.93 14.85 -36.01
C SER B 1257 11.75 15.83 -34.85
N GLN B 1258 10.86 16.80 -35.02
CA GLN B 1258 10.68 17.87 -34.04
C GLN B 1258 9.47 17.66 -33.15
N TYR B 1259 8.89 16.46 -33.16
CA TYR B 1259 7.82 16.12 -32.23
C TYR B 1259 8.19 14.93 -31.37
N PHE B 1260 9.45 14.50 -31.40
CA PHE B 1260 9.93 13.46 -30.50
C PHE B 1260 9.80 13.89 -29.05
N PHE B 1261 10.21 15.11 -28.74
CA PHE B 1261 10.06 15.71 -27.42
C PHE B 1261 9.40 17.08 -27.61
N SER B 1262 8.27 17.30 -26.95
CA SER B 1262 7.59 18.59 -27.05
C SER B 1262 6.56 18.79 -25.94
#